data_1PD8
# 
_entry.id   1PD8 
# 
_audit_conform.dict_name       mmcif_pdbx.dic 
_audit_conform.dict_version    5.376 
_audit_conform.dict_location   http://mmcif.pdb.org/dictionaries/ascii/mmcif_pdbx.dic 
# 
loop_
_database_2.database_id 
_database_2.database_code 
_database_2.pdbx_database_accession 
_database_2.pdbx_DOI 
PDB   1PD8         pdb_00001pd8 10.2210/pdb1pd8/pdb 
RCSB  RCSB019247   ?            ?                   
WWPDB D_1000019247 ?            ?                   
# 
loop_
_pdbx_database_related.db_name 
_pdbx_database_related.db_id 
_pdbx_database_related.details 
_pdbx_database_related.content_type 
PDB 1PD9 . unspecified 
PDB 1PDB . unspecified 
# 
_pdbx_database_status.status_code                     REL 
_pdbx_database_status.entry_id                        1PD8 
_pdbx_database_status.recvd_initial_deposition_date   2003-05-19 
_pdbx_database_status.deposit_site                    RCSB 
_pdbx_database_status.process_site                    RCSB 
_pdbx_database_status.SG_entry                        . 
_pdbx_database_status.pdb_format_compatible           Y 
_pdbx_database_status.status_code_mr                  ? 
_pdbx_database_status.status_code_sf                  ? 
_pdbx_database_status.status_code_cs                  ? 
_pdbx_database_status.status_code_nmr_data            ? 
_pdbx_database_status.methods_development_category    ? 
# 
loop_
_audit_author.name 
_audit_author.pdbx_ordinal 
'Cody, V.'     1 
'Luft, J.R.'   2 
'Pangborn, W.' 3 
'Gangjee, A.'  4 
# 
_citation.id                        primary 
_citation.title                     
;Analysis of three crystal structure determinations of a 5-methyl-6-N-methylanilino pyridopyrimidine antifolate complex with human dihydrofolate reductase.
;
_citation.journal_abbrev            'Acta Crystallogr.,Sect.D' 
_citation.journal_volume            59 
_citation.page_first                1603 
_citation.page_last                 1609 
_citation.year                      2003 
_citation.journal_id_ASTM           ABCRE6 
_citation.country                   DK 
_citation.journal_id_ISSN           0907-4449 
_citation.journal_id_CSD            0766 
_citation.book_publisher            ? 
_citation.pdbx_database_id_PubMed   12925791 
_citation.pdbx_database_id_DOI      10.1107/S0907444903014963 
# 
loop_
_citation_author.citation_id 
_citation_author.name 
_citation_author.ordinal 
_citation_author.identifier_ORCID 
primary 'Cody, V.'     1 ? 
primary 'Luft, J.R.'   2 ? 
primary 'Pangborn, W.' 3 ? 
primary 'Gangjee, A.'  4 ? 
# 
_cell.entry_id           1PD8 
_cell.length_a           85.873 
_cell.length_b           85.873 
_cell.length_c           77.637 
_cell.angle_alpha        90.00 
_cell.angle_beta         90.00 
_cell.angle_gamma        120.00 
_cell.Z_PDB              9 
_cell.pdbx_unique_axis   ? 
# 
_symmetry.entry_id                         1PD8 
_symmetry.space_group_name_H-M             'H 3' 
_symmetry.pdbx_full_space_group_name_H-M   ? 
_symmetry.Int_Tables_number                146 
_symmetry.cell_setting                     ? 
# 
loop_
_entity.id 
_entity.type 
_entity.src_method 
_entity.pdbx_description 
_entity.formula_weight 
_entity.pdbx_number_of_molecules 
_entity.pdbx_ec 
_entity.pdbx_mutation 
_entity.pdbx_fragment 
_entity.details 
1 polymer     man 'Dihydrofolate reductase'                                                                  21349.525 1  1.5.1.3 
? ? ? 
2 non-polymer syn 'NADPH DIHYDRO-NICOTINAMIDE-ADENINE-DINUCLEOTIDE PHOSPHATE'                                745.421   1  ?       
? ? ? 
3 non-polymer syn '2,4-DIAMINO-5-METHYL-6-[(3,4,5-TRIMETHOXY-N-METHYLANILINO)METHYL]PYRIDO[2,3-D]PYRIMIDINE' 384.432   1  ?       
? ? ? 
4 water       nat water                                                                                      18.015    67 ?       
? ? ? 
# 
_entity_poly.entity_id                      1 
_entity_poly.type                           'polypeptide(L)' 
_entity_poly.nstd_linkage                   no 
_entity_poly.nstd_monomer                   no 
_entity_poly.pdbx_seq_one_letter_code       
;VGSLNCIVAVSQNMGIGKNGDLPWPPLRNEFRYFQRMTTTSSVEGKQNLVIMGKKTWFSIPEKNRPLKGRINLVLSRELK
EPPQGAHFLSRSLDDALKLTEQPELANKVDMVWIVGGSSVYKEAMNHPGHLKLFVTRIMQDFESDTFFPEIDLEKYKLLP
EYPGVLSDVQEEKGIKYKFEVYEKND
;
_entity_poly.pdbx_seq_one_letter_code_can   
;VGSLNCIVAVSQNMGIGKNGDLPWPPLRNEFRYFQRMTTTSSVEGKQNLVIMGKKTWFSIPEKNRPLKGRINLVLSRELK
EPPQGAHFLSRSLDDALKLTEQPELANKVDMVWIVGGSSVYKEAMNHPGHLKLFVTRIMQDFESDTFFPEIDLEKYKLLP
EYPGVLSDVQEEKGIKYKFEVYEKND
;
_entity_poly.pdbx_strand_id                 A 
_entity_poly.pdbx_target_identifier         ? 
# 
loop_
_entity_poly_seq.entity_id 
_entity_poly_seq.num 
_entity_poly_seq.mon_id 
_entity_poly_seq.hetero 
1 1   VAL n 
1 2   GLY n 
1 3   SER n 
1 4   LEU n 
1 5   ASN n 
1 6   CYS n 
1 7   ILE n 
1 8   VAL n 
1 9   ALA n 
1 10  VAL n 
1 11  SER n 
1 12  GLN n 
1 13  ASN n 
1 14  MET n 
1 15  GLY n 
1 16  ILE n 
1 17  GLY n 
1 18  LYS n 
1 19  ASN n 
1 20  GLY n 
1 21  ASP n 
1 22  LEU n 
1 23  PRO n 
1 24  TRP n 
1 25  PRO n 
1 26  PRO n 
1 27  LEU n 
1 28  ARG n 
1 29  ASN n 
1 30  GLU n 
1 31  PHE n 
1 32  ARG n 
1 33  TYR n 
1 34  PHE n 
1 35  GLN n 
1 36  ARG n 
1 37  MET n 
1 38  THR n 
1 39  THR n 
1 40  THR n 
1 41  SER n 
1 42  SER n 
1 43  VAL n 
1 44  GLU n 
1 45  GLY n 
1 46  LYS n 
1 47  GLN n 
1 48  ASN n 
1 49  LEU n 
1 50  VAL n 
1 51  ILE n 
1 52  MET n 
1 53  GLY n 
1 54  LYS n 
1 55  LYS n 
1 56  THR n 
1 57  TRP n 
1 58  PHE n 
1 59  SER n 
1 60  ILE n 
1 61  PRO n 
1 62  GLU n 
1 63  LYS n 
1 64  ASN n 
1 65  ARG n 
1 66  PRO n 
1 67  LEU n 
1 68  LYS n 
1 69  GLY n 
1 70  ARG n 
1 71  ILE n 
1 72  ASN n 
1 73  LEU n 
1 74  VAL n 
1 75  LEU n 
1 76  SER n 
1 77  ARG n 
1 78  GLU n 
1 79  LEU n 
1 80  LYS n 
1 81  GLU n 
1 82  PRO n 
1 83  PRO n 
1 84  GLN n 
1 85  GLY n 
1 86  ALA n 
1 87  HIS n 
1 88  PHE n 
1 89  LEU n 
1 90  SER n 
1 91  ARG n 
1 92  SER n 
1 93  LEU n 
1 94  ASP n 
1 95  ASP n 
1 96  ALA n 
1 97  LEU n 
1 98  LYS n 
1 99  LEU n 
1 100 THR n 
1 101 GLU n 
1 102 GLN n 
1 103 PRO n 
1 104 GLU n 
1 105 LEU n 
1 106 ALA n 
1 107 ASN n 
1 108 LYS n 
1 109 VAL n 
1 110 ASP n 
1 111 MET n 
1 112 VAL n 
1 113 TRP n 
1 114 ILE n 
1 115 VAL n 
1 116 GLY n 
1 117 GLY n 
1 118 SER n 
1 119 SER n 
1 120 VAL n 
1 121 TYR n 
1 122 LYS n 
1 123 GLU n 
1 124 ALA n 
1 125 MET n 
1 126 ASN n 
1 127 HIS n 
1 128 PRO n 
1 129 GLY n 
1 130 HIS n 
1 131 LEU n 
1 132 LYS n 
1 133 LEU n 
1 134 PHE n 
1 135 VAL n 
1 136 THR n 
1 137 ARG n 
1 138 ILE n 
1 139 MET n 
1 140 GLN n 
1 141 ASP n 
1 142 PHE n 
1 143 GLU n 
1 144 SER n 
1 145 ASP n 
1 146 THR n 
1 147 PHE n 
1 148 PHE n 
1 149 PRO n 
1 150 GLU n 
1 151 ILE n 
1 152 ASP n 
1 153 LEU n 
1 154 GLU n 
1 155 LYS n 
1 156 TYR n 
1 157 LYS n 
1 158 LEU n 
1 159 LEU n 
1 160 PRO n 
1 161 GLU n 
1 162 TYR n 
1 163 PRO n 
1 164 GLY n 
1 165 VAL n 
1 166 LEU n 
1 167 SER n 
1 168 ASP n 
1 169 VAL n 
1 170 GLN n 
1 171 GLU n 
1 172 GLU n 
1 173 LYS n 
1 174 GLY n 
1 175 ILE n 
1 176 LYS n 
1 177 TYR n 
1 178 LYS n 
1 179 PHE n 
1 180 GLU n 
1 181 VAL n 
1 182 TYR n 
1 183 GLU n 
1 184 LYS n 
1 185 ASN n 
1 186 ASP n 
# 
_entity_src_gen.entity_id                          1 
_entity_src_gen.pdbx_src_id                        1 
_entity_src_gen.pdbx_alt_source_flag               sample 
_entity_src_gen.pdbx_seq_type                      ? 
_entity_src_gen.pdbx_beg_seq_num                   ? 
_entity_src_gen.pdbx_end_seq_num                   ? 
_entity_src_gen.gene_src_common_name               human 
_entity_src_gen.gene_src_genus                     Homo 
_entity_src_gen.pdbx_gene_src_gene                 DHFR 
_entity_src_gen.gene_src_species                   ? 
_entity_src_gen.gene_src_strain                    ? 
_entity_src_gen.gene_src_tissue                    ? 
_entity_src_gen.gene_src_tissue_fraction           ? 
_entity_src_gen.gene_src_details                   ? 
_entity_src_gen.pdbx_gene_src_fragment             ? 
_entity_src_gen.pdbx_gene_src_scientific_name      'Homo sapiens' 
_entity_src_gen.pdbx_gene_src_ncbi_taxonomy_id     9606 
_entity_src_gen.pdbx_gene_src_variant              ? 
_entity_src_gen.pdbx_gene_src_cell_line            ? 
_entity_src_gen.pdbx_gene_src_atcc                 ? 
_entity_src_gen.pdbx_gene_src_organ                ? 
_entity_src_gen.pdbx_gene_src_organelle            ? 
_entity_src_gen.pdbx_gene_src_cell                 ? 
_entity_src_gen.pdbx_gene_src_cellular_location    ? 
_entity_src_gen.host_org_common_name               ? 
_entity_src_gen.pdbx_host_org_scientific_name      'Escherichia coli' 
_entity_src_gen.pdbx_host_org_ncbi_taxonomy_id     562 
_entity_src_gen.host_org_genus                     Escherichia 
_entity_src_gen.pdbx_host_org_gene                 ? 
_entity_src_gen.pdbx_host_org_organ                ? 
_entity_src_gen.host_org_species                   ? 
_entity_src_gen.pdbx_host_org_tissue               ? 
_entity_src_gen.pdbx_host_org_tissue_fraction      ? 
_entity_src_gen.pdbx_host_org_strain               ? 
_entity_src_gen.pdbx_host_org_variant              ? 
_entity_src_gen.pdbx_host_org_cell_line            ? 
_entity_src_gen.pdbx_host_org_atcc                 ? 
_entity_src_gen.pdbx_host_org_culture_collection   ? 
_entity_src_gen.pdbx_host_org_cell                 ? 
_entity_src_gen.pdbx_host_org_organelle            ? 
_entity_src_gen.pdbx_host_org_cellular_location    ? 
_entity_src_gen.pdbx_host_org_vector_type          ? 
_entity_src_gen.pdbx_host_org_vector               ? 
_entity_src_gen.host_org_details                   ? 
_entity_src_gen.expression_system_id               ? 
_entity_src_gen.plasmid_name                       ? 
_entity_src_gen.plasmid_details                    ? 
_entity_src_gen.pdbx_description                   ? 
# 
_struct_ref.id                         1 
_struct_ref.db_name                    UNP 
_struct_ref.db_code                    DYR_HUMAN 
_struct_ref.pdbx_db_accession          P00374 
_struct_ref.entity_id                  1 
_struct_ref.pdbx_seq_one_letter_code   
;VGSLNCIVAVSQNMGIGKNGDLPWPPLRNEFRYFQRMTTTSSVEGKQNLVIMGKKTWFSIPEKNRPLKGRINLVLSRELK
EPPQGAHFLSRSLDDALKLTEQPELANKVDMVWIVGGSSVYKEAMNHPGHLKLFVTRIMQDFESDTFFPEIDLEKYKLLP
EYPGVLSDVQEEKGIKYKFEVYEKND
;
_struct_ref.pdbx_align_begin           1 
_struct_ref.pdbx_db_isoform            ? 
# 
_struct_ref_seq.align_id                      1 
_struct_ref_seq.ref_id                        1 
_struct_ref_seq.pdbx_PDB_id_code              1PD8 
_struct_ref_seq.pdbx_strand_id                A 
_struct_ref_seq.seq_align_beg                 1 
_struct_ref_seq.pdbx_seq_align_beg_ins_code   ? 
_struct_ref_seq.seq_align_end                 186 
_struct_ref_seq.pdbx_seq_align_end_ins_code   ? 
_struct_ref_seq.pdbx_db_accession             P00374 
_struct_ref_seq.db_align_beg                  1 
_struct_ref_seq.pdbx_db_align_beg_ins_code    ? 
_struct_ref_seq.db_align_end                  186 
_struct_ref_seq.pdbx_db_align_end_ins_code    ? 
_struct_ref_seq.pdbx_auth_seq_align_beg       1 
_struct_ref_seq.pdbx_auth_seq_align_end       186 
# 
loop_
_chem_comp.id 
_chem_comp.type 
_chem_comp.mon_nstd_flag 
_chem_comp.name 
_chem_comp.pdbx_synonyms 
_chem_comp.formula 
_chem_comp.formula_weight 
ALA 'L-peptide linking' y ALANINE                                                                                    ? 
'C3 H7 N O2'        89.093  
ARG 'L-peptide linking' y ARGININE                                                                                   ? 
'C6 H15 N4 O2 1'    175.209 
ASN 'L-peptide linking' y ASPARAGINE                                                                                 ? 
'C4 H8 N2 O3'       132.118 
ASP 'L-peptide linking' y 'ASPARTIC ACID'                                                                            ? 
'C4 H7 N O4'        133.103 
CO4 non-polymer         . '2,4-DIAMINO-5-METHYL-6-[(3,4,5-TRIMETHOXY-N-METHYLANILINO)METHYL]PYRIDO[2,3-D]PYRIMIDINE' ? 
'C19 H24 N6 O3'     384.432 
CYS 'L-peptide linking' y CYSTEINE                                                                                   ? 
'C3 H7 N O2 S'      121.158 
GLN 'L-peptide linking' y GLUTAMINE                                                                                  ? 
'C5 H10 N2 O3'      146.144 
GLU 'L-peptide linking' y 'GLUTAMIC ACID'                                                                            ? 
'C5 H9 N O4'        147.129 
GLY 'peptide linking'   y GLYCINE                                                                                    ? 
'C2 H5 N O2'        75.067  
HIS 'L-peptide linking' y HISTIDINE                                                                                  ? 
'C6 H10 N3 O2 1'    156.162 
HOH non-polymer         . WATER                                                                                      ? 'H2 O' 
18.015  
ILE 'L-peptide linking' y ISOLEUCINE                                                                                 ? 
'C6 H13 N O2'       131.173 
LEU 'L-peptide linking' y LEUCINE                                                                                    ? 
'C6 H13 N O2'       131.173 
LYS 'L-peptide linking' y LYSINE                                                                                     ? 
'C6 H15 N2 O2 1'    147.195 
MET 'L-peptide linking' y METHIONINE                                                                                 ? 
'C5 H11 N O2 S'     149.211 
NDP non-polymer         . 'NADPH DIHYDRO-NICOTINAMIDE-ADENINE-DINUCLEOTIDE PHOSPHATE'                                ? 
'C21 H30 N7 O17 P3' 745.421 
PHE 'L-peptide linking' y PHENYLALANINE                                                                              ? 
'C9 H11 N O2'       165.189 
PRO 'L-peptide linking' y PROLINE                                                                                    ? 
'C5 H9 N O2'        115.130 
SER 'L-peptide linking' y SERINE                                                                                     ? 
'C3 H7 N O3'        105.093 
THR 'L-peptide linking' y THREONINE                                                                                  ? 
'C4 H9 N O3'        119.119 
TRP 'L-peptide linking' y TRYPTOPHAN                                                                                 ? 
'C11 H12 N2 O2'     204.225 
TYR 'L-peptide linking' y TYROSINE                                                                                   ? 
'C9 H11 N O3'       181.189 
VAL 'L-peptide linking' y VALINE                                                                                     ? 
'C5 H11 N O2'       117.146 
# 
_exptl.entry_id          1PD8 
_exptl.method            'X-RAY DIFFRACTION' 
_exptl.crystals_number   1 
# 
_exptl_crystal.id                    1 
_exptl_crystal.density_meas          ? 
_exptl_crystal.density_Matthews      2.58 
_exptl_crystal.density_percent_sol   52.31 
_exptl_crystal.description           ? 
# 
_exptl_crystal_grow.crystal_id      1 
_exptl_crystal_grow.method          'VAPOR DIFFUSION, HANGING DROP' 
_exptl_crystal_grow.temp            293 
_exptl_crystal_grow.temp_details    ? 
_exptl_crystal_grow.pH              8.0 
_exptl_crystal_grow.pdbx_details    
'Ammonium sulfate, 0.1 M phosphate buffer, pH 8.0, VAPOR DIFFUSION, HANGING DROP, temperature 293K' 
_exptl_crystal_grow.pdbx_pH_range   . 
# 
_diffrn.id                     1 
_diffrn.ambient_temp           298 
_diffrn.ambient_temp_details   ? 
_diffrn.crystal_id             1 
# 
_diffrn_detector.diffrn_id              1 
_diffrn_detector.detector               'IMAGE PLATE' 
_diffrn_detector.type                   'RIGAKU RAXIS IIC' 
_diffrn_detector.pdbx_collection_date   1994-02-22 
_diffrn_detector.details                mirrors 
# 
_diffrn_radiation.diffrn_id                        1 
_diffrn_radiation.wavelength_id                    1 
_diffrn_radiation.pdbx_monochromatic_or_laue_m_l   M 
_diffrn_radiation.monochromator                    graphite 
_diffrn_radiation.pdbx_diffrn_protocol             'SINGLE WAVELENGTH' 
_diffrn_radiation.pdbx_scattering_type             x-ray 
# 
_diffrn_radiation_wavelength.id           1 
_diffrn_radiation_wavelength.wavelength   1.5418 
_diffrn_radiation_wavelength.wt           1.0 
# 
_diffrn_source.diffrn_id                   1 
_diffrn_source.source                      'ROTATING ANODE' 
_diffrn_source.type                        'RIGAKU RU200' 
_diffrn_source.pdbx_synchrotron_site       ? 
_diffrn_source.pdbx_synchrotron_beamline   ? 
_diffrn_source.pdbx_wavelength             1.5418 
_diffrn_source.pdbx_wavelength_list        ? 
# 
_reflns.entry_id                     1PD8 
_reflns.observed_criterion_sigma_F   2.0 
_reflns.observed_criterion_sigma_I   1.0 
_reflns.d_resolution_high            2.1 
_reflns.d_resolution_low             8.0 
_reflns.number_all                   10192 
_reflns.number_obs                   9056 
_reflns.percent_possible_obs         82.6 
_reflns.pdbx_Rmerge_I_obs            0.06 
_reflns.pdbx_Rsym_value              0.1 
_reflns.pdbx_netI_over_sigmaI        ? 
_reflns.B_iso_Wilson_estimate        25.6 
_reflns.pdbx_redundancy              ? 
_reflns.R_free_details               ? 
_reflns.limit_h_max                  ? 
_reflns.limit_h_min                  ? 
_reflns.limit_k_max                  ? 
_reflns.limit_k_min                  ? 
_reflns.limit_l_max                  ? 
_reflns.limit_l_min                  ? 
_reflns.observed_criterion_F_max     ? 
_reflns.observed_criterion_F_min     ? 
_reflns.pdbx_diffrn_id               1 
_reflns.pdbx_ordinal                 1 
# 
_reflns_shell.d_res_high             2.1 
_reflns_shell.d_res_low              2.2 
_reflns_shell.percent_possible_all   67.4 
_reflns_shell.Rmerge_I_obs           ? 
_reflns_shell.pdbx_Rsym_value        ? 
_reflns_shell.meanI_over_sigI_obs    ? 
_reflns_shell.pdbx_redundancy        ? 
_reflns_shell.percent_possible_obs   ? 
_reflns_shell.number_unique_all      ? 
_reflns_shell.pdbx_diffrn_id         ? 
_reflns_shell.pdbx_ordinal           1 
# 
_refine.entry_id                                 1PD8 
_refine.ls_d_res_high                            2.1 
_refine.ls_d_res_low                             8.0 
_refine.pdbx_ls_sigma_F                          2.0 
_refine.pdbx_ls_sigma_I                          ? 
_refine.ls_number_reflns_all                     10192 
_refine.ls_number_reflns_obs                     9056 
_refine.ls_number_reflns_R_free                  10192 
_refine.ls_percent_reflns_obs                    ? 
_refine.ls_R_factor_all                          ? 
_refine.ls_R_factor_obs                          0.197 
_refine.ls_R_factor_R_work                       0.173 
_refine.ls_R_factor_R_free                       0.197 
_refine.ls_redundancy_reflns_obs                 ? 
_refine.pdbx_data_cutoff_high_absF               ? 
_refine.pdbx_data_cutoff_low_absF                ? 
_refine.ls_number_parameters                     ? 
_refine.ls_number_restraints                     ? 
_refine.ls_percent_reflns_R_free                 ? 
_refine.ls_R_factor_R_free_error                 ? 
_refine.ls_R_factor_R_free_error_details         ? 
_refine.pdbx_method_to_determine_struct          'MOLECULAR REPLACEMENT' 
_refine.pdbx_starting_model                      'PDB entry 1HFP' 
_refine.pdbx_ls_cross_valid_method               THROUGHOUT 
_refine.pdbx_R_Free_selection_details            ? 
_refine.pdbx_stereochem_target_val_spec_case     ? 
_refine.pdbx_stereochemistry_target_values       'Engh & Huber' 
_refine.solvent_model_details                    ? 
_refine.solvent_model_param_bsol                 ? 
_refine.solvent_model_param_ksol                 ? 
_refine.occupancy_max                            ? 
_refine.occupancy_min                            ? 
_refine.pdbx_isotropic_thermal_model             isotropic 
_refine.B_iso_mean                               25.6 
_refine.aniso_B[1][1]                            ? 
_refine.aniso_B[1][2]                            ? 
_refine.aniso_B[1][3]                            ? 
_refine.aniso_B[2][2]                            ? 
_refine.aniso_B[2][3]                            ? 
_refine.aniso_B[3][3]                            ? 
_refine.details                                  'used weighted full matrix least squares' 
_refine.B_iso_min                                ? 
_refine.B_iso_max                                ? 
_refine.correlation_coeff_Fo_to_Fc               ? 
_refine.correlation_coeff_Fo_to_Fc_free          ? 
_refine.pdbx_solvent_vdw_probe_radii             ? 
_refine.pdbx_solvent_ion_probe_radii             ? 
_refine.pdbx_solvent_shrinkage_radii             ? 
_refine.overall_SU_R_Cruickshank_DPI             ? 
_refine.overall_SU_R_free                        ? 
_refine.overall_SU_B                             ? 
_refine.overall_SU_ML                            ? 
_refine.pdbx_overall_ESU_R                       ? 
_refine.pdbx_overall_ESU_R_Free                  ? 
_refine.pdbx_data_cutoff_high_rms_absF           ? 
_refine.pdbx_refine_id                           'X-RAY DIFFRACTION' 
_refine.pdbx_diffrn_id                           1 
_refine.pdbx_TLS_residual_ADP_flag               ? 
_refine.pdbx_overall_phase_error                 ? 
_refine.pdbx_overall_SU_R_free_Cruickshank_DPI   ? 
_refine.pdbx_overall_SU_R_Blow_DPI               ? 
_refine.pdbx_overall_SU_R_free_Blow_DPI          ? 
# 
_refine_hist.pdbx_refine_id                   'X-RAY DIFFRACTION' 
_refine_hist.cycle_id                         LAST 
_refine_hist.pdbx_number_atoms_protein        1502 
_refine_hist.pdbx_number_atoms_nucleic_acid   0 
_refine_hist.pdbx_number_atoms_ligand         76 
_refine_hist.number_atoms_solvent             67 
_refine_hist.number_atoms_total               1645 
_refine_hist.d_res_high                       2.1 
_refine_hist.d_res_low                        8.0 
# 
loop_
_refine_ls_restr.type 
_refine_ls_restr.dev_ideal 
_refine_ls_restr.dev_ideal_target 
_refine_ls_restr.weight 
_refine_ls_restr.number 
_refine_ls_restr.pdbx_refine_id 
_refine_ls_restr.pdbx_restraint_function 
p_bond_d     0.018 ? ? ? 'X-RAY DIFFRACTION' ? 
p_angle_d    0.055 ? ? ? 'X-RAY DIFFRACTION' ? 
p_mcangle_it 0.054 ? ? ? 'X-RAY DIFFRACTION' ? 
p_mcbond_it  0.014 ? ? ? 'X-RAY DIFFRACTION' ? 
# 
_struct.entry_id                  1PD8 
_struct.title                     
;Analysis of Three Crystal Structure Determinations of a 5-Methyl-6-N-Methylanilino Pyridopyrimidine Antifolate Complex with Human Dihydrofolate Reductase
;
_struct.pdbx_model_details        ? 
_struct.pdbx_CASP_flag            ? 
_struct.pdbx_model_type_details   ? 
# 
_struct_keywords.entry_id        1PD8 
_struct_keywords.pdbx_keywords   OXIDOREDUCTASE 
_struct_keywords.text            'human dihydrofolate reductase inhibitor complex, OXIDOREDUCTASE' 
# 
loop_
_struct_asym.id 
_struct_asym.pdbx_blank_PDB_chainid_flag 
_struct_asym.pdbx_modified 
_struct_asym.entity_id 
_struct_asym.details 
A N N 1 ? 
B N N 2 ? 
C N N 3 ? 
D N N 4 ? 
# 
loop_
_struct_conf.conf_type_id 
_struct_conf.id 
_struct_conf.pdbx_PDB_helix_id 
_struct_conf.beg_label_comp_id 
_struct_conf.beg_label_asym_id 
_struct_conf.beg_label_seq_id 
_struct_conf.pdbx_beg_PDB_ins_code 
_struct_conf.end_label_comp_id 
_struct_conf.end_label_asym_id 
_struct_conf.end_label_seq_id 
_struct_conf.pdbx_end_PDB_ins_code 
_struct_conf.beg_auth_comp_id 
_struct_conf.beg_auth_asym_id 
_struct_conf.beg_auth_seq_id 
_struct_conf.end_auth_comp_id 
_struct_conf.end_auth_asym_id 
_struct_conf.end_auth_seq_id 
_struct_conf.pdbx_PDB_helix_class 
_struct_conf.details 
_struct_conf.pdbx_PDB_helix_length 
HELX_P HELX_P1 1 LEU A 27  ? THR A 40  ? LEU A 27  THR A 40  1 ? 14 
HELX_P HELX_P2 2 LYS A 54  ? ILE A 60  ? LYS A 54  ILE A 60  1 ? 7  
HELX_P HELX_P3 3 PRO A 61  ? ARG A 65  ? PRO A 61  ARG A 65  5 ? 5  
HELX_P HELX_P4 4 SER A 92  ? GLU A 101 ? SER A 92  GLU A 101 1 ? 10 
HELX_P HELX_P5 5 GLU A 104 ? ASN A 107 ? GLU A 104 ASN A 107 5 ? 4  
HELX_P HELX_P6 6 GLY A 117 ? MET A 125 ? GLY A 117 MET A 125 1 ? 9  
# 
_struct_conf_type.id          HELX_P 
_struct_conf_type.criteria    ? 
_struct_conf_type.reference   ? 
# 
loop_
_struct_mon_prot_cis.pdbx_id 
_struct_mon_prot_cis.label_comp_id 
_struct_mon_prot_cis.label_seq_id 
_struct_mon_prot_cis.label_asym_id 
_struct_mon_prot_cis.label_alt_id 
_struct_mon_prot_cis.pdbx_PDB_ins_code 
_struct_mon_prot_cis.auth_comp_id 
_struct_mon_prot_cis.auth_seq_id 
_struct_mon_prot_cis.auth_asym_id 
_struct_mon_prot_cis.pdbx_label_comp_id_2 
_struct_mon_prot_cis.pdbx_label_seq_id_2 
_struct_mon_prot_cis.pdbx_label_asym_id_2 
_struct_mon_prot_cis.pdbx_PDB_ins_code_2 
_struct_mon_prot_cis.pdbx_auth_comp_id_2 
_struct_mon_prot_cis.pdbx_auth_seq_id_2 
_struct_mon_prot_cis.pdbx_auth_asym_id_2 
_struct_mon_prot_cis.pdbx_PDB_model_num 
_struct_mon_prot_cis.pdbx_omega_angle 
1 ARG 65  A . ? ARG 65  A PRO 66  A ? PRO 66  A 1 -1.32 
2 GLY 116 A . ? GLY 116 A GLY 117 A ? GLY 117 A 1 -1.39 
# 
loop_
_struct_sheet.id 
_struct_sheet.type 
_struct_sheet.number_strands 
_struct_sheet.details 
A ? 8 ? 
B ? 8 ? 
C ? 2 ? 
# 
loop_
_struct_sheet_order.sheet_id 
_struct_sheet_order.range_id_1 
_struct_sheet_order.range_id_2 
_struct_sheet_order.offset 
_struct_sheet_order.sense 
A 1 2 ? parallel      
A 2 3 ? parallel      
A 3 4 ? parallel      
A 4 5 ? parallel      
A 5 6 ? parallel      
A 6 7 ? anti-parallel 
A 7 8 ? anti-parallel 
B 1 2 ? parallel      
B 2 3 ? parallel      
B 3 4 ? parallel      
B 4 5 ? parallel      
B 5 6 ? parallel      
B 6 7 ? anti-parallel 
B 7 8 ? anti-parallel 
C 1 2 ? anti-parallel 
# 
loop_
_struct_sheet_range.sheet_id 
_struct_sheet_range.id 
_struct_sheet_range.beg_label_comp_id 
_struct_sheet_range.beg_label_asym_id 
_struct_sheet_range.beg_label_seq_id 
_struct_sheet_range.pdbx_beg_PDB_ins_code 
_struct_sheet_range.end_label_comp_id 
_struct_sheet_range.end_label_asym_id 
_struct_sheet_range.end_label_seq_id 
_struct_sheet_range.pdbx_end_PDB_ins_code 
_struct_sheet_range.beg_auth_comp_id 
_struct_sheet_range.beg_auth_asym_id 
_struct_sheet_range.beg_auth_seq_id 
_struct_sheet_range.end_auth_comp_id 
_struct_sheet_range.end_auth_asym_id 
_struct_sheet_range.end_auth_seq_id 
A 1 PHE A 88  ? SER A 90  ? PHE A 88  SER A 90  
A 2 ILE A 71  ? LEU A 75  ? ILE A 71  LEU A 75  
A 3 GLN A 47  ? GLY A 53  ? GLN A 47  GLY A 53  
A 4 VAL A 109 ? ILE A 114 ? VAL A 109 ILE A 114 
A 5 LEU A 4   ? VAL A 10  ? LEU A 4   VAL A 10  
A 6 HIS A 130 ? ILE A 138 ? HIS A 130 ILE A 138 
A 7 ILE A 175 ? ASN A 185 ? ILE A 175 ASN A 185 
A 8 LYS A 157 ? LEU A 158 ? LYS A 157 LEU A 158 
B 1 PHE A 88  ? SER A 90  ? PHE A 88  SER A 90  
B 2 ILE A 71  ? LEU A 75  ? ILE A 71  LEU A 75  
B 3 GLN A 47  ? GLY A 53  ? GLN A 47  GLY A 53  
B 4 VAL A 109 ? ILE A 114 ? VAL A 109 ILE A 114 
B 5 LEU A 4   ? VAL A 10  ? LEU A 4   VAL A 10  
B 6 HIS A 130 ? ILE A 138 ? HIS A 130 ILE A 138 
B 7 ILE A 175 ? ASN A 185 ? ILE A 175 ASN A 185 
B 8 GLN A 170 ? GLU A 172 ? GLN A 170 GLU A 172 
C 1 GLY A 15  ? GLY A 17  ? GLY A 15  GLY A 17  
C 2 THR A 146 ? PHE A 147 ? THR A 146 PHE A 147 
# 
loop_
_pdbx_struct_sheet_hbond.sheet_id 
_pdbx_struct_sheet_hbond.range_id_1 
_pdbx_struct_sheet_hbond.range_id_2 
_pdbx_struct_sheet_hbond.range_1_label_atom_id 
_pdbx_struct_sheet_hbond.range_1_label_comp_id 
_pdbx_struct_sheet_hbond.range_1_label_asym_id 
_pdbx_struct_sheet_hbond.range_1_label_seq_id 
_pdbx_struct_sheet_hbond.range_1_PDB_ins_code 
_pdbx_struct_sheet_hbond.range_1_auth_atom_id 
_pdbx_struct_sheet_hbond.range_1_auth_comp_id 
_pdbx_struct_sheet_hbond.range_1_auth_asym_id 
_pdbx_struct_sheet_hbond.range_1_auth_seq_id 
_pdbx_struct_sheet_hbond.range_2_label_atom_id 
_pdbx_struct_sheet_hbond.range_2_label_comp_id 
_pdbx_struct_sheet_hbond.range_2_label_asym_id 
_pdbx_struct_sheet_hbond.range_2_label_seq_id 
_pdbx_struct_sheet_hbond.range_2_PDB_ins_code 
_pdbx_struct_sheet_hbond.range_2_auth_atom_id 
_pdbx_struct_sheet_hbond.range_2_auth_comp_id 
_pdbx_struct_sheet_hbond.range_2_auth_asym_id 
_pdbx_struct_sheet_hbond.range_2_auth_seq_id 
A 1 2 O SER A 90  ? O SER A 90  N VAL A 74  ? N VAL A 74  
A 2 3 O ILE A 71  ? O ILE A 71  N VAL A 50  ? N VAL A 50  
A 3 4 N GLN A 47  ? N GLN A 47  O ASP A 110 ? O ASP A 110 
A 4 5 O ILE A 114 ? O ILE A 114 N ASN A 5   ? N ASN A 5   
A 5 6 N VAL A 10  ? N VAL A 10  O ILE A 138 ? O ILE A 138 
A 6 7 N VAL A 135 ? N VAL A 135 O GLU A 180 ? O GLU A 180 
A 7 8 O GLU A 183 ? O GLU A 183 N LYS A 157 ? N LYS A 157 
B 1 2 O SER A 90  ? O SER A 90  N VAL A 74  ? N VAL A 74  
B 2 3 O ILE A 71  ? O ILE A 71  N VAL A 50  ? N VAL A 50  
B 3 4 N GLN A 47  ? N GLN A 47  O ASP A 110 ? O ASP A 110 
B 4 5 O ILE A 114 ? O ILE A 114 N ASN A 5   ? N ASN A 5   
B 5 6 N VAL A 10  ? N VAL A 10  O ILE A 138 ? O ILE A 138 
B 6 7 N VAL A 135 ? N VAL A 135 O GLU A 180 ? O GLU A 180 
B 7 8 O TYR A 177 ? O TYR A 177 N GLN A 170 ? N GLN A 170 
C 1 2 N GLY A 17  ? N GLY A 17  O THR A 146 ? O THR A 146 
# 
loop_
_struct_site.id 
_struct_site.pdbx_evidence_code 
_struct_site.pdbx_auth_asym_id 
_struct_site.pdbx_auth_comp_id 
_struct_site.pdbx_auth_seq_id 
_struct_site.pdbx_auth_ins_code 
_struct_site.pdbx_num_residues 
_struct_site.details 
AC1 Software A NDP 300 ? 27 'BINDING SITE FOR RESIDUE NDP A 300' 
AC2 Software A CO4 301 ? 14 'BINDING SITE FOR RESIDUE CO4 A 301' 
# 
loop_
_struct_site_gen.id 
_struct_site_gen.site_id 
_struct_site_gen.pdbx_num_res 
_struct_site_gen.label_comp_id 
_struct_site_gen.label_asym_id 
_struct_site_gen.label_seq_id 
_struct_site_gen.pdbx_auth_ins_code 
_struct_site_gen.auth_comp_id 
_struct_site_gen.auth_asym_id 
_struct_site_gen.auth_seq_id 
_struct_site_gen.label_atom_id 
_struct_site_gen.label_alt_id 
_struct_site_gen.symmetry 
_struct_site_gen.details 
1  AC1 27 VAL A 8   ? VAL A 8   . ? 1_555 ? 
2  AC1 27 ALA A 9   ? ALA A 9   . ? 1_555 ? 
3  AC1 27 ILE A 16  ? ILE A 16  . ? 1_555 ? 
4  AC1 27 GLY A 17  ? GLY A 17  . ? 1_555 ? 
5  AC1 27 LYS A 18  ? LYS A 18  . ? 1_555 ? 
6  AC1 27 GLY A 20  ? GLY A 20  . ? 1_555 ? 
7  AC1 27 ASP A 21  ? ASP A 21  . ? 1_555 ? 
8  AC1 27 TRP A 24  ? TRP A 24  . ? 1_555 ? 
9  AC1 27 GLY A 53  ? GLY A 53  . ? 1_555 ? 
10 AC1 27 LYS A 54  ? LYS A 54  . ? 1_555 ? 
11 AC1 27 LYS A 55  ? LYS A 55  . ? 1_555 ? 
12 AC1 27 THR A 56  ? THR A 56  . ? 1_555 ? 
13 AC1 27 SER A 59  ? SER A 59  . ? 1_555 ? 
14 AC1 27 LEU A 75  ? LEU A 75  . ? 1_555 ? 
15 AC1 27 SER A 76  ? SER A 76  . ? 1_555 ? 
16 AC1 27 ARG A 77  ? ARG A 77  . ? 1_555 ? 
17 AC1 27 GLU A 78  ? GLU A 78  . ? 1_555 ? 
18 AC1 27 ARG A 91  ? ARG A 91  . ? 1_555 ? 
19 AC1 27 VAL A 115 ? VAL A 115 . ? 1_555 ? 
20 AC1 27 GLY A 116 ? GLY A 116 . ? 1_555 ? 
21 AC1 27 GLY A 117 ? GLY A 117 . ? 1_555 ? 
22 AC1 27 SER A 118 ? SER A 118 . ? 1_555 ? 
23 AC1 27 SER A 119 ? SER A 119 . ? 1_555 ? 
24 AC1 27 VAL A 120 ? VAL A 120 . ? 1_555 ? 
25 AC1 27 TYR A 121 ? TYR A 121 . ? 1_555 ? 
26 AC1 27 HOH D .   ? HOH A 191 . ? 1_555 ? 
27 AC1 27 CO4 C .   ? CO4 A 301 . ? 1_555 ? 
28 AC2 14 ILE A 7   ? ILE A 7   . ? 1_555 ? 
29 AC2 14 VAL A 8   ? VAL A 8   . ? 1_555 ? 
30 AC2 14 ALA A 9   ? ALA A 9   . ? 1_555 ? 
31 AC2 14 GLU A 30  ? GLU A 30  . ? 1_555 ? 
32 AC2 14 PHE A 31  ? PHE A 31  . ? 1_555 ? 
33 AC2 14 PHE A 34  ? PHE A 34  . ? 1_555 ? 
34 AC2 14 GLN A 35  ? GLN A 35  . ? 1_555 ? 
35 AC2 14 PRO A 61  ? PRO A 61  . ? 1_555 ? 
36 AC2 14 ASN A 64  ? ASN A 64  . ? 1_555 ? 
37 AC2 14 LEU A 67  ? LEU A 67  . ? 1_555 ? 
38 AC2 14 VAL A 115 ? VAL A 115 . ? 1_555 ? 
39 AC2 14 TYR A 121 ? TYR A 121 . ? 1_555 ? 
40 AC2 14 THR A 136 ? THR A 136 . ? 1_555 ? 
41 AC2 14 NDP B .   ? NDP A 300 . ? 1_555 ? 
# 
_atom_sites.entry_id                    1PD8 
_atom_sites.fract_transf_matrix[1][1]   -0.00573867 
_atom_sites.fract_transf_matrix[1][2]   0.00540043 
_atom_sites.fract_transf_matrix[1][3]   -0.01089531 
_atom_sites.fract_transf_matrix[2][1]   -0.01304153 
_atom_sites.fract_transf_matrix[2][2]   -0.00213478 
_atom_sites.fract_transf_matrix[2][3]   -0.00248656 
_atom_sites.fract_transf_matrix[3][1]   -0.00301766 
_atom_sites.fract_transf_matrix[3][2]   0.01051372 
_atom_sites.fract_transf_matrix[3][3]   0.00680072 
_atom_sites.fract_transf_vector[1]      0.350375 
_atom_sites.fract_transf_vector[2]      0.178046 
_atom_sites.fract_transf_vector[3]      -0.007385 
# 
loop_
_atom_type.symbol 
C 
N 
O 
P 
S 
# 
loop_
_atom_site.group_PDB 
_atom_site.id 
_atom_site.type_symbol 
_atom_site.label_atom_id 
_atom_site.label_alt_id 
_atom_site.label_comp_id 
_atom_site.label_asym_id 
_atom_site.label_entity_id 
_atom_site.label_seq_id 
_atom_site.pdbx_PDB_ins_code 
_atom_site.Cartn_x 
_atom_site.Cartn_y 
_atom_site.Cartn_z 
_atom_site.occupancy 
_atom_site.B_iso_or_equiv 
_atom_site.pdbx_formal_charge 
_atom_site.auth_seq_id 
_atom_site.auth_comp_id 
_atom_site.auth_asym_id 
_atom_site.auth_atom_id 
_atom_site.pdbx_PDB_model_num 
ATOM   1    N N     . VAL A 1 1   ? -10.618 -8.058  12.146  1.00 42.13 ? 1   VAL A N     1 
ATOM   2    C CA    . VAL A 1 1   ? -9.699  -7.600  11.077  1.00 41.64 ? 1   VAL A CA    1 
ATOM   3    C C     . VAL A 1 1   ? -8.765  -8.773  10.747  1.00 40.78 ? 1   VAL A C     1 
ATOM   4    O O     . VAL A 1 1   ? -8.362  -9.604  11.603  1.00 41.45 ? 1   VAL A O     1 
ATOM   5    C CB    . VAL A 1 1   ? -9.057  -6.248  11.443  1.00 42.31 ? 1   VAL A CB    1 
ATOM   6    C CG1   . VAL A 1 1   ? -7.586  -6.078  11.097  1.00 42.39 ? 1   VAL A CG1   1 
ATOM   7    C CG2   . VAL A 1 1   ? -9.884  -5.108  10.828  1.00 42.75 ? 1   VAL A CG2   1 
ATOM   8    N N     . GLY A 1 2   ? -8.513  -8.832  9.440   1.00 38.87 ? 2   GLY A N     1 
ATOM   9    C CA    . GLY A 1 2   ? -7.620  -9.941  8.979   1.00 37.61 ? 2   GLY A CA    1 
ATOM   10   C C     . GLY A 1 2   ? -6.186  -9.372  9.072   1.00 36.08 ? 2   GLY A C     1 
ATOM   11   O O     . GLY A 1 2   ? -5.716  -8.690  9.998   1.00 36.00 ? 2   GLY A O     1 
ATOM   12   N N     . SER A 1 3   ? -5.576  -9.654  7.949   1.00 34.58 ? 3   SER A N     1 
ATOM   13   C CA    . SER A 1 3   ? -4.226  -9.376  7.527   1.00 32.86 ? 3   SER A CA    1 
ATOM   14   C C     . SER A 1 3   ? -3.819  -7.898  7.448   1.00 30.13 ? 3   SER A C     1 
ATOM   15   O O     . SER A 1 3   ? -4.640  -7.186  6.823   1.00 29.00 ? 3   SER A O     1 
ATOM   16   C CB    . SER A 1 3   ? -4.108  -9.974  6.074   1.00 33.26 ? 3   SER A CB    1 
ATOM   17   O OG    . SER A 1 3   ? -3.583  -11.299 6.190   1.00 35.33 ? 3   SER A OG    1 
ATOM   18   N N     . LEU A 1 4   ? -2.641  -7.591  7.888   1.00 27.40 ? 4   LEU A N     1 
ATOM   19   C CA    . LEU A 1 4   ? -2.010  -6.278  7.817   1.00 26.44 ? 4   LEU A CA    1 
ATOM   20   C C     . LEU A 1 4   ? -1.010  -6.356  6.645   1.00 25.38 ? 4   LEU A C     1 
ATOM   21   O O     . LEU A 1 4   ? -0.101  -7.197  6.721   1.00 24.84 ? 4   LEU A O     1 
ATOM   22   C CB    . LEU A 1 4   ? -1.419  -5.895  9.178   1.00 27.20 ? 4   LEU A CB    1 
ATOM   23   C CG    . LEU A 1 4   ? -0.974  -4.452  9.158   1.00 28.22 ? 4   LEU A CG    1 
ATOM   24   C CD1   . LEU A 1 4   ? -2.316  -3.650  9.127   1.00 29.18 ? 4   LEU A CD1   1 
ATOM   25   C CD2   . LEU A 1 4   ? -0.147  -4.034  10.340  1.00 28.65 ? 4   LEU A CD2   1 
ATOM   26   N N     . ASN A 1 5   ? -1.092  -5.580  5.588   1.00 24.03 ? 5   ASN A N     1 
ATOM   27   C CA    . ASN A 1 5   ? -0.233  -5.682  4.438   1.00 23.86 ? 5   ASN A CA    1 
ATOM   28   C C     . ASN A 1 5   ? 0.112   -4.266  3.979   1.00 23.55 ? 5   ASN A C     1 
ATOM   29   O O     . ASN A 1 5   ? -0.673  -3.348  4.128   1.00 23.06 ? 5   ASN A O     1 
ATOM   30   C CB    . ASN A 1 5   ? -1.023  -6.390  3.325   1.00 24.00 ? 5   ASN A CB    1 
ATOM   31   C CG    . ASN A 1 5   ? -1.849  -7.584  3.721   1.00 25.05 ? 5   ASN A CG    1 
ATOM   32   O OD1   . ASN A 1 5   ? -1.291  -8.721  3.631   1.00 26.09 ? 5   ASN A OD1   1 
ATOM   33   N ND2   . ASN A 1 5   ? -3.114  -7.477  4.142   1.00 24.33 ? 5   ASN A ND2   1 
ATOM   34   N N     . CYS A 1 6   ? 1.225   -4.194  3.327   1.00 23.05 ? 6   CYS A N     1 
ATOM   35   C CA    . CYS A 1 6   ? 1.845   -3.053  2.682   1.00 22.47 ? 6   CYS A CA    1 
ATOM   36   C C     . CYS A 1 6   ? 1.973   -3.451  1.196   1.00 20.66 ? 6   CYS A C     1 
ATOM   37   O O     . CYS A 1 6   ? 2.322   -4.582  0.974   1.00 20.20 ? 6   CYS A O     1 
ATOM   38   C CB    . CYS A 1 6   ? 3.279   -2.665  3.113   1.00 21.82 ? 6   CYS A CB    1 
ATOM   39   S SG    . CYS A 1 6   ? 3.240   -2.150  4.863   1.00 22.96 ? 6   CYS A SG    1 
ATOM   40   N N     . ILE A 1 7   ? 1.694   -2.488  0.377   1.00 21.27 ? 7   ILE A N     1 
ATOM   41   C CA    . ILE A 1 7   ? 1.807   -2.607  -1.088  1.00 21.05 ? 7   ILE A CA    1 
ATOM   42   C C     . ILE A 1 7   ? 2.552   -1.361  -1.570  1.00 21.47 ? 7   ILE A C     1 
ATOM   43   O O     . ILE A 1 7   ? 2.205   -0.236  -1.194  1.00 21.52 ? 7   ILE A O     1 
ATOM   44   C CB    . ILE A 1 7   ? 0.453   -2.930  -1.782  1.00 20.15 ? 7   ILE A CB    1 
ATOM   45   C CG1   . ILE A 1 7   ? 0.756   -3.337  -3.259  1.00 19.79 ? 7   ILE A CG1   1 
ATOM   46   C CG2   . ILE A 1 7   ? -0.543  -1.762  -1.628  1.00 19.01 ? 7   ILE A CG2   1 
ATOM   47   C CD1   . ILE A 1 7   ? -0.419  -4.064  -3.978  1.00 20.48 ? 7   ILE A CD1   1 
ATOM   48   N N     . VAL A 1 8   ? 3.533   -1.504  -2.429  1.00 21.35 ? 8   VAL A N     1 
ATOM   49   C CA    . VAL A 1 8   ? 4.368   -0.471  -3.011  1.00 21.63 ? 8   VAL A CA    1 
ATOM   50   C C     . VAL A 1 8   ? 5.010   -0.796  -4.339  1.00 22.74 ? 8   VAL A C     1 
ATOM   51   O O     . VAL A 1 8   ? 5.248   -1.999  -4.608  1.00 23.38 ? 8   VAL A O     1 
ATOM   52   C CB    . VAL A 1 8   ? 5.520   -0.167  -1.984  1.00 21.24 ? 8   VAL A CB    1 
ATOM   53   C CG1   . VAL A 1 8   ? 6.468   -1.401  -1.845  1.00 20.41 ? 8   VAL A CG1   1 
ATOM   54   C CG2   . VAL A 1 8   ? 6.289   1.096   -2.299  1.00 20.84 ? 8   VAL A CG2   1 
ATOM   55   N N     . ALA A 1 9   ? 5.255   0.164   -5.217  1.00 24.29 ? 9   ALA A N     1 
ATOM   56   C CA    . ALA A 1 9   ? 5.993   -0.108  -6.472  1.00 24.67 ? 9   ALA A CA    1 
ATOM   57   C C     . ALA A 1 9   ? 7.289   0.685   -6.212  1.00 25.03 ? 9   ALA A C     1 
ATOM   58   O O     . ALA A 1 9   ? 7.115   1.866   -5.791  1.00 25.50 ? 9   ALA A O     1 
ATOM   59   C CB    . ALA A 1 9   ? 5.292   0.241   -7.765  1.00 24.25 ? 9   ALA A CB    1 
ATOM   60   N N     . VAL A 1 10  ? 8.488   0.196   -6.386  1.00 25.02 ? 10  VAL A N     1 
ATOM   61   C CA    . VAL A 1 10  ? 9.780   0.827   -6.175  1.00 25.82 ? 10  VAL A CA    1 
ATOM   62   C C     . VAL A 1 10  ? 10.756  0.579   -7.340  1.00 26.25 ? 10  VAL A C     1 
ATOM   63   O O     . VAL A 1 10  ? 10.818  -0.558  -7.824  1.00 26.71 ? 10  VAL A O     1 
ATOM   64   C CB    . VAL A 1 10  ? 10.622  0.240   -5.014  1.00 26.62 ? 10  VAL A CB    1 
ATOM   65   C CG1   . VAL A 1 10  ? 10.551  0.941   -3.706  1.00 27.53 ? 10  VAL A CG1   1 
ATOM   66   C CG2   . VAL A 1 10  ? 10.327  -1.228  -4.705  1.00 25.99 ? 10  VAL A CG2   1 
ATOM   67   N N     . SER A 1 11  ? 11.547  1.569   -7.622  1.00 26.54 ? 11  SER A N     1 
ATOM   68   C CA    . SER A 1 11  ? 12.584  1.572   -8.716  1.00 26.23 ? 11  SER A CA    1 
ATOM   69   C C     . SER A 1 11  ? 13.807  0.919   -8.099  1.00 27.03 ? 11  SER A C     1 
ATOM   70   O O     . SER A 1 11  ? 13.754  0.589   -6.882  1.00 26.01 ? 11  SER A O     1 
ATOM   71   C CB    . SER A 1 11  ? 12.791  2.990   -9.273  1.00 24.50 ? 11  SER A CB    1 
ATOM   72   O OG    . SER A 1 11  ? 13.421  3.772   -8.292  1.00 23.93 ? 11  SER A OG    1 
ATOM   73   N N     . GLN A 1 12  ? 14.762  0.700   -8.984  1.00 29.28 ? 12  GLN A N     1 
ATOM   74   C CA    . GLN A 1 12  ? 15.985  0.038   -8.486  1.00 31.93 ? 12  GLN A CA    1 
ATOM   75   C C     . GLN A 1 12  ? 16.734  0.863   -7.441  1.00 31.19 ? 12  GLN A C     1 
ATOM   76   O O     . GLN A 1 12  ? 17.408  0.227   -6.593  1.00 30.97 ? 12  GLN A O     1 
ATOM   77   C CB    . GLN A 1 12  ? 16.981  -0.397  -9.531  1.00 34.74 ? 12  GLN A CB    1 
ATOM   78   C CG    . GLN A 1 12  ? 16.678  -1.720  -10.271 1.00 38.03 ? 12  GLN A CG    1 
ATOM   79   C CD    . GLN A 1 12  ? 17.973  -1.748  -11.104 1.00 40.15 ? 12  GLN A CD    1 
ATOM   80   O OE1   . GLN A 1 12  ? 18.123  -1.788  -12.336 1.00 41.01 ? 12  GLN A OE1   1 
ATOM   81   N NE2   . GLN A 1 12  ? 18.861  -1.582  -10.092 1.00 40.91 ? 12  GLN A NE2   1 
ATOM   82   N N     . ASN A 1 13  ? 16.576  2.187   -7.536  1.00 30.56 ? 13  ASN A N     1 
ATOM   83   C CA    . ASN A 1 13  ? 17.215  3.105   -6.587  1.00 29.77 ? 13  ASN A CA    1 
ATOM   84   C C     . ASN A 1 13  ? 16.273  3.272   -5.396  1.00 29.93 ? 13  ASN A C     1 
ATOM   85   O O     . ASN A 1 13  ? 16.510  4.215   -4.601  1.00 30.18 ? 13  ASN A O     1 
ATOM   86   C CB    . ASN A 1 13  ? 17.638  4.433   -7.194  1.00 29.66 ? 13  ASN A CB    1 
ATOM   87   C CG    . ASN A 1 13  ? 16.667  5.119   -8.092  1.00 29.45 ? 13  ASN A CG    1 
ATOM   88   O OD1   . ASN A 1 13  ? 15.823  4.470   -8.701  1.00 28.74 ? 13  ASN A OD1   1 
ATOM   89   N ND2   . ASN A 1 13  ? 16.691  6.423   -8.252  1.00 29.53 ? 13  ASN A ND2   1 
ATOM   90   N N     . MET A 1 14  ? 15.263  2.422   -5.309  1.00 28.88 ? 14  MET A N     1 
ATOM   91   C CA    . MET A 1 14  ? 14.305  2.501   -4.181  1.00 28.93 ? 14  MET A CA    1 
ATOM   92   C C     . MET A 1 14  ? 13.341  3.681   -4.196  1.00 27.32 ? 14  MET A C     1 
ATOM   93   O O     . MET A 1 14  ? 12.695  3.894   -3.179  1.00 26.67 ? 14  MET A O     1 
ATOM   94   C CB    . MET A 1 14  ? 15.181  2.675   -2.938  1.00 30.98 ? 14  MET A CB    1 
ATOM   95   C CG    . MET A 1 14  ? 15.265  1.582   -1.950  1.00 33.30 ? 14  MET A CG    1 
ATOM   96   S SD    . MET A 1 14  ? 14.954  -0.133  -2.537  1.00 35.97 ? 14  MET A SD    1 
ATOM   97   C CE    . MET A 1 14  ? 14.265  -0.627  -0.886  1.00 34.47 ? 14  MET A CE    1 
ATOM   98   N N     . GLY A 1 15  ? 13.226  4.436   -5.225  1.00 25.37 ? 15  GLY A N     1 
ATOM   99   C CA    . GLY A 1 15  ? 12.407  5.607   -5.333  1.00 24.77 ? 15  GLY A CA    1 
ATOM   100  C C     . GLY A 1 15  ? 10.937  5.300   -5.353  1.00 24.31 ? 15  GLY A C     1 
ATOM   101  O O     . GLY A 1 15  ? 10.606  4.345   -6.109  1.00 25.52 ? 15  GLY A O     1 
ATOM   102  N N     . ILE A 1 16  ? 10.125  6.006   -4.588  1.00 23.08 ? 16  ILE A N     1 
ATOM   103  C CA    . ILE A 1 16  ? 8.676   5.694   -4.650  1.00 22.72 ? 16  ILE A CA    1 
ATOM   104  C C     . ILE A 1 16  ? 7.972   6.933   -5.211  1.00 21.91 ? 16  ILE A C     1 
ATOM   105  O O     . ILE A 1 16  ? 6.811   6.776   -5.621  1.00 21.76 ? 16  ILE A O     1 
ATOM   106  C CB    . ILE A 1 16  ? 8.088   5.017   -3.352  1.00 22.82 ? 16  ILE A CB    1 
ATOM   107  C CG1   . ILE A 1 16  ? 8.167   6.026   -2.156  1.00 23.30 ? 16  ILE A CG1   1 
ATOM   108  C CG2   . ILE A 1 16  ? 8.857   3.727   -2.943  1.00 21.79 ? 16  ILE A CG2   1 
ATOM   109  C CD1   . ILE A 1 16  ? 7.044   5.932   -1.107  1.00 24.08 ? 16  ILE A CD1   1 
ATOM   110  N N     . GLY A 1 17  ? 8.630   8.114   -5.329  1.00 22.15 ? 17  GLY A N     1 
ATOM   111  C CA    . GLY A 1 17  ? 7.820   9.206   -5.944  1.00 21.83 ? 17  GLY A CA    1 
ATOM   112  C C     . GLY A 1 17  ? 8.766   10.331  -6.345  1.00 21.77 ? 17  GLY A C     1 
ATOM   113  O O     . GLY A 1 17  ? 9.912   10.372  -5.960  1.00 21.74 ? 17  GLY A O     1 
ATOM   114  N N     . LYS A 1 18  ? 8.184   11.185  -7.101  1.00 23.36 ? 18  LYS A N     1 
ATOM   115  C CA    . LYS A 1 18  ? 8.829   12.398  -7.599  1.00 24.25 ? 18  LYS A CA    1 
ATOM   116  C C     . LYS A 1 18  ? 7.822   13.546  -7.755  1.00 23.99 ? 18  LYS A C     1 
ATOM   117  O O     . LYS A 1 18  ? 6.876   13.518  -8.488  1.00 23.46 ? 18  LYS A O     1 
ATOM   118  C CB    . LYS A 1 18  ? 9.633   12.131  -8.855  1.00 24.64 ? 18  LYS A CB    1 
ATOM   119  C CG    . LYS A 1 18  ? 10.657  13.267  -8.807  1.00 26.05 ? 18  LYS A CG    1 
ATOM   120  C CD    . LYS A 1 18  ? 11.251  13.290  -10.188 1.00 27.45 ? 18  LYS A CD    1 
ATOM   121  C CE    . LYS A 1 18  ? 10.179  13.602  -11.214 1.00 27.84 ? 18  LYS A CE    1 
ATOM   122  N NZ    . LYS A 1 18  ? 10.980  13.321  -12.488 1.00 29.61 ? 18  LYS A NZ    1 
ATOM   123  N N     . ASN A 1 19  ? 8.002   14.617  -6.976  1.00 25.54 ? 19  ASN A N     1 
ATOM   124  C CA    . ASN A 1 19  ? 7.120   15.811  -7.032  1.00 25.74 ? 19  ASN A CA    1 
ATOM   125  C C     . ASN A 1 19  ? 5.638   15.444  -7.016  1.00 25.62 ? 19  ASN A C     1 
ATOM   126  O O     . ASN A 1 19  ? 4.763   15.875  -7.795  1.00 24.74 ? 19  ASN A O     1 
ATOM   127  C CB    . ASN A 1 19  ? 7.413   16.654  -8.271  1.00 26.64 ? 19  ASN A CB    1 
ATOM   128  C CG    . ASN A 1 19  ? 8.755   17.404  -8.108  1.00 27.65 ? 19  ASN A CG    1 
ATOM   129  O OD1   . ASN A 1 19  ? 8.954   17.867  -6.990  1.00 27.61 ? 19  ASN A OD1   1 
ATOM   130  N ND2   . ASN A 1 19  ? 9.539   17.403  -9.202  1.00 28.25 ? 19  ASN A ND2   1 
ATOM   131  N N     . GLY A 1 20  ? 5.447   14.583  -6.038  1.00 25.75 ? 20  GLY A N     1 
ATOM   132  C CA    . GLY A 1 20  ? 4.132   14.030  -5.773  1.00 27.07 ? 20  GLY A CA    1 
ATOM   133  C C     . GLY A 1 20  ? 3.645   13.112  -6.879  1.00 28.47 ? 20  GLY A C     1 
ATOM   134  O O     . GLY A 1 20  ? 2.429   12.742  -6.876  1.00 30.02 ? 20  GLY A O     1 
ATOM   135  N N     . ASP A 1 21  ? 4.492   12.733  -7.786  1.00 28.25 ? 21  ASP A N     1 
ATOM   136  C CA    . ASP A 1 21  ? 4.125   11.808  -8.870  1.00 30.25 ? 21  ASP A CA    1 
ATOM   137  C C     . ASP A 1 21  ? 4.947   10.506  -8.821  1.00 29.81 ? 21  ASP A C     1 
ATOM   138  O O     . ASP A 1 21  ? 5.808   10.274  -7.944  1.00 29.23 ? 21  ASP A O     1 
ATOM   139  C CB    . ASP A 1 21  ? 4.207   12.701  -10.092 1.00 31.68 ? 21  ASP A CB    1 
ATOM   140  C CG    . ASP A 1 21  ? 3.414   12.117  -11.230 1.00 33.47 ? 21  ASP A CG    1 
ATOM   141  O OD1   . ASP A 1 21  ? 2.411   11.380  -11.039 1.00 34.91 ? 21  ASP A OD1   1 
ATOM   142  O OD2   . ASP A 1 21  ? 3.859   12.424  -12.344 1.00 34.17 ? 21  ASP A OD2   1 
ATOM   143  N N     . LEU A 1 22  ? 4.629   9.633   -9.751  1.00 30.33 ? 22  LEU A N     1 
ATOM   144  C CA    . LEU A 1 22  ? 5.286   8.304   -9.918  1.00 29.73 ? 22  LEU A CA    1 
ATOM   145  C C     . LEU A 1 22  ? 6.585   8.604   -10.665 1.00 27.80 ? 22  LEU A C     1 
ATOM   146  O O     . LEU A 1 22  ? 6.358   9.392   -11.589 1.00 28.74 ? 22  LEU A O     1 
ATOM   147  C CB    . LEU A 1 22  ? 4.364   7.454   -10.792 1.00 30.84 ? 22  LEU A CB    1 
ATOM   148  C CG    . LEU A 1 22  ? 3.197   6.662   -10.201 1.00 31.42 ? 22  LEU A CG    1 
ATOM   149  C CD1   . LEU A 1 22  ? 2.680   5.743   -11.310 1.00 31.64 ? 22  LEU A CD1   1 
ATOM   150  C CD2   . LEU A 1 22  ? 3.735   5.931   -8.975  1.00 31.90 ? 22  LEU A CD2   1 
ATOM   151  N N     . PRO A 1 23  ? 7.709   8.078   -10.278 1.00 25.96 ? 23  PRO A N     1 
ATOM   152  C CA    . PRO A 1 23  ? 8.932   8.363   -11.017 1.00 25.89 ? 23  PRO A CA    1 
ATOM   153  C C     . PRO A 1 23  ? 8.957   7.787   -12.448 1.00 26.33 ? 23  PRO A C     1 
ATOM   154  O O     . PRO A 1 23  ? 9.872   8.219   -13.187 1.00 26.76 ? 23  PRO A O     1 
ATOM   155  C CB    . PRO A 1 23  ? 10.054  7.855   -10.148 1.00 24.64 ? 23  PRO A CB    1 
ATOM   156  C CG    . PRO A 1 23  ? 9.399   7.489   -8.860  1.00 24.27 ? 23  PRO A CG    1 
ATOM   157  C CD    . PRO A 1 23  ? 7.945   7.188   -9.147  1.00 24.81 ? 23  PRO A CD    1 
ATOM   158  N N     . TRP A 1 24  ? 8.021   6.913   -12.798 1.00 26.00 ? 24  TRP A N     1 
ATOM   159  C CA    . TRP A 1 24  ? 8.016   6.277   -14.127 1.00 25.71 ? 24  TRP A CA    1 
ATOM   160  C C     . TRP A 1 24  ? 6.755   6.627   -14.857 1.00 27.89 ? 24  TRP A C     1 
ATOM   161  O O     . TRP A 1 24  ? 5.774   7.073   -14.218 1.00 29.09 ? 24  TRP A O     1 
ATOM   162  C CB    . TRP A 1 24  ? 8.220   4.735   -13.904 1.00 23.42 ? 24  TRP A CB    1 
ATOM   163  C CG    . TRP A 1 24  ? 7.433   4.216   -12.739 1.00 20.80 ? 24  TRP A CG    1 
ATOM   164  C CD1   . TRP A 1 24  ? 6.124   3.875   -12.797 1.00 20.46 ? 24  TRP A CD1   1 
ATOM   165  C CD2   . TRP A 1 24  ? 7.821   4.017   -11.364 1.00 19.78 ? 24  TRP A CD2   1 
ATOM   166  N NE1   . TRP A 1 24  ? 5.701   3.491   -11.535 1.00 20.27 ? 24  TRP A NE1   1 
ATOM   167  C CE2   . TRP A 1 24  ? 6.743   3.527   -10.671 1.00 19.21 ? 24  TRP A CE2   1 
ATOM   168  C CE3   . TRP A 1 24  ? 9.047   4.151   -10.705 1.00 19.61 ? 24  TRP A CE3   1 
ATOM   169  C CZ2   . TRP A 1 24  ? 6.746   3.274   -9.323  1.00 18.88 ? 24  TRP A CZ2   1 
ATOM   170  C CZ3   . TRP A 1 24  ? 9.062   3.878   -9.350  1.00 19.39 ? 24  TRP A CZ3   1 
ATOM   171  C CH2   . TRP A 1 24  ? 7.924   3.441   -8.668  1.00 18.26 ? 24  TRP A CH2   1 
ATOM   172  N N     . PRO A 1 25  ? 6.728   6.399   -16.159 1.00 29.62 ? 25  PRO A N     1 
ATOM   173  C CA    . PRO A 1 25  ? 5.523   6.701   -16.987 1.00 30.92 ? 25  PRO A CA    1 
ATOM   174  C C     . PRO A 1 25  ? 4.485   5.775   -16.462 1.00 32.43 ? 25  PRO A C     1 
ATOM   175  O O     . PRO A 1 25  ? 4.928   4.765   -15.852 1.00 34.05 ? 25  PRO A O     1 
ATOM   176  C CB    . PRO A 1 25  ? 6.085   6.498   -18.379 1.00 30.96 ? 25  PRO A CB    1 
ATOM   177  C CG    . PRO A 1 25  ? 7.055   5.369   -18.214 1.00 30.55 ? 25  PRO A CG    1 
ATOM   178  C CD    . PRO A 1 25  ? 7.836   5.893   -16.991 1.00 30.17 ? 25  PRO A CD    1 
ATOM   179  N N     . PRO A 1 26  ? 3.203   5.989   -16.575 1.00 33.39 ? 26  PRO A N     1 
ATOM   180  C CA    . PRO A 1 26  ? 2.200   5.092   -15.982 1.00 33.85 ? 26  PRO A CA    1 
ATOM   181  C C     . PRO A 1 26  ? 2.269   3.690   -16.555 1.00 35.08 ? 26  PRO A C     1 
ATOM   182  O O     . PRO A 1 26  ? 2.484   3.589   -17.790 1.00 36.02 ? 26  PRO A O     1 
ATOM   183  C CB    . PRO A 1 26  ? 0.871   5.773   -16.272 1.00 33.99 ? 26  PRO A CB    1 
ATOM   184  C CG    . PRO A 1 26  ? 1.252   7.193   -16.556 1.00 33.78 ? 26  PRO A CG    1 
ATOM   185  C CD    . PRO A 1 26  ? 2.612   7.142   -17.241 1.00 33.38 ? 26  PRO A CD    1 
ATOM   186  N N     . LEU A 1 27  ? 2.059   2.709   -15.673 1.00 34.75 ? 27  LEU A N     1 
ATOM   187  C CA    . LEU A 1 27  ? 2.079   1.298   -16.088 1.00 34.53 ? 27  LEU A CA    1 
ATOM   188  C C     . LEU A 1 27  ? 0.738   0.636   -15.744 1.00 33.80 ? 27  LEU A C     1 
ATOM   189  O O     . LEU A 1 27  ? 0.560   0.137   -14.635 1.00 31.66 ? 27  LEU A O     1 
ATOM   190  C CB    . LEU A 1 27  ? 3.262   0.609   -15.449 1.00 35.20 ? 27  LEU A CB    1 
ATOM   191  C CG    . LEU A 1 27  ? 4.661   1.132   -15.535 1.00 35.74 ? 27  LEU A CG    1 
ATOM   192  C CD1   . LEU A 1 27  ? 5.452   0.244   -14.562 1.00 36.61 ? 27  LEU A CD1   1 
ATOM   193  C CD2   . LEU A 1 27  ? 5.320   0.913   -16.897 1.00 36.46 ? 27  LEU A CD2   1 
ATOM   194  N N     . ARG A 1 28  ? -0.143  0.684   -16.688 1.00 33.96 ? 28  ARG A N     1 
ATOM   195  C CA    . ARG A 1 28  ? -1.502  0.153   -16.650 1.00 34.86 ? 28  ARG A CA    1 
ATOM   196  C C     . ARG A 1 28  ? -1.698  -1.185  -15.946 1.00 33.69 ? 28  ARG A C     1 
ATOM   197  O O     . ARG A 1 28  ? -2.705  -1.321  -15.223 1.00 32.65 ? 28  ARG A O     1 
ATOM   198  C CB    . ARG A 1 28  ? -2.021  -0.055  -18.085 1.00 36.53 ? 28  ARG A CB    1 
ATOM   199  C CG    . ARG A 1 28  ? -2.519  1.122   -18.882 1.00 39.38 ? 28  ARG A CG    1 
ATOM   200  C CD    . ARG A 1 28  ? -2.338  2.490   -18.290 1.00 41.32 ? 28  ARG A CD    1 
ATOM   201  N NE    . ARG A 1 28  ? -1.909  3.456   -19.324 1.00 42.72 ? 28  ARG A NE    1 
ATOM   202  C CZ    . ARG A 1 28  ? -0.572  3.527   -19.612 1.00 43.18 ? 28  ARG A CZ    1 
ATOM   203  N NH1   . ARG A 1 28  ? -0.062  4.433   -20.461 1.00 43.74 ? 28  ARG A NH1   1 
ATOM   204  N NH2   . ARG A 1 28  ? 0.206   2.611   -19.016 1.00 42.39 ? 28  ARG A NH2   1 
ATOM   205  N N     . ASN A 1 29  ? -0.855  -2.162  -16.177 1.00 32.66 ? 29  ASN A N     1 
ATOM   206  C CA    . ASN A 1 29  ? -0.928  -3.477  -15.574 1.00 31.28 ? 29  ASN A CA    1 
ATOM   207  C C     . ASN A 1 29  ? -0.431  -3.532  -14.128 1.00 29.93 ? 29  ASN A C     1 
ATOM   208  O O     . ASN A 1 29  ? -0.802  -4.424  -13.324 1.00 29.33 ? 29  ASN A O     1 
ATOM   209  C CB    . ASN A 1 29  ? -0.052  -4.416  -16.425 1.00 32.66 ? 29  ASN A CB    1 
ATOM   210  C CG    . ASN A 1 29  ? -0.690  -4.958  -17.681 1.00 33.35 ? 29  ASN A CG    1 
ATOM   211  O OD1   . ASN A 1 29  ? -1.922  -4.885  -17.788 1.00 34.89 ? 29  ASN A OD1   1 
ATOM   212  N ND2   . ASN A 1 29  ? 0.158   -5.537  -18.528 1.00 33.69 ? 29  ASN A ND2   1 
ATOM   213  N N     . GLU A 1 30  ? 0.487   -2.629  -13.834 1.00 28.49 ? 30  GLU A N     1 
ATOM   214  C CA    . GLU A 1 30  ? 1.003   -2.542  -12.454 1.00 27.33 ? 30  GLU A CA    1 
ATOM   215  C C     . GLU A 1 30  ? -0.152  -1.949  -11.636 1.00 26.97 ? 30  GLU A C     1 
ATOM   216  O O     . GLU A 1 30  ? -0.395  -2.456  -10.537 1.00 26.52 ? 30  GLU A O     1 
ATOM   217  C CB    . GLU A 1 30  ? 2.251   -1.713  -12.311 1.00 26.41 ? 30  GLU A CB    1 
ATOM   218  C CG    . GLU A 1 30  ? 3.227   -1.886  -11.187 1.00 25.27 ? 30  GLU A CG    1 
ATOM   219  C CD    . GLU A 1 30  ? 2.649   -1.701  -9.813  1.00 24.88 ? 30  GLU A CD    1 
ATOM   220  O OE1   . GLU A 1 30  ? 2.596   -2.432  -8.861  1.00 23.63 ? 30  GLU A OE1   1 
ATOM   221  O OE2   . GLU A 1 30  ? 2.181   -0.568  -9.681  1.00 24.75 ? 30  GLU A OE2   1 
ATOM   222  N N     . PHE A 1 31  ? -0.888  -0.992  -12.091 1.00 27.01 ? 31  PHE A N     1 
ATOM   223  C CA    . PHE A 1 31  ? -2.037  -0.372  -11.443 1.00 26.73 ? 31  PHE A CA    1 
ATOM   224  C C     . PHE A 1 31  ? -3.201  -1.338  -11.330 1.00 26.84 ? 31  PHE A C     1 
ATOM   225  O O     . PHE A 1 31  ? -4.018  -1.175  -10.454 1.00 25.07 ? 31  PHE A O     1 
ATOM   226  C CB    . PHE A 1 31  ? -2.748  0.817   -12.163 1.00 27.17 ? 31  PHE A CB    1 
ATOM   227  C CG    . PHE A 1 31  ? -1.952  2.073   -12.209 1.00 28.38 ? 31  PHE A CG    1 
ATOM   228  C CD1   . PHE A 1 31  ? -1.905  2.882   -13.300 1.00 28.67 ? 31  PHE A CD1   1 
ATOM   229  C CD2   . PHE A 1 31  ? -1.232  2.468   -11.073 1.00 29.04 ? 31  PHE A CD2   1 
ATOM   230  C CE1   . PHE A 1 31  ? -1.161  4.051   -13.329 1.00 29.02 ? 31  PHE A CE1   1 
ATOM   231  C CE2   . PHE A 1 31  ? -0.479  3.640   -11.095 1.00 29.60 ? 31  PHE A CE2   1 
ATOM   232  C CZ    . PHE A 1 31  ? -0.427  4.431   -12.249 1.00 28.96 ? 31  PHE A CZ    1 
ATOM   233  N N     . ARG A 1 32  ? -3.285  -2.230  -12.307 1.00 28.35 ? 32  ARG A N     1 
ATOM   234  C CA    . ARG A 1 32  ? -4.345  -3.265  -12.380 1.00 29.25 ? 32  ARG A CA    1 
ATOM   235  C C     . ARG A 1 32  ? -4.205  -4.242  -11.222 1.00 26.87 ? 32  ARG A C     1 
ATOM   236  O O     . ARG A 1 32  ? -5.089  -4.704  -10.536 1.00 25.82 ? 32  ARG A O     1 
ATOM   237  C CB    . ARG A 1 32  ? -4.230  -3.979  -13.731 1.00 33.26 ? 32  ARG A CB    1 
ATOM   238  C CG    . ARG A 1 32  ? -5.491  -4.656  -14.189 1.00 38.70 ? 32  ARG A CG    1 
ATOM   239  C CD    . ARG A 1 32  ? -5.373  -5.763  -15.239 1.00 43.30 ? 32  ARG A CD    1 
ATOM   240  N NE    . ARG A 1 32  ? -6.607  -6.554  -15.003 1.00 48.08 ? 32  ARG A NE    1 
ATOM   241  C CZ    . ARG A 1 32  ? -7.445  -7.282  -15.752 1.00 50.09 ? 32  ARG A CZ    1 
ATOM   242  N NH1   . ARG A 1 32  ? -8.589  -7.871  -15.271 1.00 50.87 ? 32  ARG A NH1   1 
ATOM   243  N NH2   . ARG A 1 32  ? -7.119  -7.459  -17.051 1.00 51.11 ? 32  ARG A NH2   1 
ATOM   244  N N     . TYR A 1 33  ? -2.974  -4.660  -11.029 1.00 25.77 ? 33  TYR A N     1 
ATOM   245  C CA    . TYR A 1 33  ? -2.498  -5.519  -9.949  1.00 24.57 ? 33  TYR A CA    1 
ATOM   246  C C     . TYR A 1 33  ? -2.733  -4.784  -8.580  1.00 23.75 ? 33  TYR A C     1 
ATOM   247  O O     . TYR A 1 33  ? -3.143  -5.441  -7.611  1.00 24.32 ? 33  TYR A O     1 
ATOM   248  C CB    . TYR A 1 33  ? -0.996  -5.765  -10.146 1.00 24.07 ? 33  TYR A CB    1 
ATOM   249  C CG    . TYR A 1 33  ? -0.276  -6.518  -9.030  1.00 24.84 ? 33  TYR A CG    1 
ATOM   250  C CD1   . TYR A 1 33  ? 0.427   -5.940  -7.982  1.00 24.77 ? 33  TYR A CD1   1 
ATOM   251  C CD2   . TYR A 1 33  ? -0.304  -7.925  -9.066  1.00 24.73 ? 33  TYR A CD2   1 
ATOM   252  C CE1   . TYR A 1 33  ? 1.053   -6.678  -6.958  1.00 24.84 ? 33  TYR A CE1   1 
ATOM   253  C CE2   . TYR A 1 33  ? 0.328   -8.703  -8.099  1.00 24.96 ? 33  TYR A CE2   1 
ATOM   254  C CZ    . TYR A 1 33  ? 0.983   -8.068  -7.052  1.00 25.48 ? 33  TYR A CZ    1 
ATOM   255  O OH    . TYR A 1 33  ? 1.614   -8.924  -6.162  1.00 26.06 ? 33  TYR A OH    1 
ATOM   256  N N     . PHE A 1 34  ? -2.387  -3.497  -8.475  1.00 23.36 ? 34  PHE A N     1 
ATOM   257  C CA    . PHE A 1 34  ? -2.558  -2.740  -7.207  1.00 22.77 ? 34  PHE A CA    1 
ATOM   258  C C     . PHE A 1 34  ? -4.064  -2.715  -6.923  1.00 23.47 ? 34  PHE A C     1 
ATOM   259  O O     . PHE A 1 34  ? -4.530  -3.005  -5.813  1.00 23.18 ? 34  PHE A O     1 
ATOM   260  C CB    . PHE A 1 34  ? -1.880  -1.370  -7.181  1.00 21.83 ? 34  PHE A CB    1 
ATOM   261  C CG    . PHE A 1 34  ? -2.496  -0.381  -6.209  1.00 21.05 ? 34  PHE A CG    1 
ATOM   262  C CD1   . PHE A 1 34  ? -1.995  -0.254  -4.926  1.00 20.73 ? 34  PHE A CD1   1 
ATOM   263  C CD2   . PHE A 1 34  ? -3.578  0.414   -6.597  1.00 21.23 ? 34  PHE A CD2   1 
ATOM   264  C CE1   . PHE A 1 34  ? -2.546  0.617   -3.972  1.00 20.60 ? 34  PHE A CE1   1 
ATOM   265  C CE2   . PHE A 1 34  ? -4.171  1.329   -5.656  1.00 20.60 ? 34  PHE A CE2   1 
ATOM   266  C CZ    . PHE A 1 34  ? -3.646  1.401   -4.370  1.00 20.55 ? 34  PHE A CZ    1 
ATOM   267  N N     . GLN A 1 35  ? -4.863  -2.426  -7.954  1.00 24.49 ? 35  GLN A N     1 
ATOM   268  C CA    . GLN A 1 35  ? -6.322  -2.432  -7.742  1.00 25.77 ? 35  GLN A CA    1 
ATOM   269  C C     . GLN A 1 35  ? -6.876  -3.785  -7.299  1.00 26.98 ? 35  GLN A C     1 
ATOM   270  O O     . GLN A 1 35  ? -7.711  -3.884  -6.351  1.00 27.72 ? 35  GLN A O     1 
ATOM   271  C CB    . GLN A 1 35  ? -7.051  -1.935  -8.951  1.00 26.08 ? 35  GLN A CB    1 
ATOM   272  C CG    . GLN A 1 35  ? -6.666  -0.543  -9.269  1.00 28.78 ? 35  GLN A CG    1 
ATOM   273  C CD    . GLN A 1 35  ? -7.098  0.757   -8.648  1.00 30.40 ? 35  GLN A CD    1 
ATOM   274  O OE1   . GLN A 1 35  ? -7.766  1.107   -7.677  1.00 29.97 ? 35  GLN A OE1   1 
ATOM   275  N NE2   . GLN A 1 35  ? -6.597  1.761   -9.454  1.00 32.17 ? 35  GLN A NE2   1 
ATOM   276  N N     . ARG A 1 36  ? -6.506  -4.867  -7.965  1.00 27.72 ? 36  ARG A N     1 
ATOM   277  C CA    . ARG A 1 36  ? -6.979  -6.224  -7.667  1.00 28.69 ? 36  ARG A CA    1 
ATOM   278  C C     . ARG A 1 36  ? -6.585  -6.688  -6.286  1.00 27.43 ? 36  ARG A C     1 
ATOM   279  O O     . ARG A 1 36  ? -7.413  -7.217  -5.544  1.00 27.12 ? 36  ARG A O     1 
ATOM   280  C CB    . ARG A 1 36  ? -6.493  -7.083  -8.817  1.00 31.22 ? 36  ARG A CB    1 
ATOM   281  C CG    . ARG A 1 36  ? -6.168  -8.553  -8.654  1.00 34.95 ? 36  ARG A CG    1 
ATOM   282  C CD    . ARG A 1 36  ? -5.888  -9.232  -10.006 1.00 36.54 ? 36  ARG A CD    1 
ATOM   283  N NE    . ARG A 1 36  ? -4.451  -9.532  -10.208 1.00 37.96 ? 36  ARG A NE    1 
ATOM   284  C CZ    . ARG A 1 36  ? -3.737  -10.425 -9.480  1.00 38.36 ? 36  ARG A CZ    1 
ATOM   285  N NH1   . ARG A 1 36  ? -4.283  -11.109 -8.456  1.00 38.12 ? 36  ARG A NH1   1 
ATOM   286  N NH2   . ARG A 1 36  ? -2.439  -10.685 -9.793  1.00 37.52 ? 36  ARG A NH2   1 
ATOM   287  N N     . MET A 1 37  ? -5.336  -6.512  -5.914  1.00 26.76 ? 37  MET A N     1 
ATOM   288  C CA    . MET A 1 37  ? -4.766  -6.893  -4.639  1.00 26.69 ? 37  MET A CA    1 
ATOM   289  C C     . MET A 1 37  ? -5.443  -6.150  -3.492  1.00 26.18 ? 37  MET A C     1 
ATOM   290  O O     . MET A 1 37  ? -5.750  -6.787  -2.522  1.00 26.62 ? 37  MET A O     1 
ATOM   291  C CB    . MET A 1 37  ? -3.252  -6.711  -4.552  1.00 27.87 ? 37  MET A CB    1 
ATOM   292  C CG    . MET A 1 37  ? -2.450  -7.597  -5.429  1.00 28.24 ? 37  MET A CG    1 
ATOM   293  S SD    . MET A 1 37  ? -2.672  -9.360  -4.904  1.00 31.73 ? 37  MET A SD    1 
ATOM   294  C CE    . MET A 1 37  ? -1.994  -9.221  -3.277  1.00 28.87 ? 37  MET A CE    1 
ATOM   295  N N     . THR A 1 38  ? -5.696  -4.870  -3.574  1.00 26.21 ? 38  THR A N     1 
ATOM   296  C CA    . THR A 1 38  ? -6.346  -4.106  -2.485  1.00 26.49 ? 38  THR A CA    1 
ATOM   297  C C     . THR A 1 38  ? -7.858  -4.249  -2.423  1.00 27.03 ? 38  THR A C     1 
ATOM   298  O O     . THR A 1 38  ? -8.432  -4.129  -1.343  1.00 27.36 ? 38  THR A O     1 
ATOM   299  C CB    . THR A 1 38  ? -5.894  -2.562  -2.537  1.00 25.53 ? 38  THR A CB    1 
ATOM   300  O OG1   . THR A 1 38  ? -6.316  -1.938  -3.824  1.00 24.52 ? 38  THR A OG1   1 
ATOM   301  C CG2   . THR A 1 38  ? -4.378  -2.591  -2.288  1.00 25.05 ? 38  THR A CG2   1 
ATOM   302  N N     . THR A 1 39  ? -8.468  -4.480  -3.577  1.00 27.92 ? 39  THR A N     1 
ATOM   303  C CA    . THR A 1 39  ? -9.934  -4.530  -3.539  1.00 28.60 ? 39  THR A CA    1 
ATOM   304  C C     . THR A 1 39  ? -10.565 -5.840  -3.144  1.00 29.97 ? 39  THR A C     1 
ATOM   305  O O     . THR A 1 39  ? -11.691 -5.799  -2.587  1.00 29.18 ? 39  THR A O     1 
ATOM   306  C CB    . THR A 1 39  ? -10.482 -4.261  -4.989  1.00 28.52 ? 39  THR A CB    1 
ATOM   307  O OG1   . THR A 1 39  ? -9.894  -3.029  -5.430  1.00 28.96 ? 39  THR A OG1   1 
ATOM   308  C CG2   . THR A 1 39  ? -11.995 -4.255  -4.980  1.00 29.13 ? 39  THR A CG2   1 
ATOM   309  N N     . THR A 1 40  ? -9.877  -6.886  -3.542  1.00 30.34 ? 40  THR A N     1 
ATOM   310  C CA    . THR A 1 40  ? -10.346 -8.249  -3.317  1.00 32.57 ? 40  THR A CA    1 
ATOM   311  C C     . THR A 1 40  ? -10.476 -8.723  -1.911  1.00 33.97 ? 40  THR A C     1 
ATOM   312  O O     . THR A 1 40  ? -9.428  -8.810  -1.267  1.00 33.59 ? 40  THR A O     1 
ATOM   313  C CB    . THR A 1 40  ? -9.379  -9.228  -4.160  1.00 32.06 ? 40  THR A CB    1 
ATOM   314  O OG1   . THR A 1 40  ? -9.713  -8.856  -5.535  1.00 31.59 ? 40  THR A OG1   1 
ATOM   315  C CG2   . THR A 1 40  ? -9.704  -10.687 -3.935  1.00 32.84 ? 40  THR A CG2   1 
ATOM   316  N N     . SER A 1 41  ? -11.659 -9.038  -1.433  1.00 37.32 ? 41  SER A N     1 
ATOM   317  C CA    . SER A 1 41  ? -11.796 -9.540  -0.043  1.00 40.61 ? 41  SER A CA    1 
ATOM   318  C C     . SER A 1 41  ? -11.995 -11.064 -0.045  1.00 43.01 ? 41  SER A C     1 
ATOM   319  O O     . SER A 1 41  ? -12.840 -11.676 -0.759  1.00 45.02 ? 41  SER A O     1 
ATOM   320  C CB    . SER A 1 41  ? -12.833 -8.860  0.844   1.00 40.59 ? 41  SER A CB    1 
ATOM   321  O OG    . SER A 1 41  ? -12.640 -9.334  2.196   1.00 41.16 ? 41  SER A OG    1 
ATOM   322  N N     . SER A 1 42  ? -11.159 -11.668 0.788   1.00 43.97 ? 42  SER A N     1 
ATOM   323  C CA    . SER A 1 42  ? -11.151 -13.115 1.003   1.00 46.43 ? 42  SER A CA    1 
ATOM   324  C C     . SER A 1 42  ? -12.220 -13.537 2.021   1.00 48.32 ? 42  SER A C     1 
ATOM   325  O O     . SER A 1 42  ? -11.925 -14.517 2.749   1.00 49.12 ? 42  SER A O     1 
ATOM   326  C CB    . SER A 1 42  ? -9.787  -13.417 1.675   1.00 46.24 ? 42  SER A CB    1 
ATOM   327  O OG    . SER A 1 42  ? -9.891  -12.565 2.863   1.00 45.22 ? 42  SER A OG    1 
ATOM   328  N N     . VAL A 1 43  ? -13.350 -12.886 2.140   1.00 50.03 ? 43  VAL A N     1 
ATOM   329  C CA    . VAL A 1 43  ? -14.464 -13.065 3.059   1.00 51.23 ? 43  VAL A CA    1 
ATOM   330  C C     . VAL A 1 43  ? -15.642 -12.199 2.571   1.00 52.21 ? 43  VAL A C     1 
ATOM   331  O O     . VAL A 1 43  ? -15.511 -10.954 2.508   1.00 52.00 ? 43  VAL A O     1 
ATOM   332  C CB    . VAL A 1 43  ? -14.105 -12.493 4.465   1.00 51.54 ? 43  VAL A CB    1 
ATOM   333  C CG1   . VAL A 1 43  ? -15.342 -12.310 5.359   1.00 51.50 ? 43  VAL A CG1   1 
ATOM   334  C CG2   . VAL A 1 43  ? -13.045 -13.253 5.237   1.00 51.69 ? 43  VAL A CG2   1 
ATOM   335  N N     . GLU A 1 44  ? -16.774 -12.814 2.295   1.00 53.34 ? 44  GLU A N     1 
ATOM   336  C CA    . GLU A 1 44  ? -17.993 -12.118 1.827   1.00 53.93 ? 44  GLU A CA    1 
ATOM   337  C C     . GLU A 1 44  ? -18.693 -11.147 2.782   1.00 52.89 ? 44  GLU A C     1 
ATOM   338  O O     . GLU A 1 44  ? -18.892 -11.467 3.976   1.00 52.82 ? 44  GLU A O     1 
ATOM   339  C CB    . GLU A 1 44  ? -19.060 -13.146 1.430   1.00 55.40 ? 44  GLU A CB    1 
ATOM   340  C CG    . GLU A 1 44  ? -18.665 -14.063 0.261   1.00 57.68 ? 44  GLU A CG    1 
ATOM   341  C CD    . GLU A 1 44  ? -19.810 -15.011 -0.101  1.00 59.27 ? 44  GLU A CD    1 
ATOM   342  O OE1   . GLU A 1 44  ? -20.465 -15.483 0.849   1.00 59.51 ? 44  GLU A OE1   1 
ATOM   343  O OE2   . GLU A 1 44  ? -19.897 -15.154 -1.376  1.00 60.17 ? 44  GLU A OE2   1 
ATOM   344  N N     . GLY A 1 45  ? -19.075 -9.985  2.218   1.00 51.65 ? 45  GLY A N     1 
ATOM   345  C CA    . GLY A 1 45  ? -19.767 -8.952  3.016   1.00 49.71 ? 45  GLY A CA    1 
ATOM   346  C C     . GLY A 1 45  ? -18.789 -8.098  3.821   1.00 48.51 ? 45  GLY A C     1 
ATOM   347  O O     . GLY A 1 45  ? -19.112 -7.300  4.757   1.00 49.19 ? 45  GLY A O     1 
ATOM   348  N N     . LYS A 1 46  ? -17.516 -8.295  3.495   1.00 46.48 ? 46  LYS A N     1 
ATOM   349  C CA    . LYS A 1 46  ? -16.416 -7.544  4.130   1.00 44.27 ? 46  LYS A CA    1 
ATOM   350  C C     . LYS A 1 46  ? -15.723 -6.807  2.980   1.00 42.41 ? 46  LYS A C     1 
ATOM   351  O O     . LYS A 1 46  ? -15.819 -7.232  1.805   1.00 42.08 ? 46  LYS A O     1 
ATOM   352  C CB    . LYS A 1 46  ? -15.431 -8.365  4.918   1.00 44.72 ? 46  LYS A CB    1 
ATOM   353  C CG    . LYS A 1 46  ? -16.036 -8.584  6.326   1.00 45.05 ? 46  LYS A CG    1 
ATOM   354  C CD    . LYS A 1 46  ? -14.986 -9.278  7.188   1.00 45.72 ? 46  LYS A CD    1 
ATOM   355  C CE    . LYS A 1 46  ? -15.606 -9.762  8.484   1.00 46.47 ? 46  LYS A CE    1 
ATOM   356  N NZ    . LYS A 1 46  ? -14.601 -9.909  9.595   1.00 46.83 ? 46  LYS A NZ    1 
ATOM   357  N N     . GLN A 1 47  ? -15.136 -5.715  3.424   1.00 40.36 ? 47  GLN A N     1 
ATOM   358  C CA    . GLN A 1 47  ? -14.392 -4.812  2.537   1.00 36.90 ? 47  GLN A CA    1 
ATOM   359  C C     . GLN A 1 47  ? -12.969 -4.642  3.054   1.00 33.54 ? 47  GLN A C     1 
ATOM   360  O O     . GLN A 1 47  ? -12.801 -4.819  4.269   1.00 33.26 ? 47  GLN A O     1 
ATOM   361  C CB    . GLN A 1 47  ? -15.139 -3.441  2.512   1.00 38.26 ? 47  GLN A CB    1 
ATOM   362  C CG    . GLN A 1 47  ? -16.022 -3.439  1.289   1.00 39.17 ? 47  GLN A CG    1 
ATOM   363  C CD    . GLN A 1 47  ? -16.544 -2.132  0.794   1.00 40.05 ? 47  GLN A CD    1 
ATOM   364  O OE1   . GLN A 1 47  ? -16.117 -1.013  1.076   1.00 39.66 ? 47  GLN A OE1   1 
ATOM   365  N NE2   . GLN A 1 47  ? -17.565 -2.280  -0.091  1.00 40.68 ? 47  GLN A NE2   1 
ATOM   366  N N     . ASN A 1 48  ? -12.054 -4.307  2.184   1.00 29.30 ? 48  ASN A N     1 
ATOM   367  C CA    . ASN A 1 48  ? -10.659 -4.071  2.628   1.00 26.84 ? 48  ASN A CA    1 
ATOM   368  C C     . ASN A 1 48  ? -10.618 -2.564  2.998   1.00 26.12 ? 48  ASN A C     1 
ATOM   369  O O     . ASN A 1 48  ? -11.349 -1.720  2.413   1.00 25.09 ? 48  ASN A O     1 
ATOM   370  C CB    . ASN A 1 48  ? -9.692  -4.426  1.526   1.00 26.50 ? 48  ASN A CB    1 
ATOM   371  C CG    . ASN A 1 48  ? -9.381  -5.840  1.087   1.00 25.64 ? 48  ASN A CG    1 
ATOM   372  O OD1   . ASN A 1 48  ? -9.679  -6.712  1.878   1.00 25.22 ? 48  ASN A OD1   1 
ATOM   373  N ND2   . ASN A 1 48  ? -8.766  -6.145  -0.043  1.00 26.50 ? 48  ASN A ND2   1 
ATOM   374  N N     . LEU A 1 49  ? -9.800  -2.263  3.963   1.00 25.18 ? 49  LEU A N     1 
ATOM   375  C CA    . LEU A 1 49  ? -9.513  -0.894  4.411   1.00 25.82 ? 49  LEU A CA    1 
ATOM   376  C C     . LEU A 1 49  ? -8.178  -0.444  3.793   1.00 25.53 ? 49  LEU A C     1 
ATOM   377  O O     . LEU A 1 49  ? -7.231  -1.308  3.861   1.00 25.68 ? 49  LEU A O     1 
ATOM   378  C CB    . LEU A 1 49  ? -9.358  -0.828  5.939   1.00 26.10 ? 49  LEU A CB    1 
ATOM   379  C CG    . LEU A 1 49  ? -8.837  0.496   6.508   1.00 26.45 ? 49  LEU A CG    1 
ATOM   380  C CD1   . LEU A 1 49  ? -9.928  1.557   6.343   1.00 25.88 ? 49  LEU A CD1   1 
ATOM   381  C CD2   . LEU A 1 49  ? -8.595  0.173   7.974   1.00 26.16 ? 49  LEU A CD2   1 
ATOM   382  N N     . VAL A 1 50  ? -8.085  0.705   3.185   1.00 24.93 ? 50  VAL A N     1 
ATOM   383  C CA    . VAL A 1 50  ? -6.839  1.200   2.583   1.00 23.93 ? 50  VAL A CA    1 
ATOM   384  C C     . VAL A 1 50  ? -6.400  2.393   3.445   1.00 23.64 ? 50  VAL A C     1 
ATOM   385  O O     . VAL A 1 50  ? -7.230  3.352   3.559   1.00 24.69 ? 50  VAL A O     1 
ATOM   386  C CB    . VAL A 1 50  ? -6.747  1.550   1.095   1.00 23.93 ? 50  VAL A CB    1 
ATOM   387  C CG1   . VAL A 1 50  ? -6.619  0.343   0.147   1.00 23.65 ? 50  VAL A CG1   1 
ATOM   388  C CG2   . VAL A 1 50  ? -7.868  2.374   0.471   1.00 24.12 ? 50  VAL A CG2   1 
ATOM   389  N N     . ILE A 1 51  ? -5.228  2.348   3.992   1.00 22.27 ? 51  ILE A N     1 
ATOM   390  C CA    . ILE A 1 51  ? -4.649  3.401   4.787   1.00 21.61 ? 51  ILE A CA    1 
ATOM   391  C C     . ILE A 1 51  ? -3.557  4.143   4.001   1.00 22.12 ? 51  ILE A C     1 
ATOM   392  O O     . ILE A 1 51  ? -2.705  3.486   3.376   1.00 21.94 ? 51  ILE A O     1 
ATOM   393  C CB    . ILE A 1 51  ? -4.119  2.822   6.114   1.00 22.04 ? 51  ILE A CB    1 
ATOM   394  C CG1   . ILE A 1 51  ? -5.203  2.131   6.979   1.00 22.52 ? 51  ILE A CG1   1 
ATOM   395  C CG2   . ILE A 1 51  ? -3.283  3.855   6.909   1.00 22.03 ? 51  ILE A CG2   1 
ATOM   396  C CD1   . ILE A 1 51  ? -4.640  1.686   8.396   1.00 23.13 ? 51  ILE A CD1   1 
ATOM   397  N N     . MET A 1 52  ? -3.557  5.478   3.927   1.00 21.88 ? 52  MET A N     1 
ATOM   398  C CA    . MET A 1 52  ? -2.521  6.236   3.215   1.00 21.23 ? 52  MET A CA    1 
ATOM   399  C C     . MET A 1 52  ? -2.176  7.572   3.910   1.00 21.47 ? 52  MET A C     1 
ATOM   400  O O     . MET A 1 52  ? -3.059  8.068   4.596   1.00 21.45 ? 52  MET A O     1 
ATOM   401  C CB    . MET A 1 52  ? -2.947  6.591   1.839   1.00 21.55 ? 52  MET A CB    1 
ATOM   402  C CG    . MET A 1 52  ? -4.182  7.367   1.716   1.00 22.46 ? 52  MET A CG    1 
ATOM   403  S SD    . MET A 1 52  ? -4.748  7.058   0.012   1.00 25.95 ? 52  MET A SD    1 
ATOM   404  C CE    . MET A 1 52  ? -6.174  5.978   0.433   1.00 24.57 ? 52  MET A CE    1 
ATOM   405  N N     . GLY A 1 53  ? -1.044  8.180   3.628   1.00 21.07 ? 53  GLY A N     1 
ATOM   406  C CA    . GLY A 1 53  ? -0.744  9.508   4.202   1.00 20.22 ? 53  GLY A CA    1 
ATOM   407  C C     . GLY A 1 53  ? -1.470  10.487  3.298   1.00 20.61 ? 53  GLY A C     1 
ATOM   408  O O     . GLY A 1 53  ? -2.154  10.188  2.306   1.00 19.81 ? 53  GLY A O     1 
ATOM   409  N N     . LYS A 1 54  ? -1.328  11.737  3.693   1.00 21.44 ? 54  LYS A N     1 
ATOM   410  C CA    . LYS A 1 54  ? -1.918  12.916  3.041   1.00 22.95 ? 54  LYS A CA    1 
ATOM   411  C C     . LYS A 1 54  ? -1.366  13.146  1.637   1.00 22.70 ? 54  LYS A C     1 
ATOM   412  O O     . LYS A 1 54  ? -2.085  13.407  0.680   1.00 22.34 ? 54  LYS A O     1 
ATOM   413  C CB    . LYS A 1 54  ? -1.717  14.191  3.913   1.00 22.76 ? 54  LYS A CB    1 
ATOM   414  C CG    . LYS A 1 54  ? -2.452  15.383  3.367   1.00 25.43 ? 54  LYS A CG    1 
ATOM   415  C CD    . LYS A 1 54  ? -2.395  16.613  4.284   1.00 27.95 ? 54  LYS A CD    1 
ATOM   416  C CE    . LYS A 1 54  ? -0.983  16.940  4.703   1.00 29.94 ? 54  LYS A CE    1 
ATOM   417  N NZ    . LYS A 1 54  ? -0.803  18.323  5.242   1.00 32.92 ? 54  LYS A NZ    1 
ATOM   418  N N     . LYS A 1 55  ? -0.056  13.009  1.464   1.00 23.51 ? 55  LYS A N     1 
ATOM   419  C CA    . LYS A 1 55  ? 0.586   13.201  0.167   1.00 24.88 ? 55  LYS A CA    1 
ATOM   420  C C     . LYS A 1 55  ? 0.140   12.095  -0.771  1.00 24.07 ? 55  LYS A C     1 
ATOM   421  O O     . LYS A 1 55  ? -0.089  12.375  -1.943  1.00 24.86 ? 55  LYS A O     1 
ATOM   422  C CB    . LYS A 1 55  ? 2.101   13.325  0.282   1.00 27.42 ? 55  LYS A CB    1 
ATOM   423  C CG    . LYS A 1 55  ? 2.729   14.463  -0.533  1.00 30.11 ? 55  LYS A CG    1 
ATOM   424  C CD    . LYS A 1 55  ? 3.293   14.073  -1.901  1.00 32.19 ? 55  LYS A CD    1 
ATOM   425  C CE    . LYS A 1 55  ? 4.285   15.007  -2.557  1.00 33.28 ? 55  LYS A CE    1 
ATOM   426  N NZ    . LYS A 1 55  ? 5.688   14.527  -2.334  1.00 33.40 ? 55  LYS A NZ    1 
ATOM   427  N N     . THR A 1 56  ? -0.004  10.868  -0.315  1.00 23.57 ? 56  THR A N     1 
ATOM   428  C CA    . THR A 1 56  ? -0.470  9.733   -1.160  1.00 22.60 ? 56  THR A CA    1 
ATOM   429  C C     . THR A 1 56  ? -1.881  9.965   -1.607  1.00 21.74 ? 56  THR A C     1 
ATOM   430  O O     . THR A 1 56  ? -2.139  9.882   -2.826  1.00 22.97 ? 56  THR A O     1 
ATOM   431  C CB    . THR A 1 56  ? -0.258  8.303   -0.525  1.00 21.75 ? 56  THR A CB    1 
ATOM   432  O OG1   . THR A 1 56  ? 1.189   8.300   -0.418  1.00 23.62 ? 56  THR A OG1   1 
ATOM   433  C CG2   . THR A 1 56  ? -0.634  7.109   -1.378  1.00 21.95 ? 56  THR A CG2   1 
ATOM   434  N N     . TRP A 1 57  ? -2.776  10.306  -0.713  1.00 21.25 ? 57  TRP A N     1 
ATOM   435  C CA    . TRP A 1 57  ? -4.154  10.610  -1.149  1.00 20.97 ? 57  TRP A CA    1 
ATOM   436  C C     . TRP A 1 57  ? -4.143  11.666  -2.269  1.00 21.34 ? 57  TRP A C     1 
ATOM   437  O O     . TRP A 1 57  ? -4.756  11.456  -3.333  1.00 21.13 ? 57  TRP A O     1 
ATOM   438  C CB    . TRP A 1 57  ? -4.962  11.030  0.074   1.00 20.76 ? 57  TRP A CB    1 
ATOM   439  C CG    . TRP A 1 57  ? -6.306  11.597  -0.271  1.00 19.72 ? 57  TRP A CG    1 
ATOM   440  C CD1   . TRP A 1 57  ? -6.636  12.918  -0.339  1.00 19.61 ? 57  TRP A CD1   1 
ATOM   441  C CD2   . TRP A 1 57  ? -7.519  10.844  -0.521  1.00 20.00 ? 57  TRP A CD2   1 
ATOM   442  N NE1   . TRP A 1 57  ? -7.969  13.055  -0.718  1.00 19.91 ? 57  TRP A NE1   1 
ATOM   443  C CE2   . TRP A 1 57  ? -8.545  11.782  -0.816  1.00 19.92 ? 57  TRP A CE2   1 
ATOM   444  C CE3   . TRP A 1 57  ? -7.830  9.495   -0.568  1.00 19.84 ? 57  TRP A CE3   1 
ATOM   445  C CZ2   . TRP A 1 57  ? -9.848  11.423  -1.111  1.00 19.35 ? 57  TRP A CZ2   1 
ATOM   446  C CZ3   . TRP A 1 57  ? -9.135  9.147   -0.837  1.00 20.04 ? 57  TRP A CZ3   1 
ATOM   447  C CH2   . TRP A 1 57  ? -10.144 10.083  -1.135  1.00 19.45 ? 57  TRP A CH2   1 
ATOM   448  N N     . PHE A 1 58  ? -3.414  12.762  -2.054  1.00 21.42 ? 58  PHE A N     1 
ATOM   449  C CA    . PHE A 1 58  ? -3.394  13.873  -3.025  1.00 21.58 ? 58  PHE A CA    1 
ATOM   450  C C     . PHE A 1 58  ? -2.644  13.499  -4.289  1.00 23.29 ? 58  PHE A C     1 
ATOM   451  O O     . PHE A 1 58  ? -2.833  14.213  -5.297  1.00 23.47 ? 58  PHE A O     1 
ATOM   452  C CB    . PHE A 1 58  ? -2.940  15.233  -2.461  1.00 20.78 ? 58  PHE A CB    1 
ATOM   453  C CG    . PHE A 1 58  ? -4.096  15.780  -1.662  1.00 19.82 ? 58  PHE A CG    1 
ATOM   454  C CD1   . PHE A 1 58  ? -4.103  15.766  -0.304  1.00 19.18 ? 58  PHE A CD1   1 
ATOM   455  C CD2   . PHE A 1 58  ? -5.217  16.196  -2.374  1.00 19.24 ? 58  PHE A CD2   1 
ATOM   456  C CE1   . PHE A 1 58  ? -5.172  16.226  0.428   1.00 19.62 ? 58  PHE A CE1   1 
ATOM   457  C CE2   . PHE A 1 58  ? -6.316  16.652  -1.623  1.00 18.53 ? 58  PHE A CE2   1 
ATOM   458  C CZ    . PHE A 1 58  ? -6.265  16.717  -0.264  1.00 18.71 ? 58  PHE A CZ    1 
ATOM   459  N N     . SER A 1 59  ? -1.920  12.387  -4.283  1.00 24.29 ? 59  SER A N     1 
ATOM   460  C CA    . SER A 1 59  ? -1.200  11.952  -5.491  1.00 25.33 ? 59  SER A CA    1 
ATOM   461  C C     . SER A 1 59  ? -2.107  11.193  -6.436  1.00 26.61 ? 59  SER A C     1 
ATOM   462  O O     . SER A 1 59  ? -1.716  10.987  -7.629  1.00 27.33 ? 59  SER A O     1 
ATOM   463  C CB    . SER A 1 59  ? 0.058   11.189  -5.045  1.00 25.48 ? 59  SER A CB    1 
ATOM   464  O OG    . SER A 1 59  ? -0.268  9.852   -4.603  1.00 26.09 ? 59  SER A OG    1 
ATOM   465  N N     . ILE A 1 60  ? -3.267  10.675  -6.087  1.00 26.53 ? 60  ILE A N     1 
ATOM   466  C CA    . ILE A 1 60  ? -4.092  9.916   -7.057  1.00 27.78 ? 60  ILE A CA    1 
ATOM   467  C C     . ILE A 1 60  ? -4.996  10.887  -7.812  1.00 29.27 ? 60  ILE A C     1 
ATOM   468  O O     . ILE A 1 60  ? -5.502  11.804  -7.161  1.00 29.29 ? 60  ILE A O     1 
ATOM   469  C CB    . ILE A 1 60  ? -4.973  8.952   -6.163  1.00 26.96 ? 60  ILE A CB    1 
ATOM   470  C CG1   . ILE A 1 60  ? -4.061  8.032   -5.359  1.00 27.43 ? 60  ILE A CG1   1 
ATOM   471  C CG2   . ILE A 1 60  ? -6.075  8.283   -6.995  1.00 26.84 ? 60  ILE A CG2   1 
ATOM   472  C CD1   . ILE A 1 60  ? -4.609  7.570   -3.956  1.00 27.39 ? 60  ILE A CD1   1 
ATOM   473  N N     . PRO A 1 61  ? -5.196  10.760  -9.081  1.00 30.93 ? 61  PRO A N     1 
ATOM   474  C CA    . PRO A 1 61  ? -6.077  11.666  -9.809  1.00 32.39 ? 61  PRO A CA    1 
ATOM   475  C C     . PRO A 1 61  ? -7.408  11.644  -9.051  1.00 34.03 ? 61  PRO A C     1 
ATOM   476  O O     . PRO A 1 61  ? -7.821  10.647  -8.437  1.00 35.12 ? 61  PRO A O     1 
ATOM   477  C CB    . PRO A 1 61  ? -6.178  11.117  -11.213 1.00 32.25 ? 61  PRO A CB    1 
ATOM   478  C CG    . PRO A 1 61  ? -5.011  10.164  -11.341 1.00 32.08 ? 61  PRO A CG    1 
ATOM   479  C CD    . PRO A 1 61  ? -4.621  9.703   -9.939  1.00 31.35 ? 61  PRO A CD    1 
ATOM   480  N N     . GLU A 1 62  ? -8.043  12.799  -9.078  1.00 36.18 ? 62  GLU A N     1 
ATOM   481  C CA    . GLU A 1 62  ? -9.341  13.075  -8.449  1.00 37.58 ? 62  GLU A CA    1 
ATOM   482  C C     . GLU A 1 62  ? -10.370 12.086  -8.942  1.00 37.41 ? 62  GLU A C     1 
ATOM   483  O O     . GLU A 1 62  ? -11.130 11.504  -8.163  1.00 36.79 ? 62  GLU A O     1 
ATOM   484  C CB    . GLU A 1 62  ? -9.758  14.508  -8.735  1.00 39.54 ? 62  GLU A CB    1 
ATOM   485  C CG    . GLU A 1 62  ? -10.143 15.339  -7.504  1.00 42.61 ? 62  GLU A CG    1 
ATOM   486  C CD    . GLU A 1 62  ? -10.197 16.840  -7.745  1.00 44.40 ? 62  GLU A CD    1 
ATOM   487  O OE1   . GLU A 1 62  ? -9.245  17.422  -8.266  1.00 45.27 ? 62  GLU A OE1   1 
ATOM   488  O OE2   . GLU A 1 62  ? -11.298 17.338  -7.361  1.00 45.56 ? 62  GLU A OE2   1 
ATOM   489  N N     . LYS A 1 63  ? -10.398 11.841  -10.239 1.00 38.13 ? 63  LYS A N     1 
ATOM   490  C CA    . LYS A 1 63  ? -11.366 10.893  -10.807 1.00 38.75 ? 63  LYS A CA    1 
ATOM   491  C C     . LYS A 1 63  ? -11.225 9.530   -10.183 1.00 38.44 ? 63  LYS A C     1 
ATOM   492  O O     . LYS A 1 63  ? -12.186 8.747   -10.087 1.00 38.71 ? 63  LYS A O     1 
ATOM   493  C CB    . LYS A 1 63  ? -11.087 10.828  -12.303 1.00 40.44 ? 63  LYS A CB    1 
ATOM   494  C CG    . LYS A 1 63  ? -9.546  10.821  -12.512 1.00 42.35 ? 63  LYS A CG    1 
ATOM   495  C CD    . LYS A 1 63  ? -9.119  9.424   -13.025 1.00 43.82 ? 63  LYS A CD    1 
ATOM   496  C CE    . LYS A 1 63  ? -9.417  9.109   -14.489 1.00 44.38 ? 63  LYS A CE    1 
ATOM   497  N NZ    . LYS A 1 63  ? -10.771 8.482   -14.606 1.00 45.35 ? 63  LYS A NZ    1 
ATOM   498  N N     . ASN A 1 64  ? -10.041 9.163   -9.765  1.00 37.93 ? 64  ASN A N     1 
ATOM   499  C CA    . ASN A 1 64  ? -9.803  7.831   -9.142  1.00 37.89 ? 64  ASN A CA    1 
ATOM   500  C C     . ASN A 1 64  ? -9.915  7.901   -7.627  1.00 36.46 ? 64  ASN A C     1 
ATOM   501  O O     . ASN A 1 64  ? -9.450  6.885   -7.064  1.00 37.38 ? 64  ASN A O     1 
ATOM   502  C CB    . ASN A 1 64  ? -8.409  7.270   -9.526  1.00 38.97 ? 64  ASN A CB    1 
ATOM   503  C CG    . ASN A 1 64  ? -8.375  7.238   -11.054 1.00 39.88 ? 64  ASN A CG    1 
ATOM   504  O OD1   . ASN A 1 64  ? -9.423  6.755   -11.537 1.00 41.06 ? 64  ASN A OD1   1 
ATOM   505  N ND2   . ASN A 1 64  ? -7.366  7.764   -11.725 1.00 40.11 ? 64  ASN A ND2   1 
ATOM   506  N N     . ARG A 1 65  ? -10.398 8.983   -7.072  1.00 34.24 ? 65  ARG A N     1 
ATOM   507  C CA    . ARG A 1 65  ? -10.540 9.205   -5.649  1.00 31.87 ? 65  ARG A CA    1 
ATOM   508  C C     . ARG A 1 65  ? -11.999 9.288   -5.208  1.00 30.30 ? 65  ARG A C     1 
ATOM   509  O O     . ARG A 1 65  ? -12.750 10.058  -5.818  1.00 31.13 ? 65  ARG A O     1 
ATOM   510  C CB    . ARG A 1 65  ? -9.897  10.513  -5.178  1.00 31.29 ? 65  ARG A CB    1 
ATOM   511  C CG    . ARG A 1 65  ? -8.554  10.278  -4.581  1.00 30.97 ? 65  ARG A CG    1 
ATOM   512  C CD    . ARG A 1 65  ? -7.737  11.524  -4.669  1.00 31.57 ? 65  ARG A CD    1 
ATOM   513  N NE    . ARG A 1 65  ? -8.345  12.803  -4.386  1.00 31.41 ? 65  ARG A NE    1 
ATOM   514  C CZ    . ARG A 1 65  ? -7.831  13.955  -4.845  1.00 30.96 ? 65  ARG A CZ    1 
ATOM   515  N NH1   . ARG A 1 65  ? -8.358  15.135  -4.550  1.00 31.83 ? 65  ARG A NH1   1 
ATOM   516  N NH2   . ARG A 1 65  ? -6.775  13.991  -5.617  1.00 30.53 ? 65  ARG A NH2   1 
ATOM   517  N N     . PRO A 1 66  ? -12.434 8.523   -4.204  1.00 28.27 ? 66  PRO A N     1 
ATOM   518  C CA    . PRO A 1 66  ? -11.679 7.534   -3.428  1.00 26.59 ? 66  PRO A CA    1 
ATOM   519  C C     . PRO A 1 66  ? -11.487 6.217   -4.145  1.00 24.97 ? 66  PRO A C     1 
ATOM   520  O O     . PRO A 1 66  ? -12.241 5.940   -5.084  1.00 24.81 ? 66  PRO A O     1 
ATOM   521  C CB    . PRO A 1 66  ? -12.569 7.436   -2.160  1.00 26.26 ? 66  PRO A CB    1 
ATOM   522  C CG    . PRO A 1 66  ? -13.974 7.499   -2.739  1.00 27.31 ? 66  PRO A CG    1 
ATOM   523  C CD    . PRO A 1 66  ? -13.862 8.598   -3.797  1.00 27.85 ? 66  PRO A CD    1 
ATOM   524  N N     . LEU A 1 67  ? -10.550 5.381   -3.742  1.00 24.45 ? 67  LEU A N     1 
ATOM   525  C CA    . LEU A 1 67  ? -10.412 4.053   -4.471  1.00 24.30 ? 67  LEU A CA    1 
ATOM   526  C C     . LEU A 1 67  ? -11.710 3.307   -4.263  1.00 24.71 ? 67  LEU A C     1 
ATOM   527  O O     . LEU A 1 67  ? -12.077 3.039   -3.093  1.00 24.74 ? 67  LEU A O     1 
ATOM   528  C CB    . LEU A 1 67  ? -9.185  3.321   -3.962  1.00 23.82 ? 67  LEU A CB    1 
ATOM   529  C CG    . LEU A 1 67  ? -7.892  4.118   -3.998  1.00 23.88 ? 67  LEU A CG    1 
ATOM   530  C CD1   . LEU A 1 67  ? -6.901  3.403   -3.052  1.00 23.28 ? 67  LEU A CD1   1 
ATOM   531  C CD2   . LEU A 1 67  ? -7.434  4.272   -5.425  1.00 22.63 ? 67  LEU A CD2   1 
ATOM   532  N N     . LYS A 1 68  ? -12.435 2.969   -5.307  1.00 26.63 ? 68  LYS A N     1 
ATOM   533  C CA    . LYS A 1 68  ? -13.721 2.298   -5.183  1.00 28.38 ? 68  LYS A CA    1 
ATOM   534  C C     . LYS A 1 68  ? -13.624 0.832   -4.670  1.00 29.08 ? 68  LYS A C     1 
ATOM   535  O O     . LYS A 1 68  ? -12.651 0.105   -5.019  1.00 28.76 ? 68  LYS A O     1 
ATOM   536  C CB    . LYS A 1 68  ? -14.589 2.168   -6.383  1.00 30.76 ? 68  LYS A CB    1 
ATOM   537  C CG    . LYS A 1 68  ? -14.823 3.050   -7.570  1.00 33.12 ? 68  LYS A CG    1 
ATOM   538  C CD    . LYS A 1 68  ? -13.931 2.609   -8.763  1.00 35.04 ? 68  LYS A CD    1 
ATOM   539  C CE    . LYS A 1 68  ? -14.473 3.307   -10.018 1.00 36.48 ? 68  LYS A CE    1 
ATOM   540  N NZ    . LYS A 1 68  ? -15.132 4.596   -9.550  1.00 36.71 ? 68  LYS A NZ    1 
ATOM   541  N N     . GLY A 1 69  ? -14.647 0.521   -3.862  1.00 28.14 ? 69  GLY A N     1 
ATOM   542  C CA    . GLY A 1 69  ? -14.804 -0.793  -3.268  1.00 28.32 ? 69  GLY A CA    1 
ATOM   543  C C     . GLY A 1 69  ? -14.023 -1.046  -2.004  1.00 28.00 ? 69  GLY A C     1 
ATOM   544  O O     . GLY A 1 69  ? -14.079 -2.177  -1.470  1.00 29.60 ? 69  GLY A O     1 
ATOM   545  N N     . ARG A 1 70  ? -13.295 -0.075  -1.525  1.00 26.88 ? 70  ARG A N     1 
ATOM   546  C CA    . ARG A 1 70  ? -12.443 -0.128  -0.341  1.00 25.99 ? 70  ARG A CA    1 
ATOM   547  C C     . ARG A 1 70  ? -12.763 1.027   0.616   1.00 26.29 ? 70  ARG A C     1 
ATOM   548  O O     . ARG A 1 70  ? -13.311 2.079   0.200   1.00 26.37 ? 70  ARG A O     1 
ATOM   549  C CB    . ARG A 1 70  ? -11.008 0.024   -0.874  1.00 25.86 ? 70  ARG A CB    1 
ATOM   550  C CG    . ARG A 1 70  ? -10.584 -1.108  -1.785  1.00 25.30 ? 70  ARG A CG    1 
ATOM   551  C CD    . ARG A 1 70  ? -9.474  -0.766  -2.745  1.00 25.81 ? 70  ARG A CD    1 
ATOM   552  N NE    . ARG A 1 70  ? -9.969  -0.306  -4.007  1.00 25.97 ? 70  ARG A NE    1 
ATOM   553  C CZ    . ARG A 1 70  ? -9.245  0.054   -5.035  1.00 26.05 ? 70  ARG A CZ    1 
ATOM   554  N NH1   . ARG A 1 70  ? -7.933  -0.033  -5.135  1.00 25.91 ? 70  ARG A NH1   1 
ATOM   555  N NH2   . ARG A 1 70  ? -10.006 0.639   -5.949  1.00 26.88 ? 70  ARG A NH2   1 
ATOM   556  N N     . ILE A 1 71  ? -12.431 0.787   1.885   1.00 25.87 ? 71  ILE A N     1 
ATOM   557  C CA    . ILE A 1 71  ? -12.694 1.858   2.875   1.00 25.80 ? 71  ILE A CA    1 
ATOM   558  C C     . ILE A 1 71  ? -11.468 2.744   2.809   1.00 25.37 ? 71  ILE A C     1 
ATOM   559  O O     . ILE A 1 71  ? -10.391 2.160   2.999   1.00 25.93 ? 71  ILE A O     1 
ATOM   560  C CB    . ILE A 1 71  ? -13.147 1.392   4.292   1.00 25.80 ? 71  ILE A CB    1 
ATOM   561  C CG1   . ILE A 1 71  ? -14.450 0.515   4.196   1.00 26.76 ? 71  ILE A CG1   1 
ATOM   562  C CG2   . ILE A 1 71  ? -13.327 2.615   5.203   1.00 25.33 ? 71  ILE A CG2   1 
ATOM   563  C CD1   . ILE A 1 71  ? -14.628 -0.387  5.444   1.00 27.36 ? 71  ILE A CD1   1 
ATOM   564  N N     . ASN A 1 72  ? -11.567 4.054   2.560   1.00 25.10 ? 72  ASN A N     1 
ATOM   565  C CA    . ASN A 1 72  ? -10.314 4.848   2.464   1.00 23.92 ? 72  ASN A CA    1 
ATOM   566  C C     . ASN A 1 72  ? -10.033 5.590   3.742   1.00 23.72 ? 72  ASN A C     1 
ATOM   567  O O     . ASN A 1 72  ? -10.909 6.338   4.182   1.00 24.36 ? 72  ASN A O     1 
ATOM   568  C CB    . ASN A 1 72  ? -10.321 5.804   1.294   1.00 23.45 ? 72  ASN A CB    1 
ATOM   569  C CG    . ASN A 1 72  ? -10.462 5.257   -0.087  1.00 23.54 ? 72  ASN A CG    1 
ATOM   570  O OD1   . ASN A 1 72  ? -9.810  5.785   -0.986  1.00 23.33 ? 72  ASN A OD1   1 
ATOM   571  N ND2   . ASN A 1 72  ? -11.232 4.223   -0.406  1.00 24.13 ? 72  ASN A ND2   1 
ATOM   572  N N     . LEU A 1 73  ? -8.884  5.504   4.319   1.00 23.41 ? 73  LEU A N     1 
ATOM   573  C CA    . LEU A 1 73  ? -8.578  6.233   5.557   1.00 22.89 ? 73  LEU A CA    1 
ATOM   574  C C     . LEU A 1 73  ? -7.295  7.006   5.280   1.00 23.10 ? 73  LEU A C     1 
ATOM   575  O O     . LEU A 1 73  ? -6.377  6.312   4.740   1.00 23.01 ? 73  LEU A O     1 
ATOM   576  C CB    . LEU A 1 73  ? -8.409  5.198   6.661   1.00 23.26 ? 73  LEU A CB    1 
ATOM   577  C CG    . LEU A 1 73  ? -8.225  5.653   8.095   1.00 23.43 ? 73  LEU A CG    1 
ATOM   578  C CD1   . LEU A 1 73  ? -8.751  4.551   9.013   1.00 23.40 ? 73  LEU A CD1   1 
ATOM   579  C CD2   . LEU A 1 73  ? -6.750  5.920   8.365   1.00 22.88 ? 73  LEU A CD2   1 
ATOM   580  N N     . VAL A 1 74  ? -7.290  8.276   5.628   1.00 23.22 ? 74  VAL A N     1 
ATOM   581  C CA    . VAL A 1 74  ? -6.142  9.174   5.479   1.00 23.08 ? 74  VAL A CA    1 
ATOM   582  C C     . VAL A 1 74  ? -5.569  9.386   6.871   1.00 25.01 ? 74  VAL A C     1 
ATOM   583  O O     . VAL A 1 74  ? -6.258  9.509   7.927   1.00 26.55 ? 74  VAL A O     1 
ATOM   584  C CB    . VAL A 1 74  ? -6.481  10.462  4.723   1.00 21.86 ? 74  VAL A CB    1 
ATOM   585  C CG1   . VAL A 1 74  ? -5.297  11.337  4.364   1.00 21.37 ? 74  VAL A CG1   1 
ATOM   586  C CG2   . VAL A 1 74  ? -7.273  10.236  3.434   1.00 21.59 ? 74  VAL A CG2   1 
ATOM   587  N N     . LEU A 1 75  ? -4.253  9.359   6.921   1.00 26.62 ? 75  LEU A N     1 
ATOM   588  C CA    . LEU A 1 75  ? -3.422  9.528   8.078   1.00 28.56 ? 75  LEU A CA    1 
ATOM   589  C C     . LEU A 1 75  ? -2.805  10.942  7.908   1.00 30.21 ? 75  LEU A C     1 
ATOM   590  O O     . LEU A 1 75  ? -2.012  11.123  6.993   1.00 31.51 ? 75  LEU A O     1 
ATOM   591  C CB    . LEU A 1 75  ? -2.317  8.527   8.312   1.00 28.25 ? 75  LEU A CB    1 
ATOM   592  C CG    . LEU A 1 75  ? -2.528  7.116   8.795   1.00 28.20 ? 75  LEU A CG    1 
ATOM   593  C CD1   . LEU A 1 75  ? -1.179  6.442   8.894   1.00 28.20 ? 75  LEU A CD1   1 
ATOM   594  C CD2   . LEU A 1 75  ? -3.153  7.033   10.165  1.00 28.15 ? 75  LEU A CD2   1 
ATOM   595  N N     . SER A 1 76  ? -3.180  11.781  8.852   1.00 31.66 ? 76  SER A N     1 
ATOM   596  C CA    . SER A 1 76  ? -2.717  13.151  8.948   1.00 33.35 ? 76  SER A CA    1 
ATOM   597  C C     . SER A 1 76  ? -2.744  13.715  10.372  1.00 34.99 ? 76  SER A C     1 
ATOM   598  O O     . SER A 1 76  ? -3.564  13.373  11.250  1.00 35.16 ? 76  SER A O     1 
ATOM   599  C CB    . SER A 1 76  ? -3.661  14.006  8.100   1.00 32.87 ? 76  SER A CB    1 
ATOM   600  O OG    . SER A 1 76  ? -3.093  15.307  8.089   1.00 34.65 ? 76  SER A OG    1 
ATOM   601  N N     . ARG A 1 77  ? -1.801  14.651  10.593  1.00 37.30 ? 77  ARG A N     1 
ATOM   602  C CA    . ARG A 1 77  ? -1.815  15.269  11.944  1.00 39.38 ? 77  ARG A CA    1 
ATOM   603  C C     . ARG A 1 77  ? -2.363  16.698  11.861  1.00 39.22 ? 77  ARG A C     1 
ATOM   604  O O     . ARG A 1 77  ? -2.820  17.184  12.922  1.00 40.09 ? 77  ARG A O     1 
ATOM   605  C CB    . ARG A 1 77  ? -0.497  15.243  12.680  1.00 41.45 ? 77  ARG A CB    1 
ATOM   606  C CG    . ARG A 1 77  ? -0.405  14.109  13.713  1.00 43.93 ? 77  ARG A CG    1 
ATOM   607  C CD    . ARG A 1 77  ? 0.810   13.344  13.291  1.00 46.33 ? 77  ARG A CD    1 
ATOM   608  N NE    . ARG A 1 77  ? 1.562   12.827  14.413  1.00 48.94 ? 77  ARG A NE    1 
ATOM   609  C CZ    . ARG A 1 77  ? 2.636   13.507  14.889  1.00 50.54 ? 77  ARG A CZ    1 
ATOM   610  N NH1   . ARG A 1 77  ? 2.956   14.684  14.321  1.00 51.33 ? 77  ARG A NH1   1 
ATOM   611  N NH2   . ARG A 1 77  ? 3.394   13.018  15.893  1.00 50.95 ? 77  ARG A NH2   1 
ATOM   612  N N     . GLU A 1 78  ? -2.313  17.334  10.728  1.00 38.93 ? 78  GLU A N     1 
ATOM   613  C CA    . GLU A 1 78  ? -2.778  18.687  10.544  1.00 39.00 ? 78  GLU A CA    1 
ATOM   614  C C     . GLU A 1 78  ? -4.230  18.810  10.115  1.00 38.12 ? 78  GLU A C     1 
ATOM   615  O O     . GLU A 1 78  ? -4.740  19.910  10.410  1.00 38.39 ? 78  GLU A O     1 
ATOM   616  C CB    . GLU A 1 78  ? -2.101  19.341  9.318   1.00 40.36 ? 78  GLU A CB    1 
ATOM   617  C CG    . GLU A 1 78  ? -0.619  19.312  9.190   1.00 41.94 ? 78  GLU A CG    1 
ATOM   618  C CD    . GLU A 1 78  ? 0.081   20.312  8.304   1.00 43.67 ? 78  GLU A CD    1 
ATOM   619  O OE1   . GLU A 1 78  ? -0.043  20.687  7.130   1.00 41.80 ? 78  GLU A OE1   1 
ATOM   620  O OE2   . GLU A 1 78  ? 1.006   20.845  9.068   1.00 45.60 ? 78  GLU A OE2   1 
ATOM   621  N N     . LEU A 1 79  ? -4.765  17.800  9.447   1.00 36.84 ? 79  LEU A N     1 
ATOM   622  C CA    . LEU A 1 79  ? -6.143  17.817  8.925   1.00 36.00 ? 79  LEU A CA    1 
ATOM   623  C C     . LEU A 1 79  ? -7.168  17.671  10.069  1.00 35.60 ? 79  LEU A C     1 
ATOM   624  O O     . LEU A 1 79  ? -6.909  16.812  10.898  1.00 35.96 ? 79  LEU A O     1 
ATOM   625  C CB    . LEU A 1 79  ? -6.317  16.718  7.873   1.00 35.65 ? 79  LEU A CB    1 
ATOM   626  C CG    . LEU A 1 79  ? -5.610  16.712  6.546   1.00 35.89 ? 79  LEU A CG    1 
ATOM   627  C CD1   . LEU A 1 79  ? -6.013  15.527  5.658   1.00 35.21 ? 79  LEU A CD1   1 
ATOM   628  C CD2   . LEU A 1 79  ? -5.992  17.987  5.794   1.00 36.18 ? 79  LEU A CD2   1 
ATOM   629  N N     . LYS A 1 80  ? -8.247  18.402  10.092  1.00 35.39 ? 80  LYS A N     1 
ATOM   630  C CA    . LYS A 1 80  ? -9.299  18.374  11.091  1.00 35.53 ? 80  LYS A CA    1 
ATOM   631  C C     . LYS A 1 80  ? -10.409 17.424  10.668  1.00 34.01 ? 80  LYS A C     1 
ATOM   632  O O     . LYS A 1 80  ? -11.106 16.806  11.479  1.00 34.14 ? 80  LYS A O     1 
ATOM   633  C CB    . LYS A 1 80  ? -9.872  19.756  11.386  1.00 37.80 ? 80  LYS A CB    1 
ATOM   634  C CG    . LYS A 1 80  ? -8.861  20.890  11.608  1.00 39.84 ? 80  LYS A CG    1 
ATOM   635  C CD    . LYS A 1 80  ? -8.286  20.857  13.031  1.00 41.51 ? 80  LYS A CD    1 
ATOM   636  C CE    . LYS A 1 80  ? -7.308  22.004  13.303  1.00 43.07 ? 80  LYS A CE    1 
ATOM   637  N NZ    . LYS A 1 80  ? -7.348  22.455  14.761  1.00 43.81 ? 80  LYS A NZ    1 
ATOM   638  N N     . GLU A 1 81  ? -10.558 17.273  9.383   1.00 32.72 ? 81  GLU A N     1 
ATOM   639  C CA    . GLU A 1 81  ? -11.504 16.315  8.811   1.00 31.82 ? 81  GLU A CA    1 
ATOM   640  C C     . GLU A 1 81  ? -10.895 15.631  7.602   1.00 30.94 ? 81  GLU A C     1 
ATOM   641  O O     . GLU A 1 81  ? -9.956  16.180  7.008   1.00 30.43 ? 81  GLU A O     1 
ATOM   642  C CB    . GLU A 1 81  ? -12.762 17.071  8.410   1.00 32.25 ? 81  GLU A CB    1 
ATOM   643  C CG    . GLU A 1 81  ? -12.719 18.270  7.500   1.00 32.46 ? 81  GLU A CG    1 
ATOM   644  C CD    . GLU A 1 81  ? -14.103 18.802  7.408   1.00 33.42 ? 81  GLU A CD    1 
ATOM   645  O OE1   . GLU A 1 81  ? -15.111 18.169  7.191   1.00 34.74 ? 81  GLU A OE1   1 
ATOM   646  O OE2   . GLU A 1 81  ? -14.128 19.998  7.694   1.00 34.66 ? 81  GLU A OE2   1 
ATOM   647  N N     . PRO A 1 82  ? -11.475 14.470  7.232   1.00 30.38 ? 82  PRO A N     1 
ATOM   648  C CA    . PRO A 1 82  ? -11.002 13.758  6.059   1.00 29.98 ? 82  PRO A CA    1 
ATOM   649  C C     . PRO A 1 82  ? -11.081 14.649  4.823   1.00 30.00 ? 82  PRO A C     1 
ATOM   650  O O     . PRO A 1 82  ? -12.068 15.385  4.746   1.00 30.25 ? 82  PRO A O     1 
ATOM   651  C CB    . PRO A 1 82  ? -12.157 12.735  5.818   1.00 30.15 ? 82  PRO A CB    1 
ATOM   652  C CG    . PRO A 1 82  ? -12.881 12.525  7.095   1.00 29.69 ? 82  PRO A CG    1 
ATOM   653  C CD    . PRO A 1 82  ? -12.576 13.785  7.889   1.00 29.92 ? 82  PRO A CD    1 
ATOM   654  N N     . PRO A 1 83  ? -10.186 14.520  3.862   1.00 29.79 ? 83  PRO A N     1 
ATOM   655  C CA    . PRO A 1 83  ? -10.281 15.302  2.606   1.00 28.80 ? 83  PRO A CA    1 
ATOM   656  C C     . PRO A 1 83  ? -11.603 14.997  1.978   1.00 29.51 ? 83  PRO A C     1 
ATOM   657  O O     . PRO A 1 83  ? -12.245 13.986  2.345   1.00 30.29 ? 83  PRO A O     1 
ATOM   658  C CB    . PRO A 1 83  ? -9.229  14.630  1.735   1.00 28.55 ? 83  PRO A CB    1 
ATOM   659  C CG    . PRO A 1 83  ? -8.214  14.303  2.787   1.00 28.74 ? 83  PRO A CG    1 
ATOM   660  C CD    . PRO A 1 83  ? -8.998  13.647  3.924   1.00 28.57 ? 83  PRO A CD    1 
ATOM   661  N N     . GLN A 1 84  ? -11.996 15.822  1.024   1.00 30.60 ? 84  GLN A N     1 
ATOM   662  C CA    . GLN A 1 84  ? -13.273 15.498  0.367   1.00 30.85 ? 84  GLN A CA    1 
ATOM   663  C C     . GLN A 1 84  ? -13.043 14.130  -0.369  1.00 30.27 ? 84  GLN A C     1 
ATOM   664  O O     . GLN A 1 84  ? -12.042 14.004  -1.096  1.00 30.13 ? 84  GLN A O     1 
ATOM   665  C CB    . GLN A 1 84  ? -13.640 16.551  -0.661  1.00 31.97 ? 84  GLN A CB    1 
ATOM   666  C CG    . GLN A 1 84  ? -14.318 15.906  -1.864  1.00 34.38 ? 84  GLN A CG    1 
ATOM   667  C CD    . GLN A 1 84  ? -15.052 17.002  -2.622  1.00 36.49 ? 84  GLN A CD    1 
ATOM   668  O OE1   . GLN A 1 84  ? -14.369 17.741  -3.366  1.00 37.34 ? 84  GLN A OE1   1 
ATOM   669  N NE2   . GLN A 1 84  ? -16.351 17.030  -2.323  1.00 36.89 ? 84  GLN A NE2   1 
ATOM   670  N N     . GLY A 1 85  ? -14.060 13.259  -0.263  1.00 29.18 ? 85  GLY A N     1 
ATOM   671  C CA    . GLY A 1 85  ? -14.001 11.958  -0.975  1.00 27.75 ? 85  GLY A CA    1 
ATOM   672  C C     . GLY A 1 85  ? -13.536 10.879  -0.009  1.00 27.16 ? 85  GLY A C     1 
ATOM   673  O O     . GLY A 1 85  ? -13.989 9.760   -0.261  1.00 28.75 ? 85  GLY A O     1 
ATOM   674  N N     . ALA A 1 86  ? -12.728 11.163  0.982   1.00 25.33 ? 86  ALA A N     1 
ATOM   675  C CA    . ALA A 1 86  ? -12.235 10.251  1.956   1.00 25.41 ? 86  ALA A CA    1 
ATOM   676  C C     . ALA A 1 86  ? -13.314 9.898   2.980   1.00 26.31 ? 86  ALA A C     1 
ATOM   677  O O     . ALA A 1 86  ? -14.357 10.569  3.152   1.00 27.70 ? 86  ALA A O     1 
ATOM   678  C CB    . ALA A 1 86  ? -10.952 10.712  2.607   1.00 24.91 ? 86  ALA A CB    1 
ATOM   679  N N     . HIS A 1 87  ? -13.101 8.775   3.663   1.00 25.79 ? 87  HIS A N     1 
ATOM   680  C CA    . HIS A 1 87  ? -14.015 8.253   4.645   1.00 25.62 ? 87  HIS A CA    1 
ATOM   681  C C     . HIS A 1 87  ? -13.477 8.367   6.047   1.00 25.58 ? 87  HIS A C     1 
ATOM   682  O O     . HIS A 1 87  ? -14.452 8.507   6.799   1.00 27.43 ? 87  HIS A O     1 
ATOM   683  C CB    . HIS A 1 87  ? -14.456 6.748   4.503   1.00 25.76 ? 87  HIS A CB    1 
ATOM   684  C CG    . HIS A 1 87  ? -14.781 6.316   3.111   1.00 24.89 ? 87  HIS A CG    1 
ATOM   685  N ND1   . HIS A 1 87  ? -15.789 6.863   2.342   1.00 24.75 ? 87  HIS A ND1   1 
ATOM   686  C CD2   . HIS A 1 87  ? -14.163 5.401   2.340   1.00 24.60 ? 87  HIS A CD2   1 
ATOM   687  C CE1   . HIS A 1 87  ? -15.810 6.370   1.133   1.00 23.96 ? 87  HIS A CE1   1 
ATOM   688  N NE2   . HIS A 1 87  ? -14.833 5.482   1.135   1.00 25.14 ? 87  HIS A NE2   1 
ATOM   689  N N     . PHE A 1 88  ? -12.233 8.330   6.377   1.00 24.78 ? 88  PHE A N     1 
ATOM   690  C CA    . PHE A 1 88  ? -11.871 8.323   7.801   1.00 25.61 ? 88  PHE A CA    1 
ATOM   691  C C     . PHE A 1 88  ? -10.550 9.051   7.801   1.00 25.78 ? 88  PHE A C     1 
ATOM   692  O O     . PHE A 1 88  ? -9.990  9.033   6.753   1.00 23.81 ? 88  PHE A O     1 
ATOM   693  C CB    . PHE A 1 88  ? -11.814 6.896   8.383   1.00 26.00 ? 88  PHE A CB    1 
ATOM   694  C CG    . PHE A 1 88  ? -13.172 6.217   8.514   1.00 25.77 ? 88  PHE A CG    1 
ATOM   695  C CD1   . PHE A 1 88  ? -13.985 6.535   9.622   1.00 25.44 ? 88  PHE A CD1   1 
ATOM   696  C CD2   . PHE A 1 88  ? -13.639 5.250   7.629   1.00 26.04 ? 88  PHE A CD2   1 
ATOM   697  C CE1   . PHE A 1 88  ? -15.237 5.941   9.759   1.00 25.25 ? 88  PHE A CE1   1 
ATOM   698  C CE2   . PHE A 1 88  ? -14.904 4.678   7.727   1.00 25.07 ? 88  PHE A CE2   1 
ATOM   699  C CZ    . PHE A 1 88  ? -15.703 5.033   8.827   1.00 24.53 ? 88  PHE A CZ    1 
ATOM   700  N N     . LEU A 1 89  ? -10.297 9.625   8.954   1.00 27.43 ? 89  LEU A N     1 
ATOM   701  C CA    . LEU A 1 89  ? -9.057  10.358  9.149   1.00 27.87 ? 89  LEU A CA    1 
ATOM   702  C C     . LEU A 1 89  ? -8.538  9.857   10.471  1.00 29.20 ? 89  LEU A C     1 
ATOM   703  O O     . LEU A 1 89  ? -9.418  9.749   11.362  1.00 30.74 ? 89  LEU A O     1 
ATOM   704  C CB    . LEU A 1 89  ? -9.298  11.878  9.002   1.00 27.79 ? 89  LEU A CB    1 
ATOM   705  C CG    . LEU A 1 89  ? -8.187  12.743  9.608   1.00 27.36 ? 89  LEU A CG    1 
ATOM   706  C CD1   . LEU A 1 89  ? -7.104  12.998  8.574   1.00 27.58 ? 89  LEU A CD1   1 
ATOM   707  C CD2   . LEU A 1 89  ? -8.863  14.004  10.090  1.00 27.26 ? 89  LEU A CD2   1 
ATOM   708  N N     . SER A 1 90  ? -7.256  9.535   10.602  1.00 29.76 ? 90  SER A N     1 
ATOM   709  C CA    . SER A 1 90  ? -6.724  9.082   11.866  1.00 30.70 ? 90  SER A CA    1 
ATOM   710  C C     . SER A 1 90  ? -5.476  9.963   12.002  1.00 32.05 ? 90  SER A C     1 
ATOM   711  O O     . SER A 1 90  ? -5.004  10.434  10.992  1.00 31.82 ? 90  SER A O     1 
ATOM   712  C CB    . SER A 1 90  ? -6.333  7.659   12.156  1.00 30.13 ? 90  SER A CB    1 
ATOM   713  O OG    . SER A 1 90  ? -7.486  6.873   11.938  1.00 30.66 ? 90  SER A OG    1 
ATOM   714  N N     . ARG A 1 91  ? -5.108  10.110  13.248  1.00 34.63 ? 91  ARG A N     1 
ATOM   715  C CA    . ARG A 1 91  ? -3.933  10.891  13.602  1.00 37.05 ? 91  ARG A CA    1 
ATOM   716  C C     . ARG A 1 91  ? -2.721  9.981   13.463  1.00 37.52 ? 91  ARG A C     1 
ATOM   717  O O     . ARG A 1 91  ? -1.717  10.623  13.063  1.00 38.27 ? 91  ARG A O     1 
ATOM   718  C CB    . ARG A 1 91  ? -4.027  11.518  15.007  1.00 38.83 ? 91  ARG A CB    1 
ATOM   719  C CG    . ARG A 1 91  ? -4.616  12.883  14.722  1.00 42.07 ? 91  ARG A CG    1 
ATOM   720  C CD    . ARG A 1 91  ? -5.212  13.579  15.906  1.00 45.48 ? 91  ARG A CD    1 
ATOM   721  N NE    . ARG A 1 91  ? -6.416  14.236  15.357  1.00 47.74 ? 91  ARG A NE    1 
ATOM   722  C CZ    . ARG A 1 91  ? -7.344  14.980  15.988  1.00 50.30 ? 91  ARG A CZ    1 
ATOM   723  N NH1   . ARG A 1 91  ? -8.334  15.587  15.282  1.00 50.96 ? 91  ARG A NH1   1 
ATOM   724  N NH2   . ARG A 1 91  ? -7.213  15.066  17.340  1.00 51.42 ? 91  ARG A NH2   1 
ATOM   725  N N     . SER A 1 92  ? -2.853  8.694   13.742  1.00 37.17 ? 92  SER A N     1 
ATOM   726  C CA    . SER A 1 92  ? -1.731  7.749   13.642  1.00 37.99 ? 92  SER A CA    1 
ATOM   727  C C     . SER A 1 92  ? -2.120  6.360   13.130  1.00 38.23 ? 92  SER A C     1 
ATOM   728  O O     . SER A 1 92  ? -3.323  6.109   13.014  1.00 38.18 ? 92  SER A O     1 
ATOM   729  C CB    . SER A 1 92  ? -1.181  7.475   15.052  1.00 38.38 ? 92  SER A CB    1 
ATOM   730  O OG    . SER A 1 92  ? -2.022  6.464   15.651  1.00 39.92 ? 92  SER A OG    1 
ATOM   731  N N     . LEU A 1 93  ? -1.108  5.519   12.933  1.00 39.29 ? 93  LEU A N     1 
ATOM   732  C CA    . LEU A 1 93  ? -1.290  4.127   12.479  1.00 39.97 ? 93  LEU A CA    1 
ATOM   733  C C     . LEU A 1 93  ? -2.021  3.292   13.520  1.00 40.75 ? 93  LEU A C     1 
ATOM   734  O O     . LEU A 1 93  ? -2.876  2.448   13.275  1.00 40.98 ? 93  LEU A O     1 
ATOM   735  C CB    . LEU A 1 93  ? 0.029   3.422   12.032  1.00 39.74 ? 93  LEU A CB    1 
ATOM   736  C CG    . LEU A 1 93  ? -0.263  2.061   11.391  1.00 39.88 ? 93  LEU A CG    1 
ATOM   737  C CD1   . LEU A 1 93  ? -0.541  2.171   9.899   1.00 39.51 ? 93  LEU A CD1   1 
ATOM   738  C CD2   . LEU A 1 93  ? 0.884   1.072   11.607  1.00 40.08 ? 93  LEU A CD2   1 
ATOM   739  N N     . ASP A 1 94  ? -1.675  3.526   14.761  1.00 42.22 ? 94  ASP A N     1 
ATOM   740  C CA    . ASP A 1 94  ? -2.213  2.907   15.965  1.00 43.08 ? 94  ASP A CA    1 
ATOM   741  C C     . ASP A 1 94  ? -3.656  3.310   16.225  1.00 42.82 ? 94  ASP A C     1 
ATOM   742  O O     . ASP A 1 94  ? -4.423  2.494   16.745  1.00 43.21 ? 94  ASP A O     1 
ATOM   743  C CB    . ASP A 1 94  ? -1.219  3.240   17.071  1.00 44.87 ? 94  ASP A CB    1 
ATOM   744  C CG    . ASP A 1 94  ? 0.009   2.336   17.074  1.00 46.26 ? 94  ASP A CG    1 
ATOM   745  O OD1   . ASP A 1 94  ? 0.802   2.421   18.046  1.00 46.97 ? 94  ASP A OD1   1 
ATOM   746  O OD2   . ASP A 1 94  ? 0.208   1.530   16.127  1.00 47.11 ? 94  ASP A OD2   1 
ATOM   747  N N     . ASP A 1 95  ? -4.073  4.506   15.907  1.00 42.71 ? 95  ASP A N     1 
ATOM   748  C CA    . ASP A 1 95  ? -5.434  5.005   16.057  1.00 43.03 ? 95  ASP A CA    1 
ATOM   749  C C     . ASP A 1 95  ? -6.265  4.443   14.890  1.00 42.71 ? 95  ASP A C     1 
ATOM   750  O O     . ASP A 1 95  ? -7.463  4.118   15.109  1.00 43.68 ? 95  ASP A O     1 
ATOM   751  C CB    . ASP A 1 95  ? -5.543  6.532   16.079  1.00 44.33 ? 95  ASP A CB    1 
ATOM   752  C CG    . ASP A 1 95  ? -5.038  7.090   17.409  1.00 45.83 ? 95  ASP A CG    1 
ATOM   753  O OD1   . ASP A 1 95  ? -5.369  6.523   18.475  1.00 46.29 ? 95  ASP A OD1   1 
ATOM   754  O OD2   . ASP A 1 95  ? -4.307  8.108   17.396  1.00 46.56 ? 95  ASP A OD2   1 
ATOM   755  N N     . ALA A 1 96  ? -5.605  4.430   13.708  1.00 41.06 ? 96  ALA A N     1 
ATOM   756  C CA    . ALA A 1 96  ? -6.324  3.934   12.512  1.00 40.31 ? 96  ALA A CA    1 
ATOM   757  C C     . ALA A 1 96  ? -6.734  2.495   12.781  1.00 40.28 ? 96  ALA A C     1 
ATOM   758  O O     . ALA A 1 96  ? -7.828  2.094   12.430  1.00 40.46 ? 96  ALA A O     1 
ATOM   759  C CB    . ALA A 1 96  ? -5.482  3.941   11.251  1.00 40.08 ? 96  ALA A CB    1 
ATOM   760  N N     . LEU A 1 97  ? -5.807  1.762   13.360  1.00 41.02 ? 97  LEU A N     1 
ATOM   761  C CA    . LEU A 1 97  ? -5.973  0.355   13.731  1.00 42.22 ? 97  LEU A CA    1 
ATOM   762  C C     . LEU A 1 97  ? -6.989  0.171   14.855  1.00 43.46 ? 97  LEU A C     1 
ATOM   763  O O     . LEU A 1 97  ? -7.796  -0.777  14.759  1.00 44.07 ? 97  LEU A O     1 
ATOM   764  C CB    . LEU A 1 97  ? -4.592  -0.179  14.099  1.00 41.33 ? 97  LEU A CB    1 
ATOM   765  C CG    . LEU A 1 97  ? -3.708  -0.588  12.944  1.00 40.93 ? 97  LEU A CG    1 
ATOM   766  C CD1   . LEU A 1 97  ? -2.574  -1.449  13.494  1.00 40.72 ? 97  LEU A CD1   1 
ATOM   767  C CD2   . LEU A 1 97  ? -4.626  -1.292  11.943  1.00 40.66 ? 97  LEU A CD2   1 
ATOM   768  N N     . LYS A 1 98  ? -6.991  1.017   15.866  1.00 45.29 ? 98  LYS A N     1 
ATOM   769  C CA    . LYS A 1 98  ? -8.004  0.872   16.924  1.00 47.77 ? 98  LYS A CA    1 
ATOM   770  C C     . LYS A 1 98  ? -9.381  1.034   16.310  1.00 48.89 ? 98  LYS A C     1 
ATOM   771  O O     . LYS A 1 98  ? -10.260 0.242   16.634  1.00 52.00 ? 98  LYS A O     1 
ATOM   772  C CB    . LYS A 1 98  ? -7.877  1.759   18.120  1.00 48.80 ? 98  LYS A CB    1 
ATOM   773  C CG    . LYS A 1 98  ? -6.553  1.742   18.890  1.00 50.20 ? 98  LYS A CG    1 
ATOM   774  C CD    . LYS A 1 98  ? -6.321  3.171   19.445  1.00 51.37 ? 98  LYS A CD    1 
ATOM   775  C CE    . LYS A 1 98  ? -4.824  3.520   19.433  1.00 52.06 ? 98  LYS A CE    1 
ATOM   776  N NZ    . LYS A 1 98  ? -4.458  4.243   20.699  1.00 53.02 ? 98  LYS A NZ    1 
ATOM   777  N N     . LEU A 1 99  ? -9.635  1.967   15.445  1.00 49.26 ? 99  LEU A N     1 
ATOM   778  C CA    . LEU A 1 99  ? -10.924 2.218   14.773  1.00 50.45 ? 99  LEU A CA    1 
ATOM   779  C C     . LEU A 1 99  ? -11.521 0.986   14.123  1.00 51.89 ? 99  LEU A C     1 
ATOM   780  O O     . LEU A 1 99  ? -12.747 0.793   13.972  1.00 52.36 ? 99  LEU A O     1 
ATOM   781  C CB    . LEU A 1 99  ? -10.691 3.384   13.811  1.00 50.04 ? 99  LEU A CB    1 
ATOM   782  C CG    . LEU A 1 99  ? -11.632 3.860   12.749  1.00 49.65 ? 99  LEU A CG    1 
ATOM   783  C CD1   . LEU A 1 99  ? -12.936 4.391   13.298  1.00 49.46 ? 99  LEU A CD1   1 
ATOM   784  C CD2   . LEU A 1 99  ? -10.971 5.041   12.004  1.00 49.80 ? 99  LEU A CD2   1 
ATOM   785  N N     . THR A 1 100 ? -10.652 0.114   13.670  1.00 53.43 ? 100 THR A N     1 
ATOM   786  C CA    . THR A 1 100 ? -10.937 -1.166  13.004  1.00 55.36 ? 100 THR A CA    1 
ATOM   787  C C     . THR A 1 100 ? -11.717 -2.075  13.949  1.00 56.43 ? 100 THR A C     1 
ATOM   788  O O     . THR A 1 100 ? -12.704 -2.735  13.650  1.00 56.33 ? 100 THR A O     1 
ATOM   789  C CB    . THR A 1 100 ? -9.521  -1.782  12.618  1.00 55.69 ? 100 THR A CB    1 
ATOM   790  O OG1   . THR A 1 100 ? -9.354  -1.767  11.165  1.00 55.71 ? 100 THR A OG1   1 
ATOM   791  C CG2   . THR A 1 100 ? -9.264  -3.143  13.264  1.00 55.89 ? 100 THR A CG2   1 
ATOM   792  N N     . GLU A 1 101 ? -11.204 -2.085  15.173  1.00 57.57 ? 101 GLU A N     1 
ATOM   793  C CA    . GLU A 1 101 ? -11.558 -2.772  16.387  1.00 59.23 ? 101 GLU A CA    1 
ATOM   794  C C     . GLU A 1 101 ? -12.705 -2.174  17.194  1.00 59.41 ? 101 GLU A C     1 
ATOM   795  O O     . GLU A 1 101 ? -12.847 -2.561  18.369  1.00 59.71 ? 101 GLU A O     1 
ATOM   796  C CB    . GLU A 1 101 ? -10.427 -2.738  17.450  1.00 60.19 ? 101 GLU A CB    1 
ATOM   797  C CG    . GLU A 1 101 ? -9.550  -4.007  17.408  1.00 61.89 ? 101 GLU A CG    1 
ATOM   798  C CD    . GLU A 1 101 ? -8.120  -3.604  17.629  1.00 63.13 ? 101 GLU A CD    1 
ATOM   799  O OE1   . GLU A 1 101 ? -7.365  -3.336  16.701  1.00 63.97 ? 101 GLU A OE1   1 
ATOM   800  O OE2   . GLU A 1 101 ? -7.840  -3.569  18.854  1.00 64.08 ? 101 GLU A OE2   1 
ATOM   801  N N     . GLN A 1 102 ? -13.402 -1.274  16.561  1.00 59.46 ? 102 GLN A N     1 
ATOM   802  C CA    . GLN A 1 102 ? -14.570 -0.561  17.051  1.00 59.18 ? 102 GLN A CA    1 
ATOM   803  C C     . GLN A 1 102 ? -15.722 -1.340  16.374  1.00 59.41 ? 102 GLN A C     1 
ATOM   804  O O     . GLN A 1 102 ? -15.547 -1.908  15.296  1.00 58.82 ? 102 GLN A O     1 
ATOM   805  C CB    . GLN A 1 102 ? -14.796 0.862   16.555  1.00 59.05 ? 102 GLN A CB    1 
ATOM   806  C CG    . GLN A 1 102 ? -13.591 1.774   16.554  1.00 59.15 ? 102 GLN A CG    1 
ATOM   807  C CD    . GLN A 1 102 ? -12.961 2.069   17.886  1.00 59.20 ? 102 GLN A CD    1 
ATOM   808  O OE1   . GLN A 1 102 ? -13.662 2.108   18.897  1.00 59.84 ? 102 GLN A OE1   1 
ATOM   809  N NE2   . GLN A 1 102 ? -11.651 2.309   17.982  1.00 58.05 ? 102 GLN A NE2   1 
ATOM   810  N N     . PRO A 1 103 ? -16.847 -1.307  17.034  1.00 59.81 ? 103 PRO A N     1 
ATOM   811  C CA    . PRO A 1 103 ? -18.050 -1.992  16.490  1.00 59.95 ? 103 PRO A CA    1 
ATOM   812  C C     . PRO A 1 103 ? -18.413 -1.267  15.186  1.00 59.94 ? 103 PRO A C     1 
ATOM   813  O O     . PRO A 1 103 ? -19.230 -1.719  14.351  1.00 59.33 ? 103 PRO A O     1 
ATOM   814  C CB    . PRO A 1 103 ? -19.050 -1.913  17.634  1.00 60.06 ? 103 PRO A CB    1 
ATOM   815  C CG    . PRO A 1 103 ? -18.192 -1.595  18.852  1.00 60.10 ? 103 PRO A CG    1 
ATOM   816  C CD    . PRO A 1 103 ? -17.120 -0.635  18.321  1.00 59.80 ? 103 PRO A CD    1 
ATOM   817  N N     . GLU A 1 104 ? -17.747 -0.105  15.033  1.00 59.66 ? 104 GLU A N     1 
ATOM   818  C CA    . GLU A 1 104 ? -18.004 0.680   13.802  1.00 59.25 ? 104 GLU A CA    1 
ATOM   819  C C     . GLU A 1 104 ? -17.632 -0.249  12.637  1.00 58.22 ? 104 GLU A C     1 
ATOM   820  O O     . GLU A 1 104 ? -18.483 -1.002  12.114  1.00 58.01 ? 104 GLU A O     1 
ATOM   821  C CB    . GLU A 1 104 ? -17.252 1.997   13.705  1.00 60.04 ? 104 GLU A CB    1 
ATOM   822  C CG    . GLU A 1 104 ? -17.141 2.925   14.911  1.00 60.53 ? 104 GLU A CG    1 
ATOM   823  C CD    . GLU A 1 104 ? -16.300 4.167   14.853  1.00 60.86 ? 104 GLU A CD    1 
ATOM   824  O OE1   . GLU A 1 104 ? -15.453 4.481   15.702  1.00 61.31 ? 104 GLU A OE1   1 
ATOM   825  O OE2   . GLU A 1 104 ? -16.517 4.937   13.881  1.00 61.00 ? 104 GLU A OE2   1 
ATOM   826  N N     . LEU A 1 105 ? -16.371 -0.234  12.274  1.00 56.55 ? 105 LEU A N     1 
ATOM   827  C CA    . LEU A 1 105 ? -15.789 -1.008  11.178  1.00 55.01 ? 105 LEU A CA    1 
ATOM   828  C C     . LEU A 1 105 ? -15.566 -2.478  11.448  1.00 54.70 ? 105 LEU A C     1 
ATOM   829  O O     . LEU A 1 105 ? -15.243 -3.310  10.586  1.00 52.81 ? 105 LEU A O     1 
ATOM   830  C CB    . LEU A 1 105 ? -14.459 -0.238  11.006  1.00 54.47 ? 105 LEU A CB    1 
ATOM   831  C CG    . LEU A 1 105 ? -14.693 1.249   10.705  1.00 53.79 ? 105 LEU A CG    1 
ATOM   832  C CD1   . LEU A 1 105 ? -13.423 2.071   10.882  1.00 53.76 ? 105 LEU A CD1   1 
ATOM   833  C CD2   . LEU A 1 105 ? -15.195 1.228   9.266   1.00 53.30 ? 105 LEU A CD2   1 
ATOM   834  N N     . ALA A 1 106 ? -15.732 -2.767  12.718  1.00 55.28 ? 106 ALA A N     1 
ATOM   835  C CA    . ALA A 1 106 ? -15.568 -4.056  13.386  1.00 55.34 ? 106 ALA A CA    1 
ATOM   836  C C     . ALA A 1 106 ? -15.939 -5.259  12.538  1.00 54.85 ? 106 ALA A C     1 
ATOM   837  O O     . ALA A 1 106 ? -15.173 -6.178  12.236  1.00 55.32 ? 106 ALA A O     1 
ATOM   838  C CB    . ALA A 1 106 ? -16.392 -4.016  14.685  1.00 55.55 ? 106 ALA A CB    1 
ATOM   839  N N     . ASN A 1 107 ? -17.149 -5.259  12.123  1.00 54.24 ? 107 ASN A N     1 
ATOM   840  C CA    . ASN A 1 107 ? -17.857 -6.230  11.288  1.00 54.31 ? 107 ASN A CA    1 
ATOM   841  C C     . ASN A 1 107 ? -17.778 -6.028  9.776   1.00 53.00 ? 107 ASN A C     1 
ATOM   842  O O     . ASN A 1 107 ? -18.246 -6.774  8.919   1.00 52.78 ? 107 ASN A O     1 
ATOM   843  C CB    . ASN A 1 107 ? -19.294 -6.004  11.827  1.00 55.94 ? 107 ASN A CB    1 
ATOM   844  C CG    . ASN A 1 107 ? -19.631 -4.642  12.410  1.00 57.06 ? 107 ASN A CG    1 
ATOM   845  O OD1   . ASN A 1 107 ? -20.661 -4.557  13.143  1.00 57.97 ? 107 ASN A OD1   1 
ATOM   846  N ND2   . ASN A 1 107 ? -18.921 -3.534  12.178  1.00 57.75 ? 107 ASN A ND2   1 
ATOM   847  N N     . LYS A 1 108 ? -17.202 -4.917  9.389   1.00 51.70 ? 108 LYS A N     1 
ATOM   848  C CA    . LYS A 1 108 ? -16.961 -4.321  8.101   1.00 49.92 ? 108 LYS A CA    1 
ATOM   849  C C     . LYS A 1 108 ? -15.689 -4.666  7.347   1.00 47.37 ? 108 LYS A C     1 
ATOM   850  O O     . LYS A 1 108 ? -15.767 -4.912  6.127   1.00 46.70 ? 108 LYS A O     1 
ATOM   851  C CB    . LYS A 1 108 ? -16.969 -2.771  8.292   1.00 51.12 ? 108 LYS A CB    1 
ATOM   852  C CG    . LYS A 1 108 ? -18.273 -2.122  8.792   1.00 52.52 ? 108 LYS A CG    1 
ATOM   853  C CD    . LYS A 1 108 ? -18.169 -0.597  8.999   1.00 53.19 ? 108 LYS A CD    1 
ATOM   854  C CE    . LYS A 1 108 ? -19.397 0.086   9.569   1.00 53.88 ? 108 LYS A CE    1 
ATOM   855  N NZ    . LYS A 1 108 ? -20.260 -0.824  10.389  1.00 54.69 ? 108 LYS A NZ    1 
ATOM   856  N N     . VAL A 1 109 ? -14.548 -4.692  7.971   1.00 45.29 ? 109 VAL A N     1 
ATOM   857  C CA    . VAL A 1 109 ? -13.241 -4.939  7.414   1.00 41.99 ? 109 VAL A CA    1 
ATOM   858  C C     . VAL A 1 109 ? -12.620 -6.326  7.417   1.00 39.66 ? 109 VAL A C     1 
ATOM   859  O O     . VAL A 1 109 ? -12.604 -6.971  8.453   1.00 39.40 ? 109 VAL A O     1 
ATOM   860  C CB    . VAL A 1 109 ? -12.321 -3.968  8.219   1.00 42.17 ? 109 VAL A CB    1 
ATOM   861  C CG1   . VAL A 1 109 ? -10.829 -4.169  8.035   1.00 41.99 ? 109 VAL A CG1   1 
ATOM   862  C CG2   . VAL A 1 109 ? -12.815 -2.564  7.909   1.00 42.02 ? 109 VAL A CG2   1 
ATOM   863  N N     . ASP A 1 110 ? -12.094 -6.655  6.259   1.00 36.94 ? 110 ASP A N     1 
ATOM   864  C CA    . ASP A 1 110 ? -11.374 -7.897  6.024   1.00 35.53 ? 110 ASP A CA    1 
ATOM   865  C C     . ASP A 1 110 ? -9.907  -7.534  6.241   1.00 34.09 ? 110 ASP A C     1 
ATOM   866  O O     . ASP A 1 110 ? -9.480  -7.386  7.387   1.00 34.75 ? 110 ASP A O     1 
ATOM   867  C CB    . ASP A 1 110 ? -11.769 -8.647  4.739   1.00 36.59 ? 110 ASP A CB    1 
ATOM   868  C CG    . ASP A 1 110 ? -10.875 -9.871  4.523   1.00 36.91 ? 110 ASP A CG    1 
ATOM   869  O OD1   . ASP A 1 110 ? -10.626 -10.427 3.459   1.00 39.40 ? 110 ASP A OD1   1 
ATOM   870  O OD2   . ASP A 1 110 ? -10.280 -10.334 5.514   1.00 36.79 ? 110 ASP A OD2   1 
ATOM   871  N N     . MET A 1 111 ? -9.118  -7.333  5.211   1.00 32.13 ? 111 MET A N     1 
ATOM   872  C CA    . MET A 1 111 ? -7.709  -7.020  5.226   1.00 29.85 ? 111 MET A CA    1 
ATOM   873  C C     . MET A 1 111 ? -7.411  -5.520  5.243   1.00 27.94 ? 111 MET A C     1 
ATOM   874  O O     . MET A 1 111 ? -8.195  -4.725  4.747   1.00 26.71 ? 111 MET A O     1 
ATOM   875  C CB    . MET A 1 111 ? -7.074  -7.579  3.947   1.00 30.44 ? 111 MET A CB    1 
ATOM   876  C CG    . MET A 1 111 ? -7.414  -9.037  3.703   1.00 31.50 ? 111 MET A CG    1 
ATOM   877  S SD    . MET A 1 111 ? -6.331  -9.624  2.317   1.00 33.81 ? 111 MET A SD    1 
ATOM   878  C CE    . MET A 1 111 ? -7.176  -8.990  0.920   1.00 32.70 ? 111 MET A CE    1 
ATOM   879  N N     . VAL A 1 112 ? -6.305  -5.152  5.859   1.00 26.60 ? 112 VAL A N     1 
ATOM   880  C CA    . VAL A 1 112 ? -5.879  -3.766  5.913   1.00 24.18 ? 112 VAL A CA    1 
ATOM   881  C C     . VAL A 1 112 ? -4.614  -3.682  5.076   1.00 23.50 ? 112 VAL A C     1 
ATOM   882  O O     . VAL A 1 112 ? -3.676  -4.461  5.241   1.00 23.03 ? 112 VAL A O     1 
ATOM   883  C CB    . VAL A 1 112 ? -5.946  -3.132  7.296   1.00 24.14 ? 112 VAL A CB    1 
ATOM   884  C CG1   . VAL A 1 112 ? -6.430  -4.013  8.420   1.00 23.63 ? 112 VAL A CG1   1 
ATOM   885  C CG2   . VAL A 1 112 ? -4.734  -2.262  7.564   1.00 23.43 ? 112 VAL A CG2   1 
ATOM   886  N N     . TRP A 1 113 ? -4.635  -2.788  4.125   1.00 22.67 ? 113 TRP A N     1 
ATOM   887  C CA    . TRP A 1 113 ? -3.563  -2.484  3.197   1.00 21.92 ? 113 TRP A CA    1 
ATOM   888  C C     . TRP A 1 113 ? -3.035  -1.056  3.361   1.00 22.06 ? 113 TRP A C     1 
ATOM   889  O O     . TRP A 1 113 ? -3.865  -0.151  3.193   1.00 22.16 ? 113 TRP A O     1 
ATOM   890  C CB    . TRP A 1 113 ? -4.056  -2.643  1.776   1.00 22.11 ? 113 TRP A CB    1 
ATOM   891  C CG    . TRP A 1 113 ? -4.381  -3.995  1.290   1.00 22.03 ? 113 TRP A CG    1 
ATOM   892  C CD1   . TRP A 1 113 ? -5.588  -4.601  1.296   1.00 22.51 ? 113 TRP A CD1   1 
ATOM   893  C CD2   . TRP A 1 113 ? -3.456  -4.952  0.722   1.00 22.35 ? 113 TRP A CD2   1 
ATOM   894  N NE1   . TRP A 1 113 ? -5.486  -5.872  0.758   1.00 22.90 ? 113 TRP A NE1   1 
ATOM   895  C CE2   . TRP A 1 113 ? -4.188  -6.117  0.407   1.00 22.14 ? 113 TRP A CE2   1 
ATOM   896  C CE3   . TRP A 1 113 ? -2.073  -4.897  0.450   1.00 21.08 ? 113 TRP A CE3   1 
ATOM   897  C CZ2   . TRP A 1 113 ? -3.606  -7.256  -0.163  1.00 20.94 ? 113 TRP A CZ2   1 
ATOM   898  C CZ3   . TRP A 1 113 ? -1.534  -5.977  -0.142  1.00 20.52 ? 113 TRP A CZ3   1 
ATOM   899  C CH2   . TRP A 1 113 ? -2.256  -7.116  -0.400  1.00 20.81 ? 113 TRP A CH2   1 
ATOM   900  N N     . ILE A 1 114 ? -1.748  -0.917  3.572   1.00 21.49 ? 114 ILE A N     1 
ATOM   901  C CA    . ILE A 1 114 ? -1.063  0.403   3.691   1.00 21.82 ? 114 ILE A CA    1 
ATOM   902  C C     . ILE A 1 114 ? -0.510  0.763   2.330   1.00 22.14 ? 114 ILE A C     1 
ATOM   903  O O     . ILE A 1 114 ? 0.330   -0.023  1.833   1.00 22.15 ? 114 ILE A O     1 
ATOM   904  C CB    . ILE A 1 114 ? -0.001  0.197   4.813   1.00 22.04 ? 114 ILE A CB    1 
ATOM   905  C CG1   . ILE A 1 114 ? -0.766  -0.020  6.185   1.00 22.18 ? 114 ILE A CG1   1 
ATOM   906  C CG2   . ILE A 1 114 ? 1.107   1.234   4.791   1.00 22.37 ? 114 ILE A CG2   1 
ATOM   907  C CD1   . ILE A 1 114 ? 0.327   -0.587  7.161   1.00 23.03 ? 114 ILE A CD1   1 
ATOM   908  N N     . VAL A 1 115 ? -0.969  1.826   1.711   1.00 21.66 ? 115 VAL A N     1 
ATOM   909  C CA    . VAL A 1 115 ? -0.548  2.194   0.360   1.00 21.50 ? 115 VAL A CA    1 
ATOM   910  C C     . VAL A 1 115 ? 0.400   3.367   0.208   1.00 21.81 ? 115 VAL A C     1 
ATOM   911  O O     . VAL A 1 115 ? 0.641   3.741   -0.955  1.00 21.68 ? 115 VAL A O     1 
ATOM   912  C CB    . VAL A 1 115 ? -1.790  2.254   -0.520  1.00 21.49 ? 115 VAL A CB    1 
ATOM   913  C CG1   . VAL A 1 115 ? -2.721  1.027   -0.351  1.00 21.27 ? 115 VAL A CG1   1 
ATOM   914  C CG2   . VAL A 1 115 ? -2.708  3.504   -0.354  1.00 21.41 ? 115 VAL A CG2   1 
ATOM   915  N N     . GLY A 1 116 ? 1.028   3.871   1.266   1.00 21.28 ? 116 GLY A N     1 
ATOM   916  C CA    . GLY A 1 116 ? 2.020   4.944   1.117   1.00 21.80 ? 116 GLY A CA    1 
ATOM   917  C C     . GLY A 1 116 ? 1.741   6.014   2.171   1.00 22.02 ? 116 GLY A C     1 
ATOM   918  O O     . GLY A 1 116 ? 0.610   5.876   2.692   1.00 22.21 ? 116 GLY A O     1 
ATOM   919  N N     . GLY A 1 117 ? 2.600   6.919   2.437   1.00 22.87 ? 117 GLY A N     1 
ATOM   920  C CA    . GLY A 1 117 ? 3.943   7.093   1.855   1.00 23.59 ? 117 GLY A CA    1 
ATOM   921  C C     . GLY A 1 117 ? 5.026   6.458   2.732   1.00 23.28 ? 117 GLY A C     1 
ATOM   922  O O     . GLY A 1 117 ? 4.792   5.564   3.521   1.00 23.43 ? 117 GLY A O     1 
ATOM   923  N N     . SER A 1 118 ? 6.269   6.941   2.582   1.00 24.66 ? 118 SER A N     1 
ATOM   924  C CA    . SER A 1 118 ? 7.399   6.389   3.299   1.00 27.06 ? 118 SER A CA    1 
ATOM   925  C C     . SER A 1 118 ? 7.260   6.288   4.815   1.00 27.91 ? 118 SER A C     1 
ATOM   926  O O     . SER A 1 118 ? 7.605   5.219   5.340   1.00 29.53 ? 118 SER A O     1 
ATOM   927  C CB    . SER A 1 118 ? 8.709   7.158   3.125   1.00 28.27 ? 118 SER A CB    1 
ATOM   928  O OG    . SER A 1 118 ? 8.623   7.728   1.848   1.00 30.04 ? 118 SER A OG    1 
ATOM   929  N N     . SER A 1 119 ? 6.807   7.397   5.346   1.00 28.06 ? 119 SER A N     1 
ATOM   930  C CA    . SER A 1 119 ? 6.675   7.513   6.798   1.00 29.18 ? 119 SER A CA    1 
ATOM   931  C C     . SER A 1 119 ? 5.657   6.499   7.256   1.00 28.57 ? 119 SER A C     1 
ATOM   932  O O     . SER A 1 119 ? 5.890   5.999   8.342   1.00 28.81 ? 119 SER A O     1 
ATOM   933  C CB    . SER A 1 119 ? 6.283   8.964   7.171   1.00 29.96 ? 119 SER A CB    1 
ATOM   934  O OG    . SER A 1 119 ? 5.752   9.545   5.956   1.00 32.35 ? 119 SER A OG    1 
ATOM   935  N N     . VAL A 1 120 ? 4.674   6.309   6.367   1.00 27.84 ? 120 VAL A N     1 
ATOM   936  C CA    . VAL A 1 120 ? 3.603   5.347   6.716   1.00 27.86 ? 120 VAL A CA    1 
ATOM   937  C C     . VAL A 1 120 ? 4.190   3.940   6.583   1.00 28.89 ? 120 VAL A C     1 
ATOM   938  O O     . VAL A 1 120 ? 4.003   3.191   7.567   1.00 29.71 ? 120 VAL A O     1 
ATOM   939  C CB    . VAL A 1 120 ? 2.339   5.700   5.914   1.00 27.08 ? 120 VAL A CB    1 
ATOM   940  C CG1   . VAL A 1 120 ? 1.178   4.814   6.372   1.00 25.26 ? 120 VAL A CG1   1 
ATOM   941  C CG2   . VAL A 1 120 ? 2.127   7.230   6.028   1.00 25.55 ? 120 VAL A CG2   1 
ATOM   942  N N     . TYR A 1 121 ? 4.866   3.693   5.451   1.00 28.27 ? 121 TYR A N     1 
ATOM   943  C CA    . TYR A 1 121 ? 5.499   2.368   5.338   1.00 29.44 ? 121 TYR A CA    1 
ATOM   944  C C     . TYR A 1 121 ? 6.484   2.160   6.503   1.00 31.98 ? 121 TYR A C     1 
ATOM   945  O O     . TYR A 1 121 ? 6.380   1.121   7.116   1.00 33.93 ? 121 TYR A O     1 
ATOM   946  C CB    . TYR A 1 121 ? 6.300   2.195   4.060   1.00 25.78 ? 121 TYR A CB    1 
ATOM   947  C CG    . TYR A 1 121 ? 5.484   2.170   2.806   1.00 24.15 ? 121 TYR A CG    1 
ATOM   948  C CD1   . TYR A 1 121 ? 5.832   3.075   1.773   1.00 22.76 ? 121 TYR A CD1   1 
ATOM   949  C CD2   . TYR A 1 121 ? 4.390   1.305   2.650   1.00 22.74 ? 121 TYR A CD2   1 
ATOM   950  C CE1   . TYR A 1 121 ? 5.120   3.044   0.591   1.00 21.52 ? 121 TYR A CE1   1 
ATOM   951  C CE2   . TYR A 1 121 ? 3.657   1.272   1.438   1.00 22.16 ? 121 TYR A CE2   1 
ATOM   952  C CZ    . TYR A 1 121 ? 4.079   2.137   0.433   1.00 21.70 ? 121 TYR A CZ    1 
ATOM   953  O OH    . TYR A 1 121 ? 3.409   2.159   -0.719  1.00 22.22 ? 121 TYR A OH    1 
ATOM   954  N N     . LYS A 1 122 ? 7.365   3.161   6.691   1.00 34.94 ? 122 LYS A N     1 
ATOM   955  C CA    . LYS A 1 122 ? 8.388   2.987   7.744   1.00 38.59 ? 122 LYS A CA    1 
ATOM   956  C C     . LYS A 1 122 ? 7.802   2.568   9.076   1.00 39.69 ? 122 LYS A C     1 
ATOM   957  O O     . LYS A 1 122 ? 8.464   1.682   9.701   1.00 40.65 ? 122 LYS A O     1 
ATOM   958  C CB    . LYS A 1 122 ? 9.485   4.023   7.895   1.00 41.12 ? 122 LYS A CB    1 
ATOM   959  C CG    . LYS A 1 122 ? 9.064   5.409   8.320   1.00 45.05 ? 122 LYS A CG    1 
ATOM   960  C CD    . LYS A 1 122 ? 10.168  6.483   8.401   1.00 46.99 ? 122 LYS A CD    1 
ATOM   961  C CE    . LYS A 1 122 ? 9.671   7.708   9.246   1.00 48.65 ? 122 LYS A CE    1 
ATOM   962  N NZ    . LYS A 1 122 ? 9.744   8.969   8.347   1.00 49.68 ? 122 LYS A NZ    1 
ATOM   963  N N     . GLU A 1 123 ? 6.664   3.085   9.518   1.00 39.61 ? 123 GLU A N     1 
ATOM   964  C CA    . GLU A 1 123 ? 6.109   2.646   10.780  1.00 41.35 ? 123 GLU A CA    1 
ATOM   965  C C     . GLU A 1 123 ? 5.344   1.317   10.834  1.00 40.55 ? 123 GLU A C     1 
ATOM   966  O O     . GLU A 1 123 ? 5.170   0.639   11.886  1.00 40.93 ? 123 GLU A O     1 
ATOM   967  C CB    . GLU A 1 123 ? 5.011   3.679   11.196  1.00 43.60 ? 123 GLU A CB    1 
ATOM   968  C CG    . GLU A 1 123 ? 4.844   3.333   12.715  1.00 48.72 ? 123 GLU A CG    1 
ATOM   969  C CD    . GLU A 1 123 ? 3.995   4.402   13.370  1.00 51.26 ? 123 GLU A CD    1 
ATOM   970  O OE1   . GLU A 1 123 ? 4.599   5.427   13.705  1.00 52.65 ? 123 GLU A OE1   1 
ATOM   971  O OE2   . GLU A 1 123 ? 2.791   4.034   13.390  1.00 52.89 ? 123 GLU A OE2   1 
ATOM   972  N N     . ALA A 1 124 ? 4.731   0.919   9.718   1.00 38.83 ? 124 ALA A N     1 
ATOM   973  C CA    . ALA A 1 124 ? 3.977   -0.321  9.586   1.00 38.71 ? 124 ALA A CA    1 
ATOM   974  C C     . ALA A 1 124 ? 5.007   -1.463  9.768   1.00 38.74 ? 124 ALA A C     1 
ATOM   975  O O     . ALA A 1 124 ? 4.754   -2.426  10.439  1.00 39.74 ? 124 ALA A O     1 
ATOM   976  C CB    . ALA A 1 124 ? 3.308   -0.574  8.239   1.00 37.51 ? 124 ALA A CB    1 
ATOM   977  N N     . MET A 1 125 ? 6.095   -1.288  9.087   1.00 39.30 ? 125 MET A N     1 
ATOM   978  C CA    . MET A 1 125 ? 7.247   -2.152  8.969   1.00 41.40 ? 125 MET A CA    1 
ATOM   979  C C     . MET A 1 125 ? 7.983   -2.422  10.268  1.00 42.83 ? 125 MET A C     1 
ATOM   980  O O     . MET A 1 125 ? 8.854   -3.339  10.271  1.00 42.61 ? 125 MET A O     1 
ATOM   981  C CB    . MET A 1 125 ? 8.261   -1.580  7.980   1.00 41.94 ? 125 MET A CB    1 
ATOM   982  C CG    . MET A 1 125 ? 7.689   -1.881  6.606   1.00 42.82 ? 125 MET A CG    1 
ATOM   983  S SD    . MET A 1 125 ? 9.005   -1.445  5.444   1.00 44.19 ? 125 MET A SD    1 
ATOM   984  C CE    . MET A 1 125 ? 10.385  -1.638  6.639   1.00 43.37 ? 125 MET A CE    1 
ATOM   985  N N     . ASN A 1 126 ? 7.601   -1.620  11.230  1.00 44.13 ? 126 ASN A N     1 
ATOM   986  C CA    . ASN A 1 126 ? 8.141   -1.663  12.577  1.00 46.26 ? 126 ASN A CA    1 
ATOM   987  C C     . ASN A 1 126 ? 6.987   -2.045  13.533  1.00 46.19 ? 126 ASN A C     1 
ATOM   988  O O     . ASN A 1 126 ? 7.284   -2.370  14.703  1.00 46.59 ? 126 ASN A O     1 
ATOM   989  C CB    . ASN A 1 126 ? 8.882   -0.390  12.967  1.00 48.18 ? 126 ASN A CB    1 
ATOM   990  C CG    . ASN A 1 126 ? 10.097  0.139   12.227  1.00 50.06 ? 126 ASN A CG    1 
ATOM   991  O OD1   . ASN A 1 126 ? 10.874  -0.475  11.430  1.00 51.09 ? 126 ASN A OD1   1 
ATOM   992  N ND2   . ASN A 1 126 ? 10.339  1.459   12.504  1.00 50.70 ? 126 ASN A ND2   1 
ATOM   993  N N     . HIS A 1 127 ? 5.746   -1.971  13.097  1.00 44.84 ? 127 HIS A N     1 
ATOM   994  C CA    . HIS A 1 127 ? 4.563   -2.363  13.889  1.00 45.35 ? 127 HIS A CA    1 
ATOM   995  C C     . HIS A 1 127 ? 4.890   -3.852  14.120  1.00 45.53 ? 127 HIS A C     1 
ATOM   996  O O     . HIS A 1 127 ? 5.409   -4.520  13.213  1.00 45.98 ? 127 HIS A O     1 
ATOM   997  C CB    . HIS A 1 127 ? 3.245   -2.321  13.106  1.00 45.66 ? 127 HIS A CB    1 
ATOM   998  C CG    . HIS A 1 127 ? 1.993   -2.583  13.862  1.00 46.05 ? 127 HIS A CG    1 
ATOM   999  N ND1   . HIS A 1 127 ? 1.351   -3.789  13.958  1.00 45.95 ? 127 HIS A ND1   1 
ATOM   1000 C CD2   . HIS A 1 127 ? 1.261   -1.696  14.614  1.00 46.38 ? 127 HIS A CD2   1 
ATOM   1001 C CE1   . HIS A 1 127 ? 0.268   -3.616  14.742  1.00 46.41 ? 127 HIS A CE1   1 
ATOM   1002 N NE2   . HIS A 1 127 ? 0.172   -2.368  15.158  1.00 46.26 ? 127 HIS A NE2   1 
ATOM   1003 N N     . PRO A 1 128 ? 4.660   -4.330  15.317  1.00 45.27 ? 128 PRO A N     1 
ATOM   1004 C CA    . PRO A 1 128 ? 4.993   -5.744  15.617  1.00 44.78 ? 128 PRO A CA    1 
ATOM   1005 C C     . PRO A 1 128 ? 3.782   -6.596  15.274  1.00 43.87 ? 128 PRO A C     1 
ATOM   1006 O O     . PRO A 1 128 ? 2.621   -6.139  15.136  1.00 44.36 ? 128 PRO A O     1 
ATOM   1007 C CB    . PRO A 1 128 ? 5.483   -5.604  17.052  1.00 44.61 ? 128 PRO A CB    1 
ATOM   1008 C CG    . PRO A 1 128 ? 4.461   -4.625  17.607  1.00 45.05 ? 128 PRO A CG    1 
ATOM   1009 C CD    . PRO A 1 128 ? 4.105   -3.653  16.481  1.00 45.04 ? 128 PRO A CD    1 
ATOM   1010 N N     . GLY A 1 129 ? 4.132   -7.861  15.084  1.00 42.56 ? 129 GLY A N     1 
ATOM   1011 C CA    . GLY A 1 129 ? 3.041   -8.807  14.733  1.00 39.96 ? 129 GLY A CA    1 
ATOM   1012 C C     . GLY A 1 129 ? 3.351   -9.201  13.274  1.00 38.17 ? 129 GLY A C     1 
ATOM   1013 O O     . GLY A 1 129 ? 4.470   -8.940  12.822  1.00 38.12 ? 129 GLY A O     1 
ATOM   1014 N N     . HIS A 1 130 ? 2.324   -9.783  12.678  1.00 36.00 ? 130 HIS A N     1 
ATOM   1015 C CA    . HIS A 1 130 ? 2.452   -10.329 11.305  1.00 33.45 ? 130 HIS A CA    1 
ATOM   1016 C C     . HIS A 1 130 ? 2.259   -9.296  10.207  1.00 31.30 ? 130 HIS A C     1 
ATOM   1017 O O     . HIS A 1 130 ? 1.340   -8.479  10.252  1.00 29.72 ? 130 HIS A O     1 
ATOM   1018 C CB    . HIS A 1 130 ? 1.490   -11.527 11.213  1.00 33.58 ? 130 HIS A CB    1 
ATOM   1019 C CG    . HIS A 1 130 ? 1.628   -12.386 10.009  1.00 34.78 ? 130 HIS A CG    1 
ATOM   1020 N ND1   . HIS A 1 130 ? 2.825   -12.684 9.346   1.00 35.56 ? 130 HIS A ND1   1 
ATOM   1021 C CD2   . HIS A 1 130 ? 0.638   -13.095 9.368   1.00 34.95 ? 130 HIS A CD2   1 
ATOM   1022 C CE1   . HIS A 1 130 ? 2.541   -13.499 8.332   1.00 34.75 ? 130 HIS A CE1   1 
ATOM   1023 N NE2   . HIS A 1 130 ? 1.231   -13.743 8.309   1.00 34.15 ? 130 HIS A NE2   1 
ATOM   1024 N N     . LEU A 1 131 ? 3.121   -9.401  9.184   1.00 28.99 ? 131 LEU A N     1 
ATOM   1025 C CA    . LEU A 1 131 ? 2.982   -8.395  8.098   1.00 26.30 ? 131 LEU A CA    1 
ATOM   1026 C C     . LEU A 1 131 ? 3.614   -8.967  6.850   1.00 25.27 ? 131 LEU A C     1 
ATOM   1027 O O     . LEU A 1 131 ? 4.654   -9.671  6.805   1.00 25.14 ? 131 LEU A O     1 
ATOM   1028 C CB    . LEU A 1 131 ? 3.673   -7.083  8.651   1.00 25.68 ? 131 LEU A CB    1 
ATOM   1029 C CG    . LEU A 1 131 ? 3.765   -5.969  7.609   1.00 25.68 ? 131 LEU A CG    1 
ATOM   1030 C CD1   . LEU A 1 131 ? 2.453   -5.238  7.571   1.00 24.81 ? 131 LEU A CD1   1 
ATOM   1031 C CD2   . LEU A 1 131 ? 4.907   -5.019  7.755   1.00 26.56 ? 131 LEU A CD2   1 
ATOM   1032 N N     . LYS A 1 132 ? 2.960   -8.561  5.770   1.00 23.66 ? 132 LYS A N     1 
ATOM   1033 C CA    . LYS A 1 132 ? 3.356   -8.922  4.425   1.00 22.53 ? 132 LYS A CA    1 
ATOM   1034 C C     . LYS A 1 132 ? 3.585   -7.686  3.590   1.00 22.21 ? 132 LYS A C     1 
ATOM   1035 O O     . LYS A 1 132 ? 2.785   -6.769  3.578   1.00 21.92 ? 132 LYS A O     1 
ATOM   1036 C CB    . LYS A 1 132 ? 2.395   -9.900  3.748   1.00 22.70 ? 132 LYS A CB    1 
ATOM   1037 C CG    . LYS A 1 132 ? 2.299   -11.246 4.468   1.00 22.51 ? 132 LYS A CG    1 
ATOM   1038 C CD    . LYS A 1 132 ? 2.070   -12.311 3.380   1.00 25.55 ? 132 LYS A CD    1 
ATOM   1039 C CE    . LYS A 1 132 ? 0.576   -12.585 3.296   1.00 27.49 ? 132 LYS A CE    1 
ATOM   1040 N NZ    . LYS A 1 132 ? 0.125   -12.615 4.750   1.00 29.68 ? 132 LYS A NZ    1 
ATOM   1041 N N     . LEU A 1 133 ? 4.718   -7.710  2.897   1.00 21.62 ? 133 LEU A N     1 
ATOM   1042 C CA    . LEU A 1 133 ? 5.135   -6.626  1.987   1.00 21.82 ? 133 LEU A CA    1 
ATOM   1043 C C     . LEU A 1 133 ? 4.972   -7.140  0.555   1.00 21.42 ? 133 LEU A C     1 
ATOM   1044 O O     . LEU A 1 133 ? 5.591   -8.172  0.166   1.00 21.15 ? 133 LEU A O     1 
ATOM   1045 C CB    . LEU A 1 133 ? 6.563   -6.328  2.408   1.00 22.35 ? 133 LEU A CB    1 
ATOM   1046 C CG    . LEU A 1 133 ? 7.072   -5.199  3.182   1.00 23.53 ? 133 LEU A CG    1 
ATOM   1047 C CD1   . LEU A 1 133 ? 6.105   -4.693  4.270   1.00 24.14 ? 133 LEU A CD1   1 
ATOM   1048 C CD2   . LEU A 1 133 ? 8.352   -5.564  3.877   1.00 23.96 ? 133 LEU A CD2   1 
ATOM   1049 N N     . PHE A 1 134 ? 4.158   -6.457  -0.220  1.00 20.88 ? 134 PHE A N     1 
ATOM   1050 C CA    . PHE A 1 134 ? 3.855   -6.749  -1.616  1.00 20.30 ? 134 PHE A CA    1 
ATOM   1051 C C     . PHE A 1 134 ? 4.680   -5.738  -2.365  1.00 20.01 ? 134 PHE A C     1 
ATOM   1052 O O     . PHE A 1 134 ? 4.196   -4.613  -2.471  1.00 20.64 ? 134 PHE A O     1 
ATOM   1053 C CB    . PHE A 1 134 ? 2.366   -6.748  -1.974  1.00 19.40 ? 134 PHE A CB    1 
ATOM   1054 C CG    . PHE A 1 134 ? 1.667   -7.972  -1.414  1.00 19.36 ? 134 PHE A CG    1 
ATOM   1055 C CD1   . PHE A 1 134 ? 1.387   -8.047  -0.051  1.00 19.40 ? 134 PHE A CD1   1 
ATOM   1056 C CD2   . PHE A 1 134 ? 1.325   -9.050  -2.196  1.00 19.32 ? 134 PHE A CD2   1 
ATOM   1057 C CE1   . PHE A 1 134 ? 0.789   -9.124  0.524   1.00 19.40 ? 134 PHE A CE1   1 
ATOM   1058 C CE2   . PHE A 1 134 ? 0.674   -10.145 -1.581  1.00 20.05 ? 134 PHE A CE2   1 
ATOM   1059 C CZ    . PHE A 1 134 ? 0.413   -10.219 -0.222  1.00 18.83 ? 134 PHE A CZ    1 
ATOM   1060 N N     . VAL A 1 135 ? 5.817   -6.125  -2.865  1.00 20.48 ? 135 VAL A N     1 
ATOM   1061 C CA    . VAL A 1 135 ? 6.676   -5.197  -3.582  1.00 20.41 ? 135 VAL A CA    1 
ATOM   1062 C C     . VAL A 1 135 ? 6.716   -5.410  -5.110  1.00 22.41 ? 135 VAL A C     1 
ATOM   1063 O O     . VAL A 1 135 ? 7.029   -6.561  -5.439  1.00 22.01 ? 135 VAL A O     1 
ATOM   1064 C CB    . VAL A 1 135 ? 8.119   -5.420  -3.068  1.00 20.08 ? 135 VAL A CB    1 
ATOM   1065 C CG1   . VAL A 1 135 ? 9.184   -4.651  -3.788  1.00 19.54 ? 135 VAL A CG1   1 
ATOM   1066 C CG2   . VAL A 1 135 ? 8.207   -5.313  -1.553  1.00 20.06 ? 135 VAL A CG2   1 
ATOM   1067 N N     . THR A 1 136 ? 6.449   -4.335  -5.897  1.00 22.36 ? 136 THR A N     1 
ATOM   1068 C CA    . THR A 1 136 ? 6.624   -4.413  -7.325  1.00 21.84 ? 136 THR A CA    1 
ATOM   1069 C C     . THR A 1 136 ? 8.019   -3.801  -7.510  1.00 23.34 ? 136 THR A C     1 
ATOM   1070 O O     . THR A 1 136 ? 8.165   -2.607  -7.193  1.00 24.10 ? 136 THR A O     1 
ATOM   1071 C CB    . THR A 1 136 ? 5.623   -3.662  -8.235  1.00 20.55 ? 136 THR A CB    1 
ATOM   1072 O OG1   . THR A 1 136 ? 4.330   -4.104  -7.756  1.00 20.25 ? 136 THR A OG1   1 
ATOM   1073 C CG2   . THR A 1 136 ? 5.877   -3.887  -9.737  1.00 20.10 ? 136 THR A CG2   1 
ATOM   1074 N N     . ARG A 1 137 ? 9.020   -4.509  -8.013  1.00 24.37 ? 137 ARG A N     1 
ATOM   1075 C CA    . ARG A 1 137 ? 10.374  -4.003  -8.250  1.00 25.10 ? 137 ARG A CA    1 
ATOM   1076 C C     . ARG A 1 137 ? 10.438  -3.549  -9.699  1.00 25.95 ? 137 ARG A C     1 
ATOM   1077 O O     . ARG A 1 137 ? 10.355  -4.339  -10.621 1.00 26.22 ? 137 ARG A O     1 
ATOM   1078 C CB    . ARG A 1 137 ? 11.424  -5.080  -8.004  1.00 25.34 ? 137 ARG A CB    1 
ATOM   1079 C CG    . ARG A 1 137 ? 11.576  -5.694  -6.620  1.00 26.09 ? 137 ARG A CG    1 
ATOM   1080 C CD    . ARG A 1 137 ? 12.654  -4.977  -5.821  1.00 26.59 ? 137 ARG A CD    1 
ATOM   1081 N NE    . ARG A 1 137 ? 12.674  -5.593  -4.512  1.00 28.01 ? 137 ARG A NE    1 
ATOM   1082 C CZ    . ARG A 1 137 ? 13.158  -5.052  -3.378  1.00 28.66 ? 137 ARG A CZ    1 
ATOM   1083 N NH1   . ARG A 1 137 ? 13.596  -3.797  -3.494  1.00 28.86 ? 137 ARG A NH1   1 
ATOM   1084 N NH2   . ARG A 1 137 ? 13.311  -5.681  -2.189  1.00 27.43 ? 137 ARG A NH2   1 
ATOM   1085 N N     . ILE A 1 138 ? 10.556  -2.284  -9.973  1.00 27.63 ? 138 ILE A N     1 
ATOM   1086 C CA    . ILE A 1 138 ? 10.570  -1.658  -11.303 1.00 28.22 ? 138 ILE A CA    1 
ATOM   1087 C C     . ILE A 1 138 ? 12.103  -1.659  -11.494 1.00 30.01 ? 138 ILE A C     1 
ATOM   1088 O O     . ILE A 1 138 ? 12.837  -0.894  -10.799 1.00 29.90 ? 138 ILE A O     1 
ATOM   1089 C CB    . ILE A 1 138 ? 9.963   -0.229  -11.370 1.00 28.66 ? 138 ILE A CB    1 
ATOM   1090 C CG1   . ILE A 1 138 ? 8.473   0.023   -11.086 1.00 28.05 ? 138 ILE A CG1   1 
ATOM   1091 C CG2   . ILE A 1 138 ? 10.437  0.508   -12.680 1.00 28.09 ? 138 ILE A CG2   1 
ATOM   1092 C CD1   . ILE A 1 138 ? 7.403   -0.842  -11.748 1.00 29.56 ? 138 ILE A CD1   1 
ATOM   1093 N N     . MET A 1 139 ? 12.482  -2.547  -12.406 1.00 30.56 ? 139 MET A N     1 
ATOM   1094 C CA    . MET A 1 139 ? 13.870  -2.804  -12.692 1.00 32.69 ? 139 MET A CA    1 
ATOM   1095 C C     . MET A 1 139 ? 14.745  -1.793  -13.386 1.00 33.13 ? 139 MET A C     1 
ATOM   1096 O O     . MET A 1 139 ? 15.487  -2.202  -14.297 1.00 33.48 ? 139 MET A O     1 
ATOM   1097 C CB    . MET A 1 139 ? 13.873  -4.192  -13.357 1.00 34.22 ? 139 MET A CB    1 
ATOM   1098 C CG    . MET A 1 139 ? 13.991  -5.311  -12.311 1.00 36.45 ? 139 MET A CG    1 
ATOM   1099 S SD    . MET A 1 139 ? 13.131  -6.742  -13.187 1.00 39.83 ? 139 MET A SD    1 
ATOM   1100 C CE    . MET A 1 139 ? 13.486  -8.012  -11.983 1.00 39.22 ? 139 MET A CE    1 
ATOM   1101 N N     . GLN A 1 140 ? 14.734  -0.520  -13.063 1.00 33.02 ? 140 GLN A N     1 
ATOM   1102 C CA    . GLN A 1 140 ? 15.588  0.529   -13.546 1.00 33.23 ? 140 GLN A CA    1 
ATOM   1103 C C     . GLN A 1 140 ? 15.518  1.694   -12.506 1.00 33.22 ? 140 GLN A C     1 
ATOM   1104 O O     . GLN A 1 140 ? 14.614  1.726   -11.683 1.00 31.62 ? 140 GLN A O     1 
ATOM   1105 C CB    . GLN A 1 140 ? 15.303  1.278   -14.800 1.00 34.09 ? 140 GLN A CB    1 
ATOM   1106 C CG    . GLN A 1 140 ? 14.108  0.721   -15.547 1.00 36.18 ? 140 GLN A CG    1 
ATOM   1107 C CD    . GLN A 1 140 ? 14.215  1.462   -16.878 1.00 36.75 ? 140 GLN A CD    1 
ATOM   1108 O OE1   . GLN A 1 140 ? 14.528  2.651   -16.787 1.00 37.62 ? 140 GLN A OE1   1 
ATOM   1109 N NE2   . GLN A 1 140 ? 14.060  0.686   -17.938 1.00 37.27 ? 140 GLN A NE2   1 
ATOM   1110 N N     . ASP A 1 141 ? 16.490  2.537   -12.753 1.00 33.49 ? 141 ASP A N     1 
ATOM   1111 C CA    . ASP A 1 141 ? 16.663  3.764   -11.981 1.00 34.09 ? 141 ASP A CA    1 
ATOM   1112 C C     . ASP A 1 141 ? 15.744  4.828   -12.579 1.00 33.85 ? 141 ASP A C     1 
ATOM   1113 O O     . ASP A 1 141 ? 15.614  4.869   -13.799 1.00 33.56 ? 141 ASP A O     1 
ATOM   1114 C CB    . ASP A 1 141 ? 18.103  4.318   -12.013 1.00 35.49 ? 141 ASP A CB    1 
ATOM   1115 C CG    . ASP A 1 141 ? 18.811  3.565   -10.893 1.00 36.96 ? 141 ASP A CG    1 
ATOM   1116 O OD1   . ASP A 1 141 ? 18.436  2.451   -10.492 1.00 36.77 ? 141 ASP A OD1   1 
ATOM   1117 O OD2   . ASP A 1 141 ? 19.793  4.150   -10.411 1.00 38.70 ? 141 ASP A OD2   1 
ATOM   1118 N N     . PHE A 1 142 ? 15.196  5.610   -11.657 1.00 32.77 ? 142 PHE A N     1 
ATOM   1119 C CA    . PHE A 1 142 ? 14.326  6.723   -11.968 1.00 31.75 ? 142 PHE A CA    1 
ATOM   1120 C C     . PHE A 1 142 ? 14.618  7.813   -10.912 1.00 32.14 ? 142 PHE A C     1 
ATOM   1121 O O     . PHE A 1 142 ? 14.812  7.481   -9.711  1.00 31.72 ? 142 PHE A O     1 
ATOM   1122 C CB    . PHE A 1 142 ? 12.876  6.318   -11.934 1.00 31.59 ? 142 PHE A CB    1 
ATOM   1123 C CG    . PHE A 1 142 ? 12.480  5.467   -13.111 1.00 30.91 ? 142 PHE A CG    1 
ATOM   1124 C CD1   . PHE A 1 142 ? 12.228  6.104   -14.300 1.00 30.62 ? 142 PHE A CD1   1 
ATOM   1125 C CD2   . PHE A 1 142 ? 12.332  4.088   -12.986 1.00 30.76 ? 142 PHE A CD2   1 
ATOM   1126 C CE1   . PHE A 1 142 ? 11.793  5.342   -15.393 1.00 30.97 ? 142 PHE A CE1   1 
ATOM   1127 C CE2   . PHE A 1 142 ? 11.918  3.313   -14.076 1.00 30.51 ? 142 PHE A CE2   1 
ATOM   1128 C CZ    . PHE A 1 142 ? 11.653  3.968   -15.287 1.00 30.44 ? 142 PHE A CZ    1 
ATOM   1129 N N     . GLU A 1 143 ? 14.621  9.030   -11.399 1.00 31.79 ? 143 GLU A N     1 
ATOM   1130 C CA    . GLU A 1 143 ? 14.854  10.219  -10.536 1.00 31.51 ? 143 GLU A CA    1 
ATOM   1131 C C     . GLU A 1 143 ? 13.614  10.300  -9.642  1.00 30.02 ? 143 GLU A C     1 
ATOM   1132 O O     . GLU A 1 143 ? 12.472  10.334  -10.121 1.00 29.73 ? 143 GLU A O     1 
ATOM   1133 C CB    . GLU A 1 143 ? 15.096  11.497  -11.288 1.00 33.10 ? 143 GLU A CB    1 
ATOM   1134 C CG    . GLU A 1 143 ? 15.655  12.787  -10.751 1.00 35.15 ? 143 GLU A CG    1 
ATOM   1135 C CD    . GLU A 1 143 ? 15.488  14.035  -11.582 1.00 36.79 ? 143 GLU A CD    1 
ATOM   1136 O OE1   . GLU A 1 143 ? 16.231  14.980  -11.283 1.00 38.14 ? 143 GLU A OE1   1 
ATOM   1137 O OE2   . GLU A 1 143 ? 14.611  14.100  -12.483 1.00 36.47 ? 143 GLU A OE2   1 
ATOM   1138 N N     . SER A 1 144 ? 13.919  10.222  -8.354  1.00 28.92 ? 144 SER A N     1 
ATOM   1139 C CA    . SER A 1 144 ? 13.008  10.241  -7.236  1.00 28.09 ? 144 SER A CA    1 
ATOM   1140 C C     . SER A 1 144 ? 13.376  11.204  -6.122  1.00 28.14 ? 144 SER A C     1 
ATOM   1141 O O     . SER A 1 144 ? 14.554  11.542  -5.900  1.00 29.05 ? 144 SER A O     1 
ATOM   1142 C CB    . SER A 1 144 ? 12.934  8.855   -6.593  1.00 27.51 ? 144 SER A CB    1 
ATOM   1143 O OG    . SER A 1 144 ? 12.711  7.974   -7.674  1.00 28.54 ? 144 SER A OG    1 
ATOM   1144 N N     . ASP A 1 145 ? 12.340  11.529  -5.330  1.00 26.65 ? 145 ASP A N     1 
ATOM   1145 C CA    . ASP A 1 145 ? 12.624  12.443  -4.167  1.00 26.69 ? 145 ASP A CA    1 
ATOM   1146 C C     . ASP A 1 145 ? 12.098  11.811  -2.903  1.00 26.75 ? 145 ASP A C     1 
ATOM   1147 O O     . ASP A 1 145 ? 12.217  12.390  -1.833  1.00 27.14 ? 145 ASP A O     1 
ATOM   1148 C CB    . ASP A 1 145 ? 12.072  13.874  -4.415  1.00 26.70 ? 145 ASP A CB    1 
ATOM   1149 C CG    . ASP A 1 145 ? 10.565  13.854  -4.570  1.00 26.38 ? 145 ASP A CG    1 
ATOM   1150 O OD1   . ASP A 1 145 ? 9.802   12.975  -4.168  1.00 26.96 ? 145 ASP A OD1   1 
ATOM   1151 O OD2   . ASP A 1 145 ? 10.026  14.810  -5.104  1.00 26.72 ? 145 ASP A OD2   1 
ATOM   1152 N N     . THR A 1 146 ? 11.524  10.615  -3.037  1.00 26.92 ? 146 THR A N     1 
ATOM   1153 C CA    . THR A 1 146 ? 11.018  9.921   -1.833  1.00 26.86 ? 146 THR A CA    1 
ATOM   1154 C C     . THR A 1 146 ? 11.274  8.434   -2.122  1.00 26.93 ? 146 THR A C     1 
ATOM   1155 O O     . THR A 1 146 ? 11.079  7.924   -3.257  1.00 26.14 ? 146 THR A O     1 
ATOM   1156 C CB    . THR A 1 146 ? 9.604   10.402  -1.450  1.00 27.79 ? 146 THR A CB    1 
ATOM   1157 O OG1   . THR A 1 146 ? 9.093   9.380   -0.514  1.00 29.44 ? 146 THR A OG1   1 
ATOM   1158 C CG2   . THR A 1 146 ? 8.595   10.550  -2.541  1.00 27.38 ? 146 THR A CG2   1 
ATOM   1159 N N     . PHE A 1 147 ? 11.775  7.770   -1.124  1.00 27.50 ? 147 PHE A N     1 
ATOM   1160 C CA    . PHE A 1 147 ? 12.209  6.389   -1.121  1.00 27.89 ? 147 PHE A CA    1 
ATOM   1161 C C     . PHE A 1 147 ? 11.446  5.485   -0.157  1.00 27.64 ? 147 PHE A C     1 
ATOM   1162 O O     . PHE A 1 147 ? 10.867  5.978   0.791   1.00 27.29 ? 147 PHE A O     1 
ATOM   1163 C CB    . PHE A 1 147 ? 13.732  6.442   -0.732  1.00 28.26 ? 147 PHE A CB    1 
ATOM   1164 C CG    . PHE A 1 147 ? 14.429  7.379   -1.685  1.00 29.43 ? 147 PHE A CG    1 
ATOM   1165 C CD1   . PHE A 1 147 ? 14.316  8.747   -1.522  1.00 29.92 ? 147 PHE A CD1   1 
ATOM   1166 C CD2   . PHE A 1 147 ? 15.130  6.910   -2.789  1.00 29.54 ? 147 PHE A CD2   1 
ATOM   1167 C CE1   . PHE A 1 147 ? 14.895  9.676   -2.391  1.00 30.31 ? 147 PHE A CE1   1 
ATOM   1168 C CE2   . PHE A 1 147 ? 15.723  7.813   -3.686  1.00 30.27 ? 147 PHE A CE2   1 
ATOM   1169 C CZ    . PHE A 1 147 ? 15.583  9.210   -3.500  1.00 30.20 ? 147 PHE A CZ    1 
ATOM   1170 N N     . PHE A 1 148 ? 11.538  4.184   -0.397  1.00 26.52 ? 148 PHE A N     1 
ATOM   1171 C CA    . PHE A 1 148 ? 10.922  3.159   0.435   1.00 27.48 ? 148 PHE A CA    1 
ATOM   1172 C C     . PHE A 1 148 ? 12.024  2.844   1.463   1.00 28.03 ? 148 PHE A C     1 
ATOM   1173 O O     . PHE A 1 148 ? 13.185  3.025   1.036   1.00 28.88 ? 148 PHE A O     1 
ATOM   1174 C CB    . PHE A 1 148 ? 10.486  1.977   -0.437  1.00 27.15 ? 148 PHE A CB    1 
ATOM   1175 C CG    . PHE A 1 148 ? 9.785   0.901   0.294   1.00 26.95 ? 148 PHE A CG    1 
ATOM   1176 C CD1   . PHE A 1 148 ? 8.466   1.039   0.661   1.00 27.37 ? 148 PHE A CD1   1 
ATOM   1177 C CD2   . PHE A 1 148 ? 10.402  -0.305  0.557   1.00 27.82 ? 148 PHE A CD2   1 
ATOM   1178 C CE1   . PHE A 1 148 ? 7.802   0.037   1.358   1.00 27.74 ? 148 PHE A CE1   1 
ATOM   1179 C CE2   . PHE A 1 148 ? 9.789   -1.335  1.290   1.00 27.47 ? 148 PHE A CE2   1 
ATOM   1180 C CZ    . PHE A 1 148 ? 8.463   -1.162  1.661   1.00 27.04 ? 148 PHE A CZ    1 
ATOM   1181 N N     . PRO A 1 149 ? 11.724  2.540   2.713   1.00 28.30 ? 149 PRO A N     1 
ATOM   1182 C CA    . PRO A 1 149 ? 12.729  2.256   3.705   1.00 28.55 ? 149 PRO A CA    1 
ATOM   1183 C C     . PRO A 1 149 ? 13.402  0.938   3.298   1.00 29.45 ? 149 PRO A C     1 
ATOM   1184 O O     . PRO A 1 149 ? 12.876  0.180   2.461   1.00 28.28 ? 149 PRO A O     1 
ATOM   1185 C CB    . PRO A 1 149 ? 11.931  2.087   4.977   1.00 28.55 ? 149 PRO A CB    1 
ATOM   1186 C CG    . PRO A 1 149 ? 10.476  2.267   4.738   1.00 27.66 ? 149 PRO A CG    1 
ATOM   1187 C CD    . PRO A 1 149 ? 10.338  2.385   3.249   1.00 28.28 ? 149 PRO A CD    1 
ATOM   1188 N N     . GLU A 1 150 ? 14.538  0.686   3.888   1.00 31.06 ? 150 GLU A N     1 
ATOM   1189 C CA    . GLU A 1 150 ? 15.368  -0.514  3.706   1.00 32.71 ? 150 GLU A CA    1 
ATOM   1190 C C     . GLU A 1 150 ? 14.640  -1.757  4.166   1.00 32.38 ? 150 GLU A C     1 
ATOM   1191 O O     . GLU A 1 150 ? 13.985  -1.766  5.261   1.00 32.47 ? 150 GLU A O     1 
ATOM   1192 C CB    . GLU A 1 150 ? 16.618  -0.242  4.573   1.00 34.91 ? 150 GLU A CB    1 
ATOM   1193 C CG    . GLU A 1 150 ? 17.739  -1.285  4.582   1.00 37.69 ? 150 GLU A CG    1 
ATOM   1194 C CD    . GLU A 1 150 ? 18.608  -1.518  5.811   1.00 39.32 ? 150 GLU A CD    1 
ATOM   1195 O OE1   . GLU A 1 150 ? 19.046  -2.661  6.121   1.00 39.60 ? 150 GLU A OE1   1 
ATOM   1196 O OE2   . GLU A 1 150 ? 18.853  -0.435  6.481   1.00 40.33 ? 150 GLU A OE2   1 
ATOM   1197 N N     . ILE A 1 151 ? 14.634  -2.855  3.395   1.00 32.08 ? 151 ILE A N     1 
ATOM   1198 C CA    . ILE A 1 151 ? 13.925  -4.080  3.884   1.00 30.94 ? 151 ILE A CA    1 
ATOM   1199 C C     . ILE A 1 151 ? 14.929  -4.911  4.670   1.00 30.94 ? 151 ILE A C     1 
ATOM   1200 O O     . ILE A 1 151 ? 15.943  -5.354  4.120   1.00 31.64 ? 151 ILE A O     1 
ATOM   1201 C CB    . ILE A 1 151 ? 13.274  -4.931  2.772   1.00 30.33 ? 151 ILE A CB    1 
ATOM   1202 C CG1   . ILE A 1 151 ? 12.216  -4.074  2.022   1.00 30.60 ? 151 ILE A CG1   1 
ATOM   1203 C CG2   . ILE A 1 151 ? 12.678  -6.252  3.300   1.00 30.07 ? 151 ILE A CG2   1 
ATOM   1204 C CD1   . ILE A 1 151 ? 11.810  -4.826  0.717   1.00 30.12 ? 151 ILE A CD1   1 
ATOM   1205 N N     . ASP A 1 152 ? 14.689  -5.110  5.934   1.00 31.10 ? 152 ASP A N     1 
ATOM   1206 C CA    . ASP A 1 152 ? 15.595  -5.919  6.783   1.00 30.59 ? 152 ASP A CA    1 
ATOM   1207 C C     . ASP A 1 152 ? 15.409  -7.412  6.462   1.00 30.20 ? 152 ASP A C     1 
ATOM   1208 O O     . ASP A 1 152 ? 14.442  -7.955  7.029   1.00 29.61 ? 152 ASP A O     1 
ATOM   1209 C CB    . ASP A 1 152 ? 15.283  -5.651  8.240   1.00 30.24 ? 152 ASP A CB    1 
ATOM   1210 C CG    . ASP A 1 152 ? 16.232  -6.290  9.189   1.00 30.73 ? 152 ASP A CG    1 
ATOM   1211 O OD1   . ASP A 1 152 ? 16.109  -6.193  10.421  1.00 31.73 ? 152 ASP A OD1   1 
ATOM   1212 O OD2   . ASP A 1 152 ? 17.184  -6.949  8.762   1.00 30.22 ? 152 ASP A OD2   1 
ATOM   1213 N N     . LEU A 1 153 ? 16.320  -7.995  5.647   1.00 30.23 ? 153 LEU A N     1 
ATOM   1214 C CA    . LEU A 1 153 ? 16.177  -9.418  5.342   1.00 29.44 ? 153 LEU A CA    1 
ATOM   1215 C C     . LEU A 1 153 ? 16.410  -10.353 6.520   1.00 30.03 ? 153 LEU A C     1 
ATOM   1216 O O     . LEU A 1 153 ? 16.200  -11.592 6.399   1.00 30.28 ? 153 LEU A O     1 
ATOM   1217 C CB    . LEU A 1 153 ? 17.002  -9.802  4.097   1.00 28.99 ? 153 LEU A CB    1 
ATOM   1218 C CG    . LEU A 1 153 ? 16.758  -8.953  2.865   1.00 27.94 ? 153 LEU A CG    1 
ATOM   1219 C CD1   . LEU A 1 153 ? 17.715  -9.352  1.763   1.00 26.88 ? 153 LEU A CD1   1 
ATOM   1220 C CD2   . LEU A 1 153 ? 15.297  -9.196  2.514   1.00 27.42 ? 153 LEU A CD2   1 
ATOM   1221 N N     . GLU A 1 154 ? 16.871  -9.830  7.636   1.00 30.12 ? 154 GLU A N     1 
ATOM   1222 C CA    . GLU A 1 154 ? 17.003  -10.731 8.782   1.00 31.03 ? 154 GLU A CA    1 
ATOM   1223 C C     . GLU A 1 154 ? 15.612  -10.923 9.404   1.00 31.48 ? 154 GLU A C     1 
ATOM   1224 O O     . GLU A 1 154 ? 15.422  -11.873 10.174  1.00 31.52 ? 154 GLU A O     1 
ATOM   1225 C CB    . GLU A 1 154 ? 17.904  -10.236 9.873   1.00 31.81 ? 154 GLU A CB    1 
ATOM   1226 C CG    . GLU A 1 154 ? 19.306  -9.917  9.375   1.00 33.36 ? 154 GLU A CG    1 
ATOM   1227 C CD    . GLU A 1 154 ? 20.371  -10.958 9.540   1.00 34.43 ? 154 GLU A CD    1 
ATOM   1228 O OE1   . GLU A 1 154 ? 21.545  -10.604 9.422   1.00 34.90 ? 154 GLU A OE1   1 
ATOM   1229 O OE2   . GLU A 1 154 ? 19.898  -12.097 9.830   1.00 34.92 ? 154 GLU A OE2   1 
ATOM   1230 N N     . LYS A 1 155 ? 14.643  -10.103 9.053   1.00 31.62 ? 155 LYS A N     1 
ATOM   1231 C CA    . LYS A 1 155 ? 13.273  -10.180 9.561   1.00 32.03 ? 155 LYS A CA    1 
ATOM   1232 C C     . LYS A 1 155 ? 12.232  -10.558 8.512   1.00 31.53 ? 155 LYS A C     1 
ATOM   1233 O O     . LYS A 1 155 ? 11.295  -11.275 8.929   1.00 31.99 ? 155 LYS A O     1 
ATOM   1234 C CB    . LYS A 1 155 ? 12.790  -8.861  10.155  1.00 33.10 ? 155 LYS A CB    1 
ATOM   1235 C CG    . LYS A 1 155 ? 13.097  -8.787  11.659  1.00 34.91 ? 155 LYS A CG    1 
ATOM   1236 C CD    . LYS A 1 155 ? 12.223  -7.592  12.121  1.00 36.80 ? 155 LYS A CD    1 
ATOM   1237 C CE    . LYS A 1 155 ? 12.926  -6.284  11.828  1.00 38.27 ? 155 LYS A CE    1 
ATOM   1238 N NZ    . LYS A 1 155 ? 13.904  -5.845  12.913  1.00 39.08 ? 155 LYS A NZ    1 
ATOM   1239 N N     . TYR A 1 156 ? 12.412  -10.085 7.276   1.00 29.92 ? 156 TYR A N     1 
ATOM   1240 C CA    . TYR A 1 156 ? 11.452  -10.402 6.229   1.00 28.80 ? 156 TYR A CA    1 
ATOM   1241 C C     . TYR A 1 156 ? 12.055  -11.412 5.289   1.00 28.29 ? 156 TYR A C     1 
ATOM   1242 O O     . TYR A 1 156 ? 13.187  -11.145 4.828   1.00 28.68 ? 156 TYR A O     1 
ATOM   1243 C CB    . TYR A 1 156 ? 11.173  -9.155  5.360   1.00 29.60 ? 156 TYR A CB    1 
ATOM   1244 C CG    . TYR A 1 156 ? 10.308  -8.160  6.166   1.00 30.41 ? 156 TYR A CG    1 
ATOM   1245 C CD1   . TYR A 1 156 ? 10.935  -7.250  7.003   1.00 30.57 ? 156 TYR A CD1   1 
ATOM   1246 C CD2   . TYR A 1 156 ? 8.926   -8.164  6.072   1.00 30.84 ? 156 TYR A CD2   1 
ATOM   1247 C CE1   . TYR A 1 156 ? 10.164  -6.340  7.735   1.00 31.58 ? 156 TYR A CE1   1 
ATOM   1248 C CE2   . TYR A 1 156 ? 8.162   -7.275  6.812   1.00 31.40 ? 156 TYR A CE2   1 
ATOM   1249 C CZ    . TYR A 1 156 ? 8.792   -6.362  7.616   1.00 31.49 ? 156 TYR A CZ    1 
ATOM   1250 O OH    . TYR A 1 156 ? 8.050   -5.537  8.362   1.00 34.01 ? 156 TYR A OH    1 
ATOM   1251 N N     . LYS A 1 157 ? 11.349  -12.452 5.028   1.00 27.33 ? 157 LYS A N     1 
ATOM   1252 C CA    . LYS A 1 157 ? 11.728  -13.522 4.113   1.00 27.41 ? 157 LYS A CA    1 
ATOM   1253 C C     . LYS A 1 157 ? 11.057  -13.330 2.756   1.00 26.03 ? 157 LYS A C     1 
ATOM   1254 O O     . LYS A 1 157 ? 9.816   -13.169 2.844   1.00 24.63 ? 157 LYS A O     1 
ATOM   1255 C CB    . LYS A 1 157 ? 11.057  -14.867 4.545   1.00 28.70 ? 157 LYS A CB    1 
ATOM   1256 C CG    . LYS A 1 157 ? 11.748  -15.415 5.778   1.00 31.81 ? 157 LYS A CG    1 
ATOM   1257 C CD    . LYS A 1 157 ? 13.269  -15.613 5.544   1.00 33.92 ? 157 LYS A CD    1 
ATOM   1258 C CE    . LYS A 1 157 ? 13.859  -16.711 6.480   1.00 34.57 ? 157 LYS A CE    1 
ATOM   1259 N NZ    . LYS A 1 157 ? 15.292  -16.944 6.008   1.00 35.17 ? 157 LYS A NZ    1 
ATOM   1260 N N     . LEU A 1 158 ? 11.781  -13.443 1.668   1.00 25.14 ? 158 LEU A N     1 
ATOM   1261 C CA    . LEU A 1 158 ? 11.113  -13.368 0.327   1.00 23.18 ? 158 LEU A CA    1 
ATOM   1262 C C     . LEU A 1 158 ? 10.414  -14.718 0.139   1.00 22.61 ? 158 LEU A C     1 
ATOM   1263 O O     . LEU A 1 158 ? 11.128  -15.740 0.317   1.00 22.71 ? 158 LEU A O     1 
ATOM   1264 C CB    . LEU A 1 158 ? 12.270  -13.115 -0.671  1.00 22.35 ? 158 LEU A CB    1 
ATOM   1265 C CG    . LEU A 1 158 ? 11.952  -12.946 -2.127  1.00 22.12 ? 158 LEU A CG    1 
ATOM   1266 C CD1   . LEU A 1 158 ? 10.761  -12.063 -2.393  1.00 20.88 ? 158 LEU A CD1   1 
ATOM   1267 C CD2   . LEU A 1 158 ? 13.166  -12.431 -2.894  1.00 21.72 ? 158 LEU A CD2   1 
ATOM   1268 N N     . LEU A 1 159 ? 9.181   -14.823 -0.217  1.00 22.21 ? 159 LEU A N     1 
ATOM   1269 C CA    . LEU A 1 159 ? 8.404   -16.026 -0.433  1.00 23.91 ? 159 LEU A CA    1 
ATOM   1270 C C     . LEU A 1 159 ? 8.835   -16.453 -1.861  1.00 24.53 ? 159 LEU A C     1 
ATOM   1271 O O     . LEU A 1 159 ? 9.030   -15.590 -2.724  1.00 23.49 ? 159 LEU A O     1 
ATOM   1272 C CB    . LEU A 1 159 ? 6.896   -15.825 -0.185  1.00 24.04 ? 159 LEU A CB    1 
ATOM   1273 C CG    . LEU A 1 159 ? 6.459   -15.199 1.143   1.00 24.02 ? 159 LEU A CG    1 
ATOM   1274 C CD1   . LEU A 1 159 ? 4.930   -15.252 1.279   1.00 24.51 ? 159 LEU A CD1   1 
ATOM   1275 C CD2   . LEU A 1 159 ? 7.051   -15.943 2.334   1.00 24.62 ? 159 LEU A CD2   1 
ATOM   1276 N N     . PRO A 1 160 ? 9.014   -17.764 -2.043  1.00 26.00 ? 160 PRO A N     1 
ATOM   1277 C CA    . PRO A 1 160 ? 9.460   -18.347 -3.353  1.00 26.25 ? 160 PRO A CA    1 
ATOM   1278 C C     . PRO A 1 160 ? 8.375   -18.180 -4.382  1.00 26.97 ? 160 PRO A C     1 
ATOM   1279 O O     . PRO A 1 160 ? 8.603   -17.987 -5.587  1.00 28.30 ? 160 PRO A O     1 
ATOM   1280 C CB    . PRO A 1 160 ? 9.900   -19.767 -2.997  1.00 26.97 ? 160 PRO A CB    1 
ATOM   1281 C CG    . PRO A 1 160 ? 9.246   -20.067 -1.683  1.00 26.43 ? 160 PRO A CG    1 
ATOM   1282 C CD    . PRO A 1 160 ? 8.791   -18.804 -1.017  1.00 25.77 ? 160 PRO A CD    1 
ATOM   1283 N N     . GLU A 1 161 ? 7.166   -18.106 -3.865  1.00 26.93 ? 161 GLU A N     1 
ATOM   1284 C CA    . GLU A 1 161 ? 5.945   -17.897 -4.597  1.00 27.79 ? 161 GLU A CA    1 
ATOM   1285 C C     . GLU A 1 161 ? 4.786   -17.610 -3.626  1.00 26.21 ? 161 GLU A C     1 
ATOM   1286 O O     . GLU A 1 161 ? 4.712   -17.720 -2.377  1.00 25.26 ? 161 GLU A O     1 
ATOM   1287 C CB    . GLU A 1 161 ? 5.593   -19.127 -5.442  1.00 30.48 ? 161 GLU A CB    1 
ATOM   1288 C CG    . GLU A 1 161 ? 5.323   -20.355 -4.570  1.00 33.10 ? 161 GLU A CG    1 
ATOM   1289 C CD    . GLU A 1 161 ? 4.916   -21.667 -5.177  1.00 35.44 ? 161 GLU A CD    1 
ATOM   1290 O OE1   . GLU A 1 161 ? 4.742   -21.832 -6.414  1.00 36.61 ? 161 GLU A OE1   1 
ATOM   1291 O OE2   . GLU A 1 161 ? 4.824   -22.475 -4.203  1.00 35.86 ? 161 GLU A OE2   1 
ATOM   1292 N N     . TYR A 1 162 ? 3.772   -17.165 -4.358  1.00 25.34 ? 162 TYR A N     1 
ATOM   1293 C CA    . TYR A 1 162 ? 2.528   -16.761 -3.691  1.00 24.86 ? 162 TYR A CA    1 
ATOM   1294 C C     . TYR A 1 162 ? 1.355   -16.815 -4.648  1.00 25.69 ? 162 TYR A C     1 
ATOM   1295 O O     . TYR A 1 162 ? 1.445   -16.261 -5.745  1.00 25.36 ? 162 TYR A O     1 
ATOM   1296 C CB    . TYR A 1 162 ? 2.703   -15.263 -3.208  1.00 23.66 ? 162 TYR A CB    1 
ATOM   1297 C CG    . TYR A 1 162 ? 1.618   -14.959 -2.169  1.00 22.67 ? 162 TYR A CG    1 
ATOM   1298 C CD1   . TYR A 1 162 ? 1.935   -15.375 -0.855  1.00 22.26 ? 162 TYR A CD1   1 
ATOM   1299 C CD2   . TYR A 1 162 ? 0.453   -14.305 -2.415  1.00 21.39 ? 162 TYR A CD2   1 
ATOM   1300 C CE1   . TYR A 1 162 ? 1.036   -15.171 0.159   1.00 22.43 ? 162 TYR A CE1   1 
ATOM   1301 C CE2   . TYR A 1 162 ? -0.465  -14.077 -1.398  1.00 21.87 ? 162 TYR A CE2   1 
ATOM   1302 C CZ    . TYR A 1 162 ? -0.166  -14.531 -0.133  1.00 22.96 ? 162 TYR A CZ    1 
ATOM   1303 O OH    . TYR A 1 162 ? -1.027  -14.334 0.949   1.00 25.14 ? 162 TYR A OH    1 
ATOM   1304 N N     . PRO A 1 163 ? 0.293   -17.442 -4.168  1.00 26.80 ? 163 PRO A N     1 
ATOM   1305 C CA    . PRO A 1 163 ? -0.931  -17.596 -4.958  1.00 27.77 ? 163 PRO A CA    1 
ATOM   1306 C C     . PRO A 1 163 ? -1.479  -16.269 -5.475  1.00 28.71 ? 163 PRO A C     1 
ATOM   1307 O O     . PRO A 1 163 ? -1.774  -15.287 -4.805  1.00 28.98 ? 163 PRO A O     1 
ATOM   1308 C CB    . PRO A 1 163 ? -1.807  -18.384 -3.963  1.00 27.26 ? 163 PRO A CB    1 
ATOM   1309 C CG    . PRO A 1 163 ? -1.325  -17.886 -2.611  1.00 27.51 ? 163 PRO A CG    1 
ATOM   1310 C CD    . PRO A 1 163 ? 0.186   -18.051 -2.817  1.00 26.81 ? 163 PRO A CD    1 
ATOM   1311 N N     . GLY A 1 164 ? -1.639  -16.191 -6.792  1.00 29.75 ? 164 GLY A N     1 
ATOM   1312 C CA    . GLY A 1 164 ? -2.145  -15.153 -7.621  1.00 29.83 ? 164 GLY A CA    1 
ATOM   1313 C C     . GLY A 1 164 ? -1.199  -14.046 -7.974  1.00 29.86 ? 164 GLY A C     1 
ATOM   1314 O O     . GLY A 1 164 ? -1.675  -12.982 -8.385  1.00 32.45 ? 164 GLY A O     1 
ATOM   1315 N N     . VAL A 1 165 ? 0.070   -14.238 -7.829  1.00 29.18 ? 165 VAL A N     1 
ATOM   1316 C CA    . VAL A 1 165 ? 1.109   -13.264 -8.107  1.00 28.95 ? 165 VAL A CA    1 
ATOM   1317 C C     . VAL A 1 165 ? 2.087   -13.874 -9.122  1.00 29.85 ? 165 VAL A C     1 
ATOM   1318 O O     . VAL A 1 165 ? 2.737   -14.861 -8.654  1.00 29.90 ? 165 VAL A O     1 
ATOM   1319 C CB    . VAL A 1 165 ? 1.815   -12.921 -6.766  1.00 28.07 ? 165 VAL A CB    1 
ATOM   1320 C CG1   . VAL A 1 165 ? 3.003   -12.003 -6.985  1.00 27.74 ? 165 VAL A CG1   1 
ATOM   1321 C CG2   . VAL A 1 165 ? 0.926   -12.312 -5.683  1.00 27.46 ? 165 VAL A CG2   1 
ATOM   1322 N N     . LEU A 1 166 ? 2.121   -13.341 -10.310 1.00 30.73 ? 166 LEU A N     1 
ATOM   1323 C CA    . LEU A 1 166 ? 3.043   -13.784 -11.357 1.00 31.14 ? 166 LEU A CA    1 
ATOM   1324 C C     . LEU A 1 166 ? 4.492   -13.735 -10.897 1.00 31.03 ? 166 LEU A C     1 
ATOM   1325 O O     . LEU A 1 166 ? 4.918   -12.696 -10.410 1.00 30.71 ? 166 LEU A O     1 
ATOM   1326 C CB    . LEU A 1 166 ? 2.916   -12.711 -12.440 1.00 31.68 ? 166 LEU A CB    1 
ATOM   1327 C CG    . LEU A 1 166 ? 1.644   -12.694 -13.254 1.00 32.35 ? 166 LEU A CG    1 
ATOM   1328 C CD1   . LEU A 1 166 ? 1.346   -14.147 -13.609 1.00 32.97 ? 166 LEU A CD1   1 
ATOM   1329 C CD2   . LEU A 1 166 ? 0.486   -12.206 -12.390 1.00 33.68 ? 166 LEU A CD2   1 
ATOM   1330 N N     . SER A 1 167 ? 5.287   -14.719 -11.094 1.00 32.13 ? 167 SER A N     1 
ATOM   1331 C CA    . SER A 1 167 ? 6.698   -14.925 -10.751 1.00 33.23 ? 167 SER A CA    1 
ATOM   1332 C C     . SER A 1 167 ? 7.757   -14.490 -11.771 1.00 33.76 ? 167 SER A C     1 
ATOM   1333 O O     . SER A 1 167 ? 8.979   -14.334 -11.520 1.00 33.24 ? 167 SER A O     1 
ATOM   1334 C CB    . SER A 1 167 ? 6.884   -16.439 -10.511 1.00 33.33 ? 167 SER A CB    1 
ATOM   1335 O OG    . SER A 1 167 ? 6.513   -16.726 -9.160  1.00 33.69 ? 167 SER A OG    1 
ATOM   1336 N N     . ASP A 1 168 ? 7.198   -14.278 -12.984 1.00 34.48 ? 168 ASP A N     1 
ATOM   1337 C CA    . ASP A 1 168 ? 8.195   -13.892 -14.022 1.00 35.31 ? 168 ASP A CA    1 
ATOM   1338 C C     . ASP A 1 168 ? 8.201   -12.408 -14.351 1.00 34.52 ? 168 ASP A C     1 
ATOM   1339 O O     . ASP A 1 168 ? 7.240   -11.687 -14.030 1.00 34.05 ? 168 ASP A O     1 
ATOM   1340 C CB    . ASP A 1 168 ? 8.032   -14.953 -15.118 1.00 36.67 ? 168 ASP A CB    1 
ATOM   1341 C CG    . ASP A 1 168 ? 6.776   -14.635 -15.929 1.00 37.69 ? 168 ASP A CG    1 
ATOM   1342 O OD1   . ASP A 1 168 ? 7.009   -14.898 -17.118 1.00 38.85 ? 168 ASP A OD1   1 
ATOM   1343 O OD2   . ASP A 1 168 ? 5.750   -14.181 -15.408 1.00 38.05 ? 168 ASP A OD2   1 
ATOM   1344 N N     . VAL A 1 169 ? 9.307   -12.019 -14.989 1.00 33.21 ? 169 VAL A N     1 
ATOM   1345 C CA    . VAL A 1 169 ? 9.546   -10.623 -15.388 1.00 32.70 ? 169 VAL A CA    1 
ATOM   1346 C C     . VAL A 1 169 ? 8.403   -10.112 -16.245 1.00 32.73 ? 169 VAL A C     1 
ATOM   1347 O O     . VAL A 1 169 ? 7.870   -10.822 -17.144 1.00 32.54 ? 169 VAL A O     1 
ATOM   1348 C CB    . VAL A 1 169 ? 11.004  -10.537 -15.847 1.00 32.17 ? 169 VAL A CB    1 
ATOM   1349 C CG1   . VAL A 1 169 ? 11.309  -9.176  -16.430 1.00 32.59 ? 169 VAL A CG1   1 
ATOM   1350 C CG2   . VAL A 1 169 ? 11.860  -10.894 -14.646 1.00 31.62 ? 169 VAL A CG2   1 
ATOM   1351 N N     . GLN A 1 170 ? 7.932   -8.916  -15.879 1.00 32.00 ? 170 GLN A N     1 
ATOM   1352 C CA    . GLN A 1 170 ? 6.832   -8.289  -16.605 1.00 32.51 ? 170 GLN A CA    1 
ATOM   1353 C C     . GLN A 1 170 ? 7.534   -7.195  -17.438 1.00 32.44 ? 170 GLN A C     1 
ATOM   1354 O O     . GLN A 1 170 ? 8.646   -6.809  -17.104 1.00 31.20 ? 170 GLN A O     1 
ATOM   1355 C CB    . GLN A 1 170 ? 5.700   -7.614  -15.820 1.00 33.33 ? 170 GLN A CB    1 
ATOM   1356 C CG    . GLN A 1 170 ? 5.015   -8.495  -14.799 1.00 33.79 ? 170 GLN A CG    1 
ATOM   1357 C CD    . GLN A 1 170 ? 4.655   -9.778  -15.500 1.00 34.31 ? 170 GLN A CD    1 
ATOM   1358 O OE1   . GLN A 1 170 ? 3.894   -9.738  -16.457 1.00 35.09 ? 170 GLN A OE1   1 
ATOM   1359 N NE2   . GLN A 1 170 ? 5.234   -10.870 -15.031 1.00 34.58 ? 170 GLN A NE2   1 
ATOM   1360 N N     . GLU A 1 171 ? 6.822   -6.762  -18.461 1.00 34.22 ? 171 GLU A N     1 
ATOM   1361 C CA    . GLU A 1 171 ? 7.408   -5.674  -19.268 1.00 36.30 ? 171 GLU A CA    1 
ATOM   1362 C C     . GLU A 1 171 ? 6.342   -4.765  -19.857 1.00 35.58 ? 171 GLU A C     1 
ATOM   1363 O O     . GLU A 1 171 ? 5.419   -5.320  -20.449 1.00 34.89 ? 171 GLU A O     1 
ATOM   1364 C CB    . GLU A 1 171 ? 8.275   -6.153  -20.423 1.00 38.89 ? 171 GLU A CB    1 
ATOM   1365 C CG    . GLU A 1 171 ? 9.143   -4.962  -20.923 1.00 42.64 ? 171 GLU A CG    1 
ATOM   1366 C CD    . GLU A 1 171 ? 9.993   -5.465  -22.068 1.00 45.28 ? 171 GLU A CD    1 
ATOM   1367 O OE1   . GLU A 1 171 ? 11.124  -5.074  -22.305 1.00 46.43 ? 171 GLU A OE1   1 
ATOM   1368 O OE2   . GLU A 1 171 ? 9.349   -6.383  -22.685 1.00 47.34 ? 171 GLU A OE2   1 
ATOM   1369 N N     . GLU A 1 172 ? 6.511   -3.471  -19.636 1.00 35.47 ? 172 GLU A N     1 
ATOM   1370 C CA    . GLU A 1 172 ? 5.485   -2.529  -20.207 1.00 36.36 ? 172 GLU A CA    1 
ATOM   1371 C C     . GLU A 1 172 ? 6.229   -1.257  -20.511 1.00 36.84 ? 172 GLU A C     1 
ATOM   1372 O O     . GLU A 1 172 ? 7.115   -0.894  -19.726 1.00 36.90 ? 172 GLU A O     1 
ATOM   1373 C CB    . GLU A 1 172 ? 4.394   -2.363  -19.201 1.00 36.79 ? 172 GLU A CB    1 
ATOM   1374 C CG    . GLU A 1 172 ? 3.011   -2.161  -19.715 1.00 37.25 ? 172 GLU A CG    1 
ATOM   1375 C CD    . GLU A 1 172 ? 1.987   -1.731  -18.700 1.00 37.44 ? 172 GLU A CD    1 
ATOM   1376 O OE1   . GLU A 1 172 ? 1.824   -2.350  -17.659 1.00 36.65 ? 172 GLU A OE1   1 
ATOM   1377 O OE2   . GLU A 1 172 ? 1.442   -0.724  -19.247 1.00 38.40 ? 172 GLU A OE2   1 
ATOM   1378 N N     . LYS A 1 173 ? 5.977   -0.621  -21.618 1.00 38.34 ? 173 LYS A N     1 
ATOM   1379 C CA    . LYS A 1 173 ? 6.651   0.595   -22.113 1.00 38.99 ? 173 LYS A CA    1 
ATOM   1380 C C     . LYS A 1 173 ? 8.145   0.338   -22.134 1.00 38.97 ? 173 LYS A C     1 
ATOM   1381 O O     . LYS A 1 173 ? 8.999   1.239   -21.931 1.00 40.03 ? 173 LYS A O     1 
ATOM   1382 C CB    . LYS A 1 173 ? 6.440   1.914   -21.379 1.00 40.31 ? 173 LYS A CB    1 
ATOM   1383 C CG    . LYS A 1 173 ? 4.952   2.161   -21.096 1.00 41.40 ? 173 LYS A CG    1 
ATOM   1384 C CD    . LYS A 1 173 ? 4.621   3.581   -20.685 1.00 42.09 ? 173 LYS A CD    1 
ATOM   1385 C CE    . LYS A 1 173 ? 3.130   3.648   -20.353 1.00 42.66 ? 173 LYS A CE    1 
ATOM   1386 N NZ    . LYS A 1 173 ? 2.555   4.976   -20.712 1.00 43.70 ? 173 LYS A NZ    1 
ATOM   1387 N N     . GLY A 1 174 ? 8.453   -0.918  -22.372 1.00 38.59 ? 174 GLY A N     1 
ATOM   1388 C CA    . GLY A 1 174 ? 9.860   -1.343  -22.426 1.00 38.37 ? 174 GLY A CA    1 
ATOM   1389 C C     . GLY A 1 174 ? 10.553  -1.085  -21.099 1.00 37.92 ? 174 GLY A C     1 
ATOM   1390 O O     . GLY A 1 174 ? 11.744  -0.822  -21.069 1.00 38.14 ? 174 GLY A O     1 
ATOM   1391 N N     . ILE A 1 175 ? 9.782   -1.202  -20.032 1.00 37.15 ? 175 ILE A N     1 
ATOM   1392 C CA    . ILE A 1 175 ? 10.165  -1.109  -18.615 1.00 35.28 ? 175 ILE A CA    1 
ATOM   1393 C C     . ILE A 1 175 ? 9.900   -2.523  -18.062 1.00 34.45 ? 175 ILE A C     1 
ATOM   1394 O O     . ILE A 1 175 ? 8.797   -3.102  -18.163 1.00 34.26 ? 175 ILE A O     1 
ATOM   1395 C CB    . ILE A 1 175 ? 9.396   -0.028  -17.803 1.00 34.79 ? 175 ILE A CB    1 
ATOM   1396 C CG1   . ILE A 1 175 ? 9.774   1.416   -18.198 1.00 34.61 ? 175 ILE A CG1   1 
ATOM   1397 C CG2   . ILE A 1 175 ? 9.658   -0.317  -16.280 1.00 35.18 ? 175 ILE A CG2   1 
ATOM   1398 C CD1   . ILE A 1 175 ? 8.665   2.505   -17.995 1.00 33.93 ? 175 ILE A CD1   1 
ATOM   1399 N N     . LYS A 1 176 ? 10.935  -3.118  -17.536 1.00 34.27 ? 176 LYS A N     1 
ATOM   1400 C CA    . LYS A 1 176 ? 10.879  -4.471  -16.937 1.00 33.69 ? 176 LYS A CA    1 
ATOM   1401 C C     . LYS A 1 176 ? 10.586  -4.349  -15.444 1.00 32.20 ? 176 LYS A C     1 
ATOM   1402 O O     . LYS A 1 176 ? 11.221  -3.485  -14.832 1.00 31.21 ? 176 LYS A O     1 
ATOM   1403 C CB    . LYS A 1 176 ? 12.263  -5.127  -17.209 1.00 34.87 ? 176 LYS A CB    1 
ATOM   1404 C CG    . LYS A 1 176 ? 12.209  -5.577  -18.682 1.00 36.81 ? 176 LYS A CG    1 
ATOM   1405 C CD    . LYS A 1 176 ? 13.305  -6.491  -19.180 1.00 39.19 ? 176 LYS A CD    1 
ATOM   1406 C CE    . LYS A 1 176 ? 12.951  -7.118  -20.537 1.00 41.01 ? 176 LYS A CE    1 
ATOM   1407 N NZ    . LYS A 1 176 ? 11.488  -7.511  -20.647 1.00 43.11 ? 176 LYS A NZ    1 
ATOM   1408 N N     . TYR A 1 177 ? 9.711   -5.192  -14.932 1.00 30.94 ? 177 TYR A N     1 
ATOM   1409 C CA    . TYR A 1 177 ? 9.386   -5.185  -13.499 1.00 30.31 ? 177 TYR A CA    1 
ATOM   1410 C C     . TYR A 1 177 ? 8.995   -6.573  -12.984 1.00 29.24 ? 177 TYR A C     1 
ATOM   1411 O O     . TYR A 1 177 ? 8.583   -7.364  -13.841 1.00 29.83 ? 177 TYR A O     1 
ATOM   1412 C CB    . TYR A 1 177 ? 8.367   -4.068  -13.215 1.00 29.71 ? 177 TYR A CB    1 
ATOM   1413 C CG    . TYR A 1 177 ? 7.017   -4.262  -13.870 1.00 29.56 ? 177 TYR A CG    1 
ATOM   1414 C CD1   . TYR A 1 177 ? 6.035   -4.978  -13.206 1.00 29.63 ? 177 TYR A CD1   1 
ATOM   1415 C CD2   . TYR A 1 177 ? 6.667   -3.652  -15.077 1.00 29.16 ? 177 TYR A CD2   1 
ATOM   1416 C CE1   . TYR A 1 177 ? 4.764   -5.115  -13.799 1.00 29.99 ? 177 TYR A CE1   1 
ATOM   1417 C CE2   . TYR A 1 177 ? 5.430   -3.778  -15.685 1.00 29.18 ? 177 TYR A CE2   1 
ATOM   1418 C CZ    . TYR A 1 177 ? 4.481   -4.498  -15.013 1.00 29.58 ? 177 TYR A CZ    1 
ATOM   1419 O OH    . TYR A 1 177 ? 3.274   -4.764  -15.543 1.00 30.67 ? 177 TYR A OH    1 
ATOM   1420 N N     . LYS A 1 178 ? 9.086   -6.895  -11.717 1.00 27.62 ? 178 LYS A N     1 
ATOM   1421 C CA    . LYS A 1 178 ? 8.655   -8.192  -11.140 1.00 26.65 ? 178 LYS A CA    1 
ATOM   1422 C C     . LYS A 1 178 ? 7.936   -8.013  -9.807  1.00 25.97 ? 178 LYS A C     1 
ATOM   1423 O O     . LYS A 1 178 ? 8.170   -6.962  -9.139  1.00 24.93 ? 178 LYS A O     1 
ATOM   1424 C CB    . LYS A 1 178 ? 9.811   -9.161  -10.980 1.00 27.60 ? 178 LYS A CB    1 
ATOM   1425 C CG    . LYS A 1 178 ? 10.994  -8.714  -10.186 1.00 27.59 ? 178 LYS A CG    1 
ATOM   1426 C CD    . LYS A 1 178 ? 12.233  -9.548  -10.143 1.00 28.39 ? 178 LYS A CD    1 
ATOM   1427 C CE    . LYS A 1 178 ? 13.237  -8.901  -9.181  1.00 29.14 ? 178 LYS A CE    1 
ATOM   1428 N NZ    . LYS A 1 178 ? 14.526  -9.676  -9.352  1.00 30.73 ? 178 LYS A NZ    1 
ATOM   1429 N N     . PHE A 1 179 ? 7.049   -8.892  -9.422  1.00 25.63 ? 179 PHE A N     1 
ATOM   1430 C CA    . PHE A 1 179 ? 6.231   -8.970  -8.192  1.00 24.64 ? 179 PHE A CA    1 
ATOM   1431 C C     . PHE A 1 179 ? 6.912   -9.837  -7.119  1.00 25.25 ? 179 PHE A C     1 
ATOM   1432 O O     . PHE A 1 179 ? 7.294   -11.018 -7.394  1.00 26.00 ? 179 PHE A O     1 
ATOM   1433 C CB    . PHE A 1 179 ? 4.813   -9.459  -8.434  1.00 23.13 ? 179 PHE A CB    1 
ATOM   1434 C CG    . PHE A 1 179 ? 4.116   -8.652  -9.477  1.00 23.34 ? 179 PHE A CG    1 
ATOM   1435 C CD1   . PHE A 1 179 ? 3.885   -9.144  -10.763 1.00 23.11 ? 179 PHE A CD1   1 
ATOM   1436 C CD2   . PHE A 1 179 ? 3.767   -7.326  -9.229  1.00 22.75 ? 179 PHE A CD2   1 
ATOM   1437 C CE1   . PHE A 1 179 ? 3.271   -8.384  -11.741 1.00 23.17 ? 179 PHE A CE1   1 
ATOM   1438 C CE2   . PHE A 1 179 ? 3.149   -6.564  -10.202 1.00 23.23 ? 179 PHE A CE2   1 
ATOM   1439 C CZ    . PHE A 1 179 ? 2.885   -7.095  -11.487 1.00 22.81 ? 179 PHE A CZ    1 
ATOM   1440 N N     . GLU A 1 180 ? 7.074   -9.248  -5.937  1.00 23.83 ? 180 GLU A N     1 
ATOM   1441 C CA    . GLU A 1 180 ? 7.711   -9.887  -4.797  1.00 24.05 ? 180 GLU A CA    1 
ATOM   1442 C C     . GLU A 1 180 ? 6.759   -9.863  -3.578  1.00 24.03 ? 180 GLU A C     1 
ATOM   1443 O O     . GLU A 1 180 ? 5.974   -8.897  -3.463  1.00 24.66 ? 180 GLU A O     1 
ATOM   1444 C CB    . GLU A 1 180 ? 9.091   -9.397  -4.371  1.00 24.13 ? 180 GLU A CB    1 
ATOM   1445 C CG    . GLU A 1 180 ? 10.279  -9.832  -5.237  1.00 25.65 ? 180 GLU A CG    1 
ATOM   1446 C CD    . GLU A 1 180 ? 11.591  -9.144  -5.032  1.00 27.47 ? 180 GLU A CD    1 
ATOM   1447 O OE1   . GLU A 1 180 ? 12.603  -9.246  -5.715  1.00 28.96 ? 180 GLU A OE1   1 
ATOM   1448 O OE2   . GLU A 1 180 ? 11.519  -8.359  -3.993  1.00 28.22 ? 180 GLU A OE2   1 
ATOM   1449 N N     . VAL A 1 181 ? 6.798   -10.866 -2.733  1.00 22.41 ? 181 VAL A N     1 
ATOM   1450 C CA    . VAL A 1 181 ? 6.049   -11.025 -1.513  1.00 21.47 ? 181 VAL A CA    1 
ATOM   1451 C C     . VAL A 1 181 ? 7.024   -11.355 -0.400  1.00 21.22 ? 181 VAL A C     1 
ATOM   1452 O O     . VAL A 1 181 ? 7.752   -12.323 -0.566  1.00 21.86 ? 181 VAL A O     1 
ATOM   1453 C CB    . VAL A 1 181 ? 4.833   -11.969 -1.628  1.00 20.83 ? 181 VAL A CB    1 
ATOM   1454 C CG1   . VAL A 1 181 ? 3.979   -11.837 -0.411  1.00 19.94 ? 181 VAL A CG1   1 
ATOM   1455 C CG2   . VAL A 1 181 ? 4.059   -11.543 -2.892  1.00 20.51 ? 181 VAL A CG2   1 
ATOM   1456 N N     . TYR A 1 182 ? 7.083   -10.574 0.636   1.00 20.31 ? 182 TYR A N     1 
ATOM   1457 C CA    . TYR A 1 182 ? 7.907   -10.759 1.818   1.00 20.21 ? 182 TYR A CA    1 
ATOM   1458 C C     . TYR A 1 182 ? 6.940   -10.880 3.008   1.00 20.54 ? 182 TYR A C     1 
ATOM   1459 O O     . TYR A 1 182 ? 5.918   -10.191 3.032   1.00 20.09 ? 182 TYR A O     1 
ATOM   1460 C CB    . TYR A 1 182 ? 8.748   -9.522  2.175   1.00 19.13 ? 182 TYR A CB    1 
ATOM   1461 C CG    . TYR A 1 182 ? 9.750   -9.211  1.102   1.00 18.75 ? 182 TYR A CG    1 
ATOM   1462 C CD1   . TYR A 1 182 ? 9.418   -8.644  -0.103  1.00 19.14 ? 182 TYR A CD1   1 
ATOM   1463 C CD2   . TYR A 1 182 ? 11.077  -9.580  1.315   1.00 19.25 ? 182 TYR A CD2   1 
ATOM   1464 C CE1   . TYR A 1 182 ? 10.389  -8.366  -1.066  1.00 19.28 ? 182 TYR A CE1   1 
ATOM   1465 C CE2   . TYR A 1 182 ? 12.081  -9.338  0.370   1.00 19.44 ? 182 TYR A CE2   1 
ATOM   1466 C CZ    . TYR A 1 182 ? 11.703  -8.715  -0.788  1.00 20.01 ? 182 TYR A CZ    1 
ATOM   1467 O OH    . TYR A 1 182 ? 12.729  -8.506  -1.688  1.00 23.86 ? 182 TYR A OH    1 
ATOM   1468 N N     . GLU A 1 183 ? 7.295   -11.705 3.932   1.00 22.20 ? 183 GLU A N     1 
ATOM   1469 C CA    . GLU A 1 183 ? 6.559   -11.953 5.146   1.00 24.56 ? 183 GLU A CA    1 
ATOM   1470 C C     . GLU A 1 183 ? 7.467   -11.805 6.375   1.00 26.51 ? 183 GLU A C     1 
ATOM   1471 O O     . GLU A 1 183 ? 8.602   -12.277 6.336   1.00 24.73 ? 183 GLU A O     1 
ATOM   1472 C CB    . GLU A 1 183 ? 6.016   -13.388 5.091   1.00 25.18 ? 183 GLU A CB    1 
ATOM   1473 C CG    . GLU A 1 183 ? 5.007   -13.814 6.134   1.00 26.54 ? 183 GLU A CG    1 
ATOM   1474 C CD    . GLU A 1 183 ? 4.105   -14.973 5.826   1.00 28.09 ? 183 GLU A CD    1 
ATOM   1475 O OE1   . GLU A 1 183 ? 2.996   -15.126 6.282   1.00 29.65 ? 183 GLU A OE1   1 
ATOM   1476 O OE2   . GLU A 1 183 ? 4.543   -15.782 5.004   1.00 29.24 ? 183 GLU A OE2   1 
ATOM   1477 N N     . LYS A 1 184 ? 6.905   -11.234 7.428   1.00 28.96 ? 184 LYS A N     1 
ATOM   1478 C CA    . LYS A 1 184 ? 7.514   -11.042 8.729   1.00 33.03 ? 184 LYS A CA    1 
ATOM   1479 C C     . LYS A 1 184 ? 6.570   -11.569 9.803   1.00 36.35 ? 184 LYS A C     1 
ATOM   1480 O O     . LYS A 1 184 ? 5.317   -11.654 9.640   1.00 37.63 ? 184 LYS A O     1 
ATOM   1481 C CB    . LYS A 1 184 ? 7.677   -9.547  9.072   1.00 34.07 ? 184 LYS A CB    1 
ATOM   1482 C CG    . LYS A 1 184 ? 7.913   -9.178  10.536  1.00 34.95 ? 184 LYS A CG    1 
ATOM   1483 C CD    . LYS A 1 184 ? 8.114   -7.697  10.791  1.00 36.21 ? 184 LYS A CD    1 
ATOM   1484 C CE    . LYS A 1 184 ? 6.999   -6.927  11.461  1.00 36.46 ? 184 LYS A CE    1 
ATOM   1485 N NZ    . LYS A 1 184 ? 6.434   -7.640  12.625  1.00 38.09 ? 184 LYS A NZ    1 
ATOM   1486 N N     . ASN A 1 185 ? 7.082   -11.910 10.954  1.00 39.76 ? 185 ASN A N     1 
ATOM   1487 C CA    . ASN A 1 185 ? 6.304   -12.357 12.142  1.00 42.79 ? 185 ASN A CA    1 
ATOM   1488 C C     . ASN A 1 185 ? 7.234   -12.157 13.356  1.00 44.13 ? 185 ASN A C     1 
ATOM   1489 O O     . ASN A 1 185 ? 8.086   -13.039 13.551  1.00 44.62 ? 185 ASN A O     1 
ATOM   1490 C CB    . ASN A 1 185 ? 5.715   -13.742 12.024  1.00 43.73 ? 185 ASN A CB    1 
ATOM   1491 C CG    . ASN A 1 185 ? 4.522   -13.964 12.973  1.00 45.11 ? 185 ASN A CG    1 
ATOM   1492 O OD1   . ASN A 1 185 ? 4.009   -15.110 13.075  1.00 44.92 ? 185 ASN A OD1   1 
ATOM   1493 N ND2   . ASN A 1 185 ? 4.106   -12.865 13.662  1.00 45.55 ? 185 ASN A ND2   1 
ATOM   1494 N N     . ASP A 1 186 ? 7.058   -11.040 14.056  1.00 45.33 ? 186 ASP A N     1 
ATOM   1495 C CA    . ASP A 1 186 ? 7.891   -10.744 15.251  1.00 46.64 ? 186 ASP A CA    1 
ATOM   1496 C C     . ASP A 1 186 ? 7.214   -9.749  16.212  1.00 47.43 ? 186 ASP A C     1 
ATOM   1497 O O     . ASP A 1 186 ? 7.920   -8.954  16.893  1.00 48.09 ? 186 ASP A O     1 
ATOM   1498 C CB    . ASP A 1 186 ? 9.268   -10.272 14.745  1.00 46.86 ? 186 ASP A CB    1 
ATOM   1499 C CG    . ASP A 1 186 ? 9.073   -8.777  14.427  1.00 47.22 ? 186 ASP A CG    1 
ATOM   1500 O OD1   . ASP A 1 186 ? 7.949   -8.244  14.580  1.00 45.65 ? 186 ASP A OD1   1 
ATOM   1501 O OD2   . ASP A 1 186 ? 10.135  -8.243  14.044  1.00 48.09 ? 186 ASP A OD2   1 
ATOM   1502 O OXT   . ASP A 1 186 ? 5.956   -9.689  16.324  1.00 47.33 ? 186 ASP A OXT   1 
HETATM 1503 P PA    . NDP B 2 .   ? 2.594   10.711  2.694   1.00 30.17 ? 300 NDP A PA    1 
HETATM 1504 O O1A   . NDP B 2 .   ? 1.822   10.191  1.641   1.00 28.75 ? 300 NDP A O1A   1 
HETATM 1505 O O2A   . NDP B 2 .   ? 2.938   9.424   3.433   1.00 30.34 ? 300 NDP A O2A   1 
HETATM 1506 O O5B   . NDP B 2 .   ? 2.132   11.939  3.281   1.00 32.56 ? 300 NDP A O5B   1 
HETATM 1507 C C5B   . NDP B 2 .   ? 2.788   12.801  4.336   1.00 34.65 ? 300 NDP A C5B   1 
HETATM 1508 C C4B   . NDP B 2 .   ? 1.805   13.335  5.411   1.00 35.96 ? 300 NDP A C4B   1 
HETATM 1509 O O4B   . NDP B 2 .   ? 0.941   12.373  5.714   1.00 35.57 ? 300 NDP A O4B   1 
HETATM 1510 C C3B   . NDP B 2 .   ? 2.501   13.676  6.761   1.00 36.54 ? 300 NDP A C3B   1 
HETATM 1511 O O3B   . NDP B 2 .   ? 3.066   15.040  6.346   1.00 37.71 ? 300 NDP A O3B   1 
HETATM 1512 C C2B   . NDP B 2 .   ? 1.186   13.855  7.568   1.00 36.41 ? 300 NDP A C2B   1 
HETATM 1513 O O2B   . NDP B 2 .   ? 0.350   14.866  7.359   1.00 35.73 ? 300 NDP A O2B   1 
HETATM 1514 C C1B   . NDP B 2 .   ? 0.556   12.428  7.158   1.00 36.88 ? 300 NDP A C1B   1 
HETATM 1515 N N9A   . NDP B 2 .   ? 1.200   11.337  7.726   1.00 38.65 ? 300 NDP A N9A   1 
HETATM 1516 C C8A   . NDP B 2 .   ? 2.153   10.626  7.038   1.00 39.04 ? 300 NDP A C8A   1 
HETATM 1517 N N7A   . NDP B 2 .   ? 2.617   9.625   7.845   1.00 39.70 ? 300 NDP A N7A   1 
HETATM 1518 C C5A   . NDP B 2 .   ? 1.836   9.783   9.023   1.00 40.12 ? 300 NDP A C5A   1 
HETATM 1519 C C6A   . NDP B 2 .   ? 1.751   9.044   10.363  1.00 41.21 ? 300 NDP A C6A   1 
HETATM 1520 N N6A   . NDP B 2 .   ? 2.609   7.942   10.455  1.00 42.31 ? 300 NDP A N6A   1 
HETATM 1521 N N1A   . NDP B 2 .   ? 0.894   9.505   11.303  1.00 41.02 ? 300 NDP A N1A   1 
HETATM 1522 C C2A   . NDP B 2 .   ? 0.165   10.574  10.976  1.00 40.52 ? 300 NDP A C2A   1 
HETATM 1523 N N3A   . NDP B 2 .   ? 0.130   11.303  9.874   1.00 39.96 ? 300 NDP A N3A   1 
HETATM 1524 C C4A   . NDP B 2 .   ? 1.023   10.835  8.936   1.00 39.79 ? 300 NDP A C4A   1 
HETATM 1525 O O3    . NDP B 2 .   ? 3.913   11.238  1.868   1.00 32.87 ? 300 NDP A O3    1 
HETATM 1526 P PN    . NDP B 2 .   ? 5.135   10.688  0.877   1.00 35.59 ? 300 NDP A PN    1 
HETATM 1527 O O1N   . NDP B 2 .   ? 6.041   9.779   1.545   1.00 33.52 ? 300 NDP A O1N   1 
HETATM 1528 O O2N   . NDP B 2 .   ? 5.864   11.950  0.721   1.00 36.20 ? 300 NDP A O2N   1 
HETATM 1529 O O5D   . NDP B 2 .   ? 4.655   10.426  -0.581  1.00 34.88 ? 300 NDP A O5D   1 
HETATM 1530 C C5D   . NDP B 2 .   ? 3.780   10.718  -1.725  1.00 35.46 ? 300 NDP A C5D   1 
HETATM 1531 C C4D   . NDP B 2 .   ? 4.845   10.557  -2.867  1.00 35.46 ? 300 NDP A C4D   1 
HETATM 1532 O O4D   . NDP B 2 .   ? 5.128   9.082   -3.063  1.00 35.64 ? 300 NDP A O4D   1 
HETATM 1533 C C3D   . NDP B 2 .   ? 4.210   10.998  -4.295  1.00 35.32 ? 300 NDP A C3D   1 
HETATM 1534 O O3D   . NDP B 2 .   ? 5.542   11.067  -4.822  1.00 34.84 ? 300 NDP A O3D   1 
HETATM 1535 C C2D   . NDP B 2 .   ? 3.323   9.754   -4.468  1.00 35.55 ? 300 NDP A C2D   1 
HETATM 1536 O O2D   . NDP B 2 .   ? 2.785   9.667   -5.752  1.00 36.50 ? 300 NDP A O2D   1 
HETATM 1537 C C1D   . NDP B 2 .   ? 4.311   8.620   -4.278  1.00 35.52 ? 300 NDP A C1D   1 
HETATM 1538 N N1N   . NDP B 2 .   ? 3.827   7.221   -3.877  1.00 34.63 ? 300 NDP A N1N   1 
HETATM 1539 C C2N   . NDP B 2 .   ? 4.302   6.062   -4.657  1.00 33.42 ? 300 NDP A C2N   1 
HETATM 1540 C C3N   . NDP B 2 .   ? 3.761   4.811   -4.227  1.00 31.68 ? 300 NDP A C3N   1 
HETATM 1541 C C7N   . NDP B 2 .   ? 4.326   3.582   -4.990  1.00 29.88 ? 300 NDP A C7N   1 
HETATM 1542 O O7N   . NDP B 2 .   ? 4.143   2.527   -4.883  1.00 27.23 ? 300 NDP A O7N   1 
HETATM 1543 N N7N   . NDP B 2 .   ? 5.362   3.861   -6.095  1.00 26.23 ? 300 NDP A N7N   1 
HETATM 1544 C C4N   . NDP B 2 .   ? 2.793   4.570   -3.087  1.00 32.19 ? 300 NDP A C4N   1 
HETATM 1545 C C5N   . NDP B 2 .   ? 2.445   5.878   -2.423  1.00 33.57 ? 300 NDP A C5N   1 
HETATM 1546 C C6N   . NDP B 2 .   ? 2.917   7.106   -2.793  1.00 33.98 ? 300 NDP A C6N   1 
HETATM 1547 P P2B   . NDP B 2 .   ? 0.401   16.141  8.421   1.00 35.17 ? 300 NDP A P2B   1 
HETATM 1548 O O1X   . NDP B 2 .   ? -0.655  16.507  7.536   1.00 33.74 ? 300 NDP A O1X   1 
HETATM 1549 O O2X   . NDP B 2 .   ? 1.448   17.038  7.981   1.00 35.90 ? 300 NDP A O2X   1 
HETATM 1550 O O3X   . NDP B 2 .   ? 0.162   15.768  9.679   1.00 34.81 ? 300 NDP A O3X   1 
HETATM 1551 N "N2'" . CO4 C 3 .   ? 2.258   -1.370  -6.378  1.00 23.39 ? 301 CO4 A "N2'" 1 
HETATM 1552 C C2D   . CO4 C 3 .   ? 1.756   -0.238  -5.968  1.00 23.80 ? 301 CO4 A C2D   1 
HETATM 1553 N "N3'" . CO4 C 3 .   ? 1.531   0.160   -4.701  1.00 24.62 ? 301 CO4 A "N3'" 1 
HETATM 1554 C C4D   . CO4 C 3 .   ? 1.024   1.355   -4.456  1.00 24.69 ? 301 CO4 A C4D   1 
HETATM 1555 N "N4'" . CO4 C 3 .   ? 0.830   1.568   -3.127  1.00 24.20 ? 301 CO4 A "N4'" 1 
HETATM 1556 C C4A   . CO4 C 3 .   ? 0.637   2.274   -5.479  1.00 25.68 ? 301 CO4 A C4A   1 
HETATM 1557 C C5D   . CO4 C 3 .   ? 0.043   3.582   -5.324  1.00 28.38 ? 301 CO4 A C5D   1 
HETATM 1558 C C6D   . CO4 C 3 .   ? -0.164  4.382   -6.421  1.00 30.46 ? 301 CO4 A C6D   1 
HETATM 1559 C "C7'" . CO4 C 3 .   ? 0.122   3.817   -7.696  1.00 30.07 ? 301 CO4 A "C7'" 1 
HETATM 1560 N "N8'" . CO4 C 3 .   ? 0.674   2.608   -7.905  1.00 28.76 ? 301 CO4 A "N8'" 1 
HETATM 1561 C C8A   . CO4 C 3 .   ? 0.938   1.819   -6.767  1.00 26.24 ? 301 CO4 A C8A   1 
HETATM 1562 N "N1'" . CO4 C 3 .   ? 1.508   0.569   -7.031  1.00 24.56 ? 301 CO4 A "N1'" 1 
HETATM 1563 C "C8'" . CO4 C 3 .   ? -0.754  5.817   -6.404  1.00 32.81 ? 301 CO4 A "C8'" 1 
HETATM 1564 N "N9'" . CO4 C 3 .   ? -0.843  6.709   -7.537  1.00 32.88 ? 301 CO4 A "N9'" 1 
HETATM 1565 C "C1'" . CO4 C 3 .   ? -1.783  6.503   -8.531  1.00 34.16 ? 301 CO4 A "C1'" 1 
HETATM 1566 C "C6'" . CO4 C 3 .   ? -2.915  5.673   -8.277  1.00 33.06 ? 301 CO4 A "C6'" 1 
HETATM 1567 C "C5'" . CO4 C 3 .   ? -3.757  5.550   -9.372  1.00 34.95 ? 301 CO4 A "C5'" 1 
HETATM 1568 O "O5'" . CO4 C 3 .   ? -4.895  4.815   -9.140  1.00 37.17 ? 301 CO4 A "O5'" 1 
HETATM 1569 C C5B   . CO4 C 3 .   ? -4.846  4.186   -7.850  1.00 35.96 ? 301 CO4 A C5B   1 
HETATM 1570 C "C4'" . CO4 C 3 .   ? -3.589  6.153   -10.606 1.00 35.32 ? 301 CO4 A "C4'" 1 
HETATM 1571 O "O4'" . CO4 C 3 .   ? -4.561  5.956   -11.629 1.00 36.29 ? 301 CO4 A "O4'" 1 
HETATM 1572 C C4B   . CO4 C 3 .   ? -4.142  6.584   -12.841 1.00 36.43 ? 301 CO4 A C4B   1 
HETATM 1573 C "C3'" . CO4 C 3 .   ? -2.480  6.973   -10.768 1.00 34.70 ? 301 CO4 A "C3'" 1 
HETATM 1574 O "O3'" . CO4 C 3 .   ? -2.435  7.582   -12.007 1.00 34.63 ? 301 CO4 A "O3'" 1 
HETATM 1575 C C3B   . CO4 C 3 .   ? -1.247  8.380   -12.218 1.00 34.61 ? 301 CO4 A C3B   1 
HETATM 1576 C "C2'" . CO4 C 3 .   ? -1.569  7.199   -9.748  1.00 34.31 ? 301 CO4 A "C2'" 1 
HETATM 1577 C "C9'" . CO4 C 3 .   ? 0.214   7.624   -7.983  1.00 33.98 ? 301 CO4 A "C9'" 1 
HETATM 1578 C C51   . CO4 C 3 .   ? -0.304  4.084   -3.938  1.00 28.05 ? 301 CO4 A C51   1 
HETATM 1579 O O     . HOH D 4 .   ? -5.892  14.845  12.562  1.00 38.20 ? 188 HOH A O     1 
HETATM 1580 O O     . HOH D 4 .   ? 3.746   -7.762  -5.174  1.00 24.61 ? 189 HOH A O     1 
HETATM 1581 O O     . HOH D 4 .   ? 3.129   -4.778  -5.279  1.00 21.61 ? 190 HOH A O     1 
HETATM 1582 O O     . HOH D 4 .   ? 7.308   13.480  -4.098  1.00 28.98 ? 191 HOH A O     1 
HETATM 1583 O O     . HOH D 4 .   ? 11.540  17.538  -5.622  1.00 30.19 ? 192 HOH A O     1 
HETATM 1584 O O     . HOH D 4 .   ? -12.497 -4.144  -0.810  1.00 26.38 ? 193 HOH A O     1 
HETATM 1585 O O     . HOH D 4 .   ? 7.745   -13.601 -3.789  1.00 22.38 ? 194 HOH A O     1 
HETATM 1586 O O     . HOH D 4 .   ? 6.454   -13.381 -6.776  1.00 30.19 ? 195 HOH A O     1 
HETATM 1587 O O     . HOH D 4 .   ? 4.822   -15.506 -7.183  1.00 31.54 ? 196 HOH A O     1 
HETATM 1588 O O     . HOH D 4 .   ? 1.079   17.294  -2.325  1.00 31.32 ? 197 HOH A O     1 
HETATM 1589 O O     . HOH D 4 .   ? 14.823  -8.501  -5.094  1.00 33.15 ? 198 HOH A O     1 
HETATM 1590 O O     . HOH D 4 .   ? 10.248  -8.526  -6.077  1.00 33.94 ? 199 HOH A O     1 
HETATM 1591 O O     . HOH D 4 .   ? 0.779   21.848  5.313   1.00 36.35 ? 200 HOH A O     1 
HETATM 1592 O O     . HOH D 4 .   ? 18.842  -4.944  4.286   1.00 35.83 ? 201 HOH A O     1 
HETATM 1593 O O     . HOH D 4 .   ? 19.085  -7.274  5.506   1.00 32.56 ? 202 HOH A O     1 
HETATM 1594 O O     . HOH D 4 .   ? -12.897 10.260  10.441  1.00 32.55 ? 203 HOH A O     1 
HETATM 1595 O O     . HOH D 4 .   ? -15.105 13.628  3.294   1.00 30.73 ? 204 HOH A O     1 
HETATM 1596 O O     . HOH D 4 .   ? -9.880  15.606  -1.822  1.00 33.23 ? 205 HOH A O     1 
HETATM 1597 O O     . HOH D 4 .   ? -11.446 13.743  -4.012  1.00 31.54 ? 206 HOH A O     1 
HETATM 1598 O O     . HOH D 4 .   ? -10.305 18.127  -3.299  1.00 36.09 ? 207 HOH A O     1 
HETATM 1599 O O     . HOH D 4 .   ? -6.322  15.739  -10.611 1.00 55.84 ? 208 HOH A O     1 
HETATM 1600 O O     . HOH D 4 .   ? 4.520   9.482   -14.269 1.00 35.93 ? 209 HOH A O     1 
HETATM 1601 O O     . HOH D 4 .   ? 1.589   -14.194 12.608  1.00 46.39 ? 210 HOH A O     1 
HETATM 1602 O O     . HOH D 4 .   ? -2.637  -11.477 3.383   1.00 35.05 ? 211 HOH A O     1 
HETATM 1603 O O     . HOH D 4 .   ? -1.011  -14.973 3.208   1.00 30.72 ? 212 HOH A O     1 
HETATM 1604 O O     . HOH D 4 .   ? -6.479  -9.247  -1.681  1.00 31.17 ? 213 HOH A O     1 
HETATM 1605 O O     . HOH D 4 .   ? 7.242   -11.329 -11.070 1.00 29.38 ? 214 HOH A O     1 
HETATM 1606 O O     . HOH D 4 .   ? 1.718   -22.108 -4.181  1.00 35.21 ? 215 HOH A O     1 
HETATM 1607 O O     . HOH D 4 .   ? 4.228   -18.983 -0.600  1.00 24.80 ? 216 HOH A O     1 
HETATM 1608 O O     . HOH D 4 .   ? 12.009  -3.481  10.056  1.00 37.91 ? 217 HOH A O     1 
HETATM 1609 O O     . HOH D 4 .   ? 12.754  -3.393  7.280   1.00 34.49 ? 218 HOH A O     1 
HETATM 1610 O O     . HOH D 4 .   ? 11.794  9.440   1.322   1.00 32.18 ? 219 HOH A O     1 
HETATM 1611 O O     . HOH D 4 .   ? 14.131  -2.051  -5.688  1.00 29.23 ? 220 HOH A O     1 
HETATM 1612 O O     . HOH D 4 .   ? 13.615  -2.858  -8.314  1.00 35.64 ? 221 HOH A O     1 
HETATM 1613 O O     . HOH D 4 .   ? 18.954  2.857   -15.004 1.00 53.99 ? 222 HOH A O     1 
HETATM 1614 O O     . HOH D 4 .   ? -15.334 9.983   9.689   1.00 36.62 ? 223 HOH A O     1 
HETATM 1615 O O     . HOH D 4 .   ? -7.342  9.668   15.614  1.00 41.82 ? 224 HOH A O     1 
HETATM 1616 O O     . HOH D 4 .   ? -15.265 -5.244  18.320  1.00 52.20 ? 225 HOH A O     1 
HETATM 1617 O O     . HOH D 4 .   ? 0.979   14.487  -3.243  1.00 31.18 ? 226 HOH A O     1 
HETATM 1618 O O     . HOH D 4 .   ? 7.567   16.214  -3.391  1.00 31.16 ? 227 HOH A O     1 
HETATM 1619 O O     . HOH D 4 .   ? 15.231  -9.420  -1.377  1.00 31.91 ? 228 HOH A O     1 
HETATM 1620 O O     . HOH D 4 .   ? 2.598   -16.329 3.184   1.00 32.17 ? 229 HOH A O     1 
HETATM 1621 O O     . HOH D 4 .   ? 7.054   -16.854 5.189   1.00 34.84 ? 230 HOH A O     1 
HETATM 1622 O O     . HOH D 4 .   ? 12.732  -17.071 -1.352  1.00 26.24 ? 231 HOH A O     1 
HETATM 1623 O O     . HOH D 4 .   ? 14.837  -13.602 2.051   1.00 32.94 ? 232 HOH A O     1 
HETATM 1624 O O     . HOH D 4 .   ? 15.391  -13.611 4.786   1.00 34.69 ? 233 HOH A O     1 
HETATM 1625 O O     . HOH D 4 .   ? 9.496   -12.476 9.835   1.00 38.20 ? 234 HOH A O     1 
HETATM 1626 O O     . HOH D 4 .   ? -0.108  -10.432 7.198   1.00 45.65 ? 235 HOH A O     1 
HETATM 1627 O O     . HOH D 4 .   ? -15.116 -13.608 -1.276  1.00 50.40 ? 236 HOH A O     1 
HETATM 1628 O O     . HOH D 4 .   ? -8.336  5.125   17.564  1.00 45.89 ? 237 HOH A O     1 
HETATM 1629 O O     . HOH D 4 .   ? 16.769  12.474  -5.507  1.00 33.25 ? 238 HOH A O     1 
HETATM 1630 O O     . HOH D 4 .   ? 11.774  10.287  -12.699 1.00 31.12 ? 239 HOH A O     1 
HETATM 1631 O O     . HOH D 4 .   ? 3.024   1.346   14.438  1.00 53.49 ? 240 HOH A O     1 
HETATM 1632 O O     . HOH D 4 .   ? 16.885  -5.629  1.233   1.00 33.65 ? 241 HOH A O     1 
HETATM 1633 O O     . HOH D 4 .   ? -10.612 4.361   -8.119  1.00 39.25 ? 242 HOH A O     1 
HETATM 1634 O O     . HOH D 4 .   ? -15.727 -4.285  -2.145  1.00 36.23 ? 243 HOH A O     1 
HETATM 1635 O O     . HOH D 4 .   ? -0.604  4.480   -23.150 1.00 44.40 ? 244 HOH A O     1 
HETATM 1636 O O     . HOH D 4 .   ? 0.387   6.887   -20.840 1.00 45.56 ? 245 HOH A O     1 
HETATM 1637 O O     . HOH D 4 .   ? 0.411   9.359   -19.562 1.00 47.51 ? 246 HOH A O     1 
HETATM 1638 O O     . HOH D 4 .   ? -8.241  -11.246 -2.019  1.00 35.96 ? 247 HOH A O     1 
HETATM 1639 O O     . HOH D 4 .   ? 7.040   -3.106  -23.232 1.00 40.32 ? 248 HOH A O     1 
HETATM 1640 O O     . HOH D 4 .   ? 13.143  -3.924  -22.945 1.00 47.07 ? 249 HOH A O     1 
HETATM 1641 O O     . HOH D 4 .   ? -7.435  -11.700 6.585   1.00 37.31 ? 250 HOH A O     1 
HETATM 1642 O O     . HOH D 4 .   ? 21.398  -7.708  7.628   1.00 43.77 ? 251 HOH A O     1 
HETATM 1643 O O     . HOH D 4 .   ? -7.757  13.007  -12.297 1.00 52.71 ? 252 HOH A O     1 
HETATM 1644 O O     . HOH D 4 .   ? -16.445 9.647   -0.801  1.00 32.16 ? 253 HOH A O     1 
HETATM 1645 O O     . HOH D 4 .   ? -18.469 0.645   0.694   1.00 38.87 ? 254 HOH A O     1 
# 
loop_
_pdbx_poly_seq_scheme.asym_id 
_pdbx_poly_seq_scheme.entity_id 
_pdbx_poly_seq_scheme.seq_id 
_pdbx_poly_seq_scheme.mon_id 
_pdbx_poly_seq_scheme.ndb_seq_num 
_pdbx_poly_seq_scheme.pdb_seq_num 
_pdbx_poly_seq_scheme.auth_seq_num 
_pdbx_poly_seq_scheme.pdb_mon_id 
_pdbx_poly_seq_scheme.auth_mon_id 
_pdbx_poly_seq_scheme.pdb_strand_id 
_pdbx_poly_seq_scheme.pdb_ins_code 
_pdbx_poly_seq_scheme.hetero 
A 1 1   VAL 1   1   1   VAL VAL A . n 
A 1 2   GLY 2   2   2   GLY GLY A . n 
A 1 3   SER 3   3   3   SER SER A . n 
A 1 4   LEU 4   4   4   LEU LEU A . n 
A 1 5   ASN 5   5   5   ASN ASN A . n 
A 1 6   CYS 6   6   6   CYS CYS A . n 
A 1 7   ILE 7   7   7   ILE ILE A . n 
A 1 8   VAL 8   8   8   VAL VAL A . n 
A 1 9   ALA 9   9   9   ALA ALA A . n 
A 1 10  VAL 10  10  10  VAL VAL A . n 
A 1 11  SER 11  11  11  SER SER A . n 
A 1 12  GLN 12  12  12  GLN GLN A . n 
A 1 13  ASN 13  13  13  ASN ASN A . n 
A 1 14  MET 14  14  14  MET MET A . n 
A 1 15  GLY 15  15  15  GLY GLY A . n 
A 1 16  ILE 16  16  16  ILE ILE A . n 
A 1 17  GLY 17  17  17  GLY GLY A . n 
A 1 18  LYS 18  18  18  LYS LYS A . n 
A 1 19  ASN 19  19  19  ASN ASN A . n 
A 1 20  GLY 20  20  20  GLY GLY A . n 
A 1 21  ASP 21  21  21  ASP ASP A . n 
A 1 22  LEU 22  22  22  LEU LEU A . n 
A 1 23  PRO 23  23  23  PRO PRO A . n 
A 1 24  TRP 24  24  24  TRP TRP A . n 
A 1 25  PRO 25  25  25  PRO PRO A . n 
A 1 26  PRO 26  26  26  PRO PRO A . n 
A 1 27  LEU 27  27  27  LEU LEU A . n 
A 1 28  ARG 28  28  28  ARG ARG A . n 
A 1 29  ASN 29  29  29  ASN ASN A . n 
A 1 30  GLU 30  30  30  GLU GLU A . n 
A 1 31  PHE 31  31  31  PHE PHE A . n 
A 1 32  ARG 32  32  32  ARG ARG A . n 
A 1 33  TYR 33  33  33  TYR TYR A . n 
A 1 34  PHE 34  34  34  PHE PHE A . n 
A 1 35  GLN 35  35  35  GLN GLN A . n 
A 1 36  ARG 36  36  36  ARG ARG A . n 
A 1 37  MET 37  37  37  MET MET A . n 
A 1 38  THR 38  38  38  THR THR A . n 
A 1 39  THR 39  39  39  THR THR A . n 
A 1 40  THR 40  40  40  THR THR A . n 
A 1 41  SER 41  41  41  SER SER A . n 
A 1 42  SER 42  42  42  SER SER A . n 
A 1 43  VAL 43  43  43  VAL VAL A . n 
A 1 44  GLU 44  44  44  GLU GLU A . n 
A 1 45  GLY 45  45  45  GLY GLY A . n 
A 1 46  LYS 46  46  46  LYS LYS A . n 
A 1 47  GLN 47  47  47  GLN GLN A . n 
A 1 48  ASN 48  48  48  ASN ASN A . n 
A 1 49  LEU 49  49  49  LEU LEU A . n 
A 1 50  VAL 50  50  50  VAL VAL A . n 
A 1 51  ILE 51  51  51  ILE ILE A . n 
A 1 52  MET 52  52  52  MET MET A . n 
A 1 53  GLY 53  53  53  GLY GLY A . n 
A 1 54  LYS 54  54  54  LYS LYS A . n 
A 1 55  LYS 55  55  55  LYS LYS A . n 
A 1 56  THR 56  56  56  THR THR A . n 
A 1 57  TRP 57  57  57  TRP TRP A . n 
A 1 58  PHE 58  58  58  PHE PHE A . n 
A 1 59  SER 59  59  59  SER SER A . n 
A 1 60  ILE 60  60  60  ILE ILE A . n 
A 1 61  PRO 61  61  61  PRO PRO A . n 
A 1 62  GLU 62  62  62  GLU GLU A . n 
A 1 63  LYS 63  63  63  LYS LYS A . n 
A 1 64  ASN 64  64  64  ASN ASN A . n 
A 1 65  ARG 65  65  65  ARG ARG A . n 
A 1 66  PRO 66  66  66  PRO PRO A . n 
A 1 67  LEU 67  67  67  LEU LEU A . n 
A 1 68  LYS 68  68  68  LYS LYS A . n 
A 1 69  GLY 69  69  69  GLY GLY A . n 
A 1 70  ARG 70  70  70  ARG ARG A . n 
A 1 71  ILE 71  71  71  ILE ILE A . n 
A 1 72  ASN 72  72  72  ASN ASN A . n 
A 1 73  LEU 73  73  73  LEU LEU A . n 
A 1 74  VAL 74  74  74  VAL VAL A . n 
A 1 75  LEU 75  75  75  LEU LEU A . n 
A 1 76  SER 76  76  76  SER SER A . n 
A 1 77  ARG 77  77  77  ARG ARG A . n 
A 1 78  GLU 78  78  78  GLU GLU A . n 
A 1 79  LEU 79  79  79  LEU LEU A . n 
A 1 80  LYS 80  80  80  LYS LYS A . n 
A 1 81  GLU 81  81  81  GLU GLU A . n 
A 1 82  PRO 82  82  82  PRO PRO A . n 
A 1 83  PRO 83  83  83  PRO PRO A . n 
A 1 84  GLN 84  84  84  GLN GLN A . n 
A 1 85  GLY 85  85  85  GLY GLY A . n 
A 1 86  ALA 86  86  86  ALA ALA A . n 
A 1 87  HIS 87  87  87  HIS HIS A . n 
A 1 88  PHE 88  88  88  PHE PHE A . n 
A 1 89  LEU 89  89  89  LEU LEU A . n 
A 1 90  SER 90  90  90  SER SER A . n 
A 1 91  ARG 91  91  91  ARG ARG A . n 
A 1 92  SER 92  92  92  SER SER A . n 
A 1 93  LEU 93  93  93  LEU LEU A . n 
A 1 94  ASP 94  94  94  ASP ASP A . n 
A 1 95  ASP 95  95  95  ASP ASP A . n 
A 1 96  ALA 96  96  96  ALA ALA A . n 
A 1 97  LEU 97  97  97  LEU LEU A . n 
A 1 98  LYS 98  98  98  LYS LYS A . n 
A 1 99  LEU 99  99  99  LEU LEU A . n 
A 1 100 THR 100 100 100 THR THR A . n 
A 1 101 GLU 101 101 101 GLU GLU A . n 
A 1 102 GLN 102 102 102 GLN GLN A . n 
A 1 103 PRO 103 103 103 PRO PRO A . n 
A 1 104 GLU 104 104 104 GLU GLU A . n 
A 1 105 LEU 105 105 105 LEU LEU A . n 
A 1 106 ALA 106 106 106 ALA ALA A . n 
A 1 107 ASN 107 107 107 ASN ASN A . n 
A 1 108 LYS 108 108 108 LYS LYS A . n 
A 1 109 VAL 109 109 109 VAL VAL A . n 
A 1 110 ASP 110 110 110 ASP ASP A . n 
A 1 111 MET 111 111 111 MET MET A . n 
A 1 112 VAL 112 112 112 VAL VAL A . n 
A 1 113 TRP 113 113 113 TRP TRP A . n 
A 1 114 ILE 114 114 114 ILE ILE A . n 
A 1 115 VAL 115 115 115 VAL VAL A . n 
A 1 116 GLY 116 116 116 GLY GLY A . n 
A 1 117 GLY 117 117 117 GLY GLY A . n 
A 1 118 SER 118 118 118 SER SER A . n 
A 1 119 SER 119 119 119 SER SER A . n 
A 1 120 VAL 120 120 120 VAL VAL A . n 
A 1 121 TYR 121 121 121 TYR TYR A . n 
A 1 122 LYS 122 122 122 LYS LYS A . n 
A 1 123 GLU 123 123 123 GLU GLU A . n 
A 1 124 ALA 124 124 124 ALA ALA A . n 
A 1 125 MET 125 125 125 MET MET A . n 
A 1 126 ASN 126 126 126 ASN ASN A . n 
A 1 127 HIS 127 127 127 HIS HIS A . n 
A 1 128 PRO 128 128 128 PRO PRO A . n 
A 1 129 GLY 129 129 129 GLY GLY A . n 
A 1 130 HIS 130 130 130 HIS HIS A . n 
A 1 131 LEU 131 131 131 LEU LEU A . n 
A 1 132 LYS 132 132 132 LYS LYS A . n 
A 1 133 LEU 133 133 133 LEU LEU A . n 
A 1 134 PHE 134 134 134 PHE PHE A . n 
A 1 135 VAL 135 135 135 VAL VAL A . n 
A 1 136 THR 136 136 136 THR THR A . n 
A 1 137 ARG 137 137 137 ARG ARG A . n 
A 1 138 ILE 138 138 138 ILE ILE A . n 
A 1 139 MET 139 139 139 MET MET A . n 
A 1 140 GLN 140 140 140 GLN GLN A . n 
A 1 141 ASP 141 141 141 ASP ASP A . n 
A 1 142 PHE 142 142 142 PHE PHE A . n 
A 1 143 GLU 143 143 143 GLU GLU A . n 
A 1 144 SER 144 144 144 SER SER A . n 
A 1 145 ASP 145 145 145 ASP ASP A . n 
A 1 146 THR 146 146 146 THR THR A . n 
A 1 147 PHE 147 147 147 PHE PHE A . n 
A 1 148 PHE 148 148 148 PHE PHE A . n 
A 1 149 PRO 149 149 149 PRO PRO A . n 
A 1 150 GLU 150 150 150 GLU GLU A . n 
A 1 151 ILE 151 151 151 ILE ILE A . n 
A 1 152 ASP 152 152 152 ASP ASP A . n 
A 1 153 LEU 153 153 153 LEU LEU A . n 
A 1 154 GLU 154 154 154 GLU GLU A . n 
A 1 155 LYS 155 155 155 LYS LYS A . n 
A 1 156 TYR 156 156 156 TYR TYR A . n 
A 1 157 LYS 157 157 157 LYS LYS A . n 
A 1 158 LEU 158 158 158 LEU LEU A . n 
A 1 159 LEU 159 159 159 LEU LEU A . n 
A 1 160 PRO 160 160 160 PRO PRO A . n 
A 1 161 GLU 161 161 161 GLU GLU A . n 
A 1 162 TYR 162 162 162 TYR TYR A . n 
A 1 163 PRO 163 163 163 PRO PRO A . n 
A 1 164 GLY 164 164 164 GLY GLY A . n 
A 1 165 VAL 165 165 165 VAL VAL A . n 
A 1 166 LEU 166 166 166 LEU LEU A . n 
A 1 167 SER 167 167 167 SER SER A . n 
A 1 168 ASP 168 168 168 ASP ASP A . n 
A 1 169 VAL 169 169 169 VAL VAL A . n 
A 1 170 GLN 170 170 170 GLN GLN A . n 
A 1 171 GLU 171 171 171 GLU GLU A . n 
A 1 172 GLU 172 172 172 GLU GLU A . n 
A 1 173 LYS 173 173 173 LYS LYS A . n 
A 1 174 GLY 174 174 174 GLY GLY A . n 
A 1 175 ILE 175 175 175 ILE ILE A . n 
A 1 176 LYS 176 176 176 LYS LYS A . n 
A 1 177 TYR 177 177 177 TYR TYR A . n 
A 1 178 LYS 178 178 178 LYS LYS A . n 
A 1 179 PHE 179 179 179 PHE PHE A . n 
A 1 180 GLU 180 180 180 GLU GLU A . n 
A 1 181 VAL 181 181 181 VAL VAL A . n 
A 1 182 TYR 182 182 182 TYR TYR A . n 
A 1 183 GLU 183 183 183 GLU GLU A . n 
A 1 184 LYS 184 184 184 LYS LYS A . n 
A 1 185 ASN 185 185 185 ASN ASN A . n 
A 1 186 ASP 186 186 186 ASP ASP A . n 
# 
loop_
_pdbx_nonpoly_scheme.asym_id 
_pdbx_nonpoly_scheme.entity_id 
_pdbx_nonpoly_scheme.mon_id 
_pdbx_nonpoly_scheme.ndb_seq_num 
_pdbx_nonpoly_scheme.pdb_seq_num 
_pdbx_nonpoly_scheme.auth_seq_num 
_pdbx_nonpoly_scheme.pdb_mon_id 
_pdbx_nonpoly_scheme.auth_mon_id 
_pdbx_nonpoly_scheme.pdb_strand_id 
_pdbx_nonpoly_scheme.pdb_ins_code 
B 2 NDP 1  300 187 NDP COE A . 
C 3 CO4 1  301 187 CO4 COE A . 
D 4 HOH 1  188 188 HOH WAT A . 
D 4 HOH 2  189 189 HOH WAT A . 
D 4 HOH 3  190 190 HOH WAT A . 
D 4 HOH 4  191 191 HOH WAT A . 
D 4 HOH 5  192 192 HOH WAT A . 
D 4 HOH 6  193 193 HOH WAT A . 
D 4 HOH 7  194 194 HOH WAT A . 
D 4 HOH 8  195 195 HOH WAT A . 
D 4 HOH 9  196 196 HOH WAT A . 
D 4 HOH 10 197 197 HOH WAT A . 
D 4 HOH 11 198 198 HOH WAT A . 
D 4 HOH 12 199 199 HOH WAT A . 
D 4 HOH 13 200 200 HOH WAT A . 
D 4 HOH 14 201 201 HOH WAT A . 
D 4 HOH 15 202 202 HOH WAT A . 
D 4 HOH 16 203 203 HOH WAT A . 
D 4 HOH 17 204 204 HOH WAT A . 
D 4 HOH 18 205 205 HOH WAT A . 
D 4 HOH 19 206 206 HOH WAT A . 
D 4 HOH 20 207 207 HOH WAT A . 
D 4 HOH 21 208 208 HOH WAT A . 
D 4 HOH 22 209 209 HOH WAT A . 
D 4 HOH 23 210 210 HOH WAT A . 
D 4 HOH 24 211 211 HOH WAT A . 
D 4 HOH 25 212 212 HOH WAT A . 
D 4 HOH 26 213 213 HOH WAT A . 
D 4 HOH 27 214 214 HOH WAT A . 
D 4 HOH 28 215 215 HOH WAT A . 
D 4 HOH 29 216 216 HOH WAT A . 
D 4 HOH 30 217 217 HOH WAT A . 
D 4 HOH 31 218 218 HOH WAT A . 
D 4 HOH 32 219 219 HOH WAT A . 
D 4 HOH 33 220 220 HOH WAT A . 
D 4 HOH 34 221 221 HOH WAT A . 
D 4 HOH 35 222 222 HOH WAT A . 
D 4 HOH 36 223 223 HOH WAT A . 
D 4 HOH 37 224 224 HOH WAT A . 
D 4 HOH 38 225 225 HOH WAT A . 
D 4 HOH 39 226 226 HOH WAT A . 
D 4 HOH 40 227 227 HOH WAT A . 
D 4 HOH 41 228 228 HOH WAT A . 
D 4 HOH 42 229 229 HOH WAT A . 
D 4 HOH 43 230 230 HOH WAT A . 
D 4 HOH 44 231 231 HOH WAT A . 
D 4 HOH 45 232 232 HOH WAT A . 
D 4 HOH 46 233 233 HOH WAT A . 
D 4 HOH 47 234 234 HOH WAT A . 
D 4 HOH 48 235 235 HOH WAT A . 
D 4 HOH 49 236 236 HOH WAT A . 
D 4 HOH 50 237 237 HOH WAT A . 
D 4 HOH 51 238 238 HOH WAT A . 
D 4 HOH 52 239 239 HOH WAT A . 
D 4 HOH 53 240 240 HOH WAT A . 
D 4 HOH 54 241 241 HOH WAT A . 
D 4 HOH 55 242 242 HOH WAT A . 
D 4 HOH 56 243 243 HOH WAT A . 
D 4 HOH 57 244 244 HOH WAT A . 
D 4 HOH 58 245 245 HOH WAT A . 
D 4 HOH 59 246 246 HOH WAT A . 
D 4 HOH 60 247 247 HOH WAT A . 
D 4 HOH 61 248 248 HOH WAT A . 
D 4 HOH 62 249 249 HOH WAT A . 
D 4 HOH 63 250 250 HOH WAT A . 
D 4 HOH 64 251 251 HOH WAT A . 
D 4 HOH 65 252 252 HOH WAT A . 
D 4 HOH 66 253 253 HOH WAT A . 
D 4 HOH 67 254 254 HOH WAT A . 
# 
_pdbx_struct_assembly.id                   1 
_pdbx_struct_assembly.details              author_defined_assembly 
_pdbx_struct_assembly.method_details       ? 
_pdbx_struct_assembly.oligomeric_details   monomeric 
_pdbx_struct_assembly.oligomeric_count     1 
# 
_pdbx_struct_assembly_gen.assembly_id       1 
_pdbx_struct_assembly_gen.oper_expression   1 
_pdbx_struct_assembly_gen.asym_id_list      A,B,C,D 
# 
_pdbx_struct_oper_list.id                   1 
_pdbx_struct_oper_list.type                 'identity operation' 
_pdbx_struct_oper_list.name                 1_555 
_pdbx_struct_oper_list.symmetry_operation   x,y,z 
_pdbx_struct_oper_list.matrix[1][1]         1.0000000000 
_pdbx_struct_oper_list.matrix[1][2]         0.0000000000 
_pdbx_struct_oper_list.matrix[1][3]         0.0000000000 
_pdbx_struct_oper_list.vector[1]            0.0000000000 
_pdbx_struct_oper_list.matrix[2][1]         0.0000000000 
_pdbx_struct_oper_list.matrix[2][2]         1.0000000000 
_pdbx_struct_oper_list.matrix[2][3]         0.0000000000 
_pdbx_struct_oper_list.vector[2]            0.0000000000 
_pdbx_struct_oper_list.matrix[3][1]         0.0000000000 
_pdbx_struct_oper_list.matrix[3][2]         0.0000000000 
_pdbx_struct_oper_list.matrix[3][3]         1.0000000000 
_pdbx_struct_oper_list.vector[3]            0.0000000000 
# 
loop_
_pdbx_audit_revision_history.ordinal 
_pdbx_audit_revision_history.data_content_type 
_pdbx_audit_revision_history.major_revision 
_pdbx_audit_revision_history.minor_revision 
_pdbx_audit_revision_history.revision_date 
1 'Structure model' 1 0 2003-12-09 
2 'Structure model' 1 1 2008-04-29 
3 'Structure model' 1 2 2011-07-13 
4 'Structure model' 1 3 2023-08-16 
# 
_pdbx_audit_revision_details.ordinal             1 
_pdbx_audit_revision_details.revision_ordinal    1 
_pdbx_audit_revision_details.data_content_type   'Structure model' 
_pdbx_audit_revision_details.provider            repository 
_pdbx_audit_revision_details.type                'Initial release' 
_pdbx_audit_revision_details.description         ? 
_pdbx_audit_revision_details.details             ? 
# 
loop_
_pdbx_audit_revision_group.ordinal 
_pdbx_audit_revision_group.revision_ordinal 
_pdbx_audit_revision_group.data_content_type 
_pdbx_audit_revision_group.group 
1 2 'Structure model' 'Version format compliance' 
2 3 'Structure model' 'Version format compliance' 
3 4 'Structure model' 'Data collection'           
4 4 'Structure model' 'Database references'       
5 4 'Structure model' 'Derived calculations'      
6 4 'Structure model' 'Refinement description'    
# 
loop_
_pdbx_audit_revision_category.ordinal 
_pdbx_audit_revision_category.revision_ordinal 
_pdbx_audit_revision_category.data_content_type 
_pdbx_audit_revision_category.category 
1 4 'Structure model' chem_comp_atom                
2 4 'Structure model' chem_comp_bond                
3 4 'Structure model' database_2                    
4 4 'Structure model' pdbx_initial_refinement_model 
5 4 'Structure model' struct_site                   
# 
loop_
_pdbx_audit_revision_item.ordinal 
_pdbx_audit_revision_item.revision_ordinal 
_pdbx_audit_revision_item.data_content_type 
_pdbx_audit_revision_item.item 
1 4 'Structure model' '_database_2.pdbx_DOI'                
2 4 'Structure model' '_database_2.pdbx_database_accession' 
3 4 'Structure model' '_struct_site.pdbx_auth_asym_id'      
4 4 'Structure model' '_struct_site.pdbx_auth_comp_id'      
5 4 'Structure model' '_struct_site.pdbx_auth_seq_id'       
# 
loop_
_software.name 
_software.classification 
_software.version 
_software.citation_id 
_software.pdbx_ordinal 
DENZO     'data reduction' . ? 1 
SCALEPACK 'data scaling'   . ? 2 
PROTEIN   'model building' . ? 3 
PROLSQ    refinement       . ? 4 
PROTEIN   phasing          . ? 5 
# 
loop_
_pdbx_validate_close_contact.id 
_pdbx_validate_close_contact.PDB_model_num 
_pdbx_validate_close_contact.auth_atom_id_1 
_pdbx_validate_close_contact.auth_asym_id_1 
_pdbx_validate_close_contact.auth_comp_id_1 
_pdbx_validate_close_contact.auth_seq_id_1 
_pdbx_validate_close_contact.PDB_ins_code_1 
_pdbx_validate_close_contact.label_alt_id_1 
_pdbx_validate_close_contact.auth_atom_id_2 
_pdbx_validate_close_contact.auth_asym_id_2 
_pdbx_validate_close_contact.auth_comp_id_2 
_pdbx_validate_close_contact.auth_seq_id_2 
_pdbx_validate_close_contact.PDB_ins_code_2 
_pdbx_validate_close_contact.label_alt_id_2 
_pdbx_validate_close_contact.dist 
1 1 CG A GLU 180 ? ? O A HOH 199 ? ? 1.55 
2 1 CD A GLU 180 ? ? O A HOH 199 ? ? 1.81 
# 
_pdbx_validate_symm_contact.id                1 
_pdbx_validate_symm_contact.PDB_model_num     1 
_pdbx_validate_symm_contact.auth_atom_id_1    OE2 
_pdbx_validate_symm_contact.auth_asym_id_1    A 
_pdbx_validate_symm_contact.auth_comp_id_1    GLU 
_pdbx_validate_symm_contact.auth_seq_id_1     154 
_pdbx_validate_symm_contact.PDB_ins_code_1    ? 
_pdbx_validate_symm_contact.label_alt_id_1    ? 
_pdbx_validate_symm_contact.site_symmetry_1   1_555 
_pdbx_validate_symm_contact.auth_atom_id_2    O 
_pdbx_validate_symm_contact.auth_asym_id_2    A 
_pdbx_validate_symm_contact.auth_comp_id_2    HOH 
_pdbx_validate_symm_contact.auth_seq_id_2     207 
_pdbx_validate_symm_contact.PDB_ins_code_2    ? 
_pdbx_validate_symm_contact.label_alt_id_2    ? 
_pdbx_validate_symm_contact.site_symmetry_2   8_544 
_pdbx_validate_symm_contact.dist              1.87 
# 
loop_
_pdbx_validate_rmsd_angle.id 
_pdbx_validate_rmsd_angle.PDB_model_num 
_pdbx_validate_rmsd_angle.auth_atom_id_1 
_pdbx_validate_rmsd_angle.auth_asym_id_1 
_pdbx_validate_rmsd_angle.auth_comp_id_1 
_pdbx_validate_rmsd_angle.auth_seq_id_1 
_pdbx_validate_rmsd_angle.PDB_ins_code_1 
_pdbx_validate_rmsd_angle.label_alt_id_1 
_pdbx_validate_rmsd_angle.auth_atom_id_2 
_pdbx_validate_rmsd_angle.auth_asym_id_2 
_pdbx_validate_rmsd_angle.auth_comp_id_2 
_pdbx_validate_rmsd_angle.auth_seq_id_2 
_pdbx_validate_rmsd_angle.PDB_ins_code_2 
_pdbx_validate_rmsd_angle.label_alt_id_2 
_pdbx_validate_rmsd_angle.auth_atom_id_3 
_pdbx_validate_rmsd_angle.auth_asym_id_3 
_pdbx_validate_rmsd_angle.auth_comp_id_3 
_pdbx_validate_rmsd_angle.auth_seq_id_3 
_pdbx_validate_rmsd_angle.PDB_ins_code_3 
_pdbx_validate_rmsd_angle.label_alt_id_3 
_pdbx_validate_rmsd_angle.angle_value 
_pdbx_validate_rmsd_angle.angle_target_value 
_pdbx_validate_rmsd_angle.angle_deviation 
_pdbx_validate_rmsd_angle.angle_standard_deviation 
_pdbx_validate_rmsd_angle.linker_flag 
1  1 CB  A VAL 10  ? ? CA  A VAL 10  ? ? C   A VAL 10  ? ? 99.26  111.40 -12.14 1.90 N 
2  1 CG  A GLN 12  ? ? CD  A GLN 12  ? ? NE2 A GLN 12  ? ? 98.33  116.70 -18.37 2.40 N 
3  1 NE  A ARG 28  ? ? CZ  A ARG 28  ? ? NH2 A ARG 28  ? ? 115.91 120.30 -4.39  0.50 N 
4  1 CG  A GLU 30  ? ? CD  A GLU 30  ? ? OE1 A GLU 30  ? ? 131.85 118.30 13.55  2.00 N 
5  1 CD  A ARG 32  ? ? NE  A ARG 32  ? ? CZ  A ARG 32  ? ? 136.14 123.60 12.54  1.40 N 
6  1 NE  A ARG 32  ? ? CZ  A ARG 32  ? ? NH1 A ARG 32  ? ? 123.96 120.30 3.66   0.50 N 
7  1 NE  A ARG 32  ? ? CZ  A ARG 32  ? ? NH2 A ARG 32  ? ? 117.24 120.30 -3.06  0.50 N 
8  1 CB  A TYR 33  ? ? CG  A TYR 33  ? ? CD1 A TYR 33  ? ? 125.86 121.00 4.86   0.60 N 
9  1 CB  A GLN 35  ? ? CG  A GLN 35  ? ? CD  A GLN 35  ? ? 130.57 111.60 18.97  2.60 N 
10 1 CG  A GLN 35  ? ? CD  A GLN 35  ? ? OE1 A GLN 35  ? ? 136.74 121.60 15.14  2.00 N 
11 1 OE1 A GLU 44  ? ? CD  A GLU 44  ? ? OE2 A GLU 44  ? ? 132.70 123.30 9.39   1.20 N 
12 1 CA  A LYS 68  ? ? CB  A LYS 68  ? ? CG  A LYS 68  ? ? 132.79 113.40 19.39  2.20 N 
13 1 NE  A ARG 70  ? ? CZ  A ARG 70  ? ? NH1 A ARG 70  ? ? 126.27 120.30 5.97   0.50 N 
14 1 NE  A ARG 70  ? ? CZ  A ARG 70  ? ? NH2 A ARG 70  ? ? 110.20 120.30 -10.10 0.50 N 
15 1 CG  A GLU 78  ? ? CD  A GLU 78  ? ? OE1 A GLU 78  ? ? 135.29 118.30 16.99  2.00 N 
16 1 CG  A GLU 78  ? ? CD  A GLU 78  ? ? OE2 A GLU 78  ? ? 104.75 118.30 -13.55 2.00 N 
17 1 CE1 A HIS 87  ? ? NE2 A HIS 87  ? ? CD2 A HIS 87  ? ? 113.59 109.00 4.59   0.70 N 
18 1 CA  A HIS 87  ? ? C   A HIS 87  ? ? O   A HIS 87  ? ? 107.04 120.10 -13.06 2.10 N 
19 1 O   A PHE 88  ? ? C   A PHE 88  ? ? N   A LEU 89  ? ? 133.69 122.70 10.99  1.60 Y 
20 1 N   A SER 90  ? ? CA  A SER 90  ? ? CB  A SER 90  ? ? 124.15 110.50 13.65  1.50 N 
21 1 NE  A ARG 91  ? ? CZ  A ARG 91  ? ? NH2 A ARG 91  ? ? 115.74 120.30 -4.56  0.50 N 
22 1 N   A ASN 107 ? ? CA  A ASN 107 ? ? CB  A ASN 107 ? ? 98.79  110.60 -11.81 1.80 N 
23 1 CB  A ASP 110 ? ? CG  A ASP 110 ? ? OD1 A ASP 110 ? ? 127.10 118.30 8.80   0.90 N 
24 1 O   A SER 119 ? ? C   A SER 119 ? ? N   A VAL 120 ? ? 132.39 122.70 9.69   1.60 Y 
25 1 OE1 A GLU 123 ? ? CD  A GLU 123 ? ? OE2 A GLU 123 ? ? 134.92 123.30 11.62  1.20 N 
26 1 NE  A ARG 137 ? ? CZ  A ARG 137 ? ? NH1 A ARG 137 ? ? 115.01 120.30 -5.29  0.50 N 
27 1 NE  A ARG 137 ? ? CZ  A ARG 137 ? ? NH2 A ARG 137 ? ? 126.42 120.30 6.12   0.50 N 
28 1 N   A GLN 140 ? ? CA  A GLN 140 ? ? CB  A GLN 140 ? ? 122.46 110.60 11.86  1.80 N 
29 1 CA  A GLU 143 ? ? CB  A GLU 143 ? ? CG  A GLU 143 ? ? 127.63 113.40 14.23  2.20 N 
30 1 CB  A ASP 145 ? ? CG  A ASP 145 ? ? OD1 A ASP 145 ? ? 126.33 118.30 8.03   0.90 N 
31 1 OE1 A GLU 161 ? ? CD  A GLU 161 ? ? OE2 A GLU 161 ? ? 131.32 123.30 8.02   1.20 N 
32 1 CG  A GLU 161 ? ? CD  A GLU 161 ? ? OE2 A GLU 161 ? ? 105.42 118.30 -12.88 2.00 N 
33 1 CB  A TYR 162 ? ? CG  A TYR 162 ? ? CD2 A TYR 162 ? ? 125.45 121.00 4.45   0.60 N 
34 1 CB  A TYR 162 ? ? CG  A TYR 162 ? ? CD1 A TYR 162 ? ? 114.39 121.00 -6.61  0.60 N 
35 1 CB  A ASP 168 ? ? CG  A ASP 168 ? ? OD1 A ASP 168 ? ? 108.02 118.30 -10.28 0.90 N 
36 1 OE1 A GLU 172 ? ? CD  A GLU 172 ? ? OE2 A GLU 172 ? ? 135.36 123.30 12.06  1.20 N 
37 1 CG  A GLU 172 ? ? CD  A GLU 172 ? ? OE2 A GLU 172 ? ? 103.21 118.30 -15.09 2.00 N 
38 1 CB  A ASP 186 ? ? CG  A ASP 186 ? ? OD2 A ASP 186 ? ? 111.76 118.30 -6.54  0.90 N 
# 
loop_
_pdbx_validate_torsion.id 
_pdbx_validate_torsion.PDB_model_num 
_pdbx_validate_torsion.auth_comp_id 
_pdbx_validate_torsion.auth_asym_id 
_pdbx_validate_torsion.auth_seq_id 
_pdbx_validate_torsion.PDB_ins_code 
_pdbx_validate_torsion.label_alt_id 
_pdbx_validate_torsion.phi 
_pdbx_validate_torsion.psi 
1 1 SER A 42  ? ? -82.91  31.68   
2 1 GLU A 104 ? ? -58.94  -86.82  
3 1 ASP A 110 ? ? -94.31  -101.55 
4 1 MET A 139 ? ? -69.75  44.40   
5 1 ASN A 185 ? ? -160.15 97.73   
# 
_pdbx_validate_chiral.id              1 
_pdbx_validate_chiral.PDB_model_num   1 
_pdbx_validate_chiral.auth_atom_id    "N9'" 
_pdbx_validate_chiral.label_alt_id    ? 
_pdbx_validate_chiral.auth_asym_id    A 
_pdbx_validate_chiral.auth_comp_id    CO4 
_pdbx_validate_chiral.auth_seq_id     301 
_pdbx_validate_chiral.PDB_ins_code    ? 
_pdbx_validate_chiral.details         PLANAR 
_pdbx_validate_chiral.omega           . 
# 
loop_
_chem_comp_atom.comp_id 
_chem_comp_atom.atom_id 
_chem_comp_atom.type_symbol 
_chem_comp_atom.pdbx_aromatic_flag 
_chem_comp_atom.pdbx_stereo_config 
_chem_comp_atom.pdbx_ordinal 
ALA N      N N N 1   
ALA CA     C N S 2   
ALA C      C N N 3   
ALA O      O N N 4   
ALA CB     C N N 5   
ALA OXT    O N N 6   
ALA H      H N N 7   
ALA H2     H N N 8   
ALA HA     H N N 9   
ALA HB1    H N N 10  
ALA HB2    H N N 11  
ALA HB3    H N N 12  
ALA HXT    H N N 13  
ARG N      N N N 14  
ARG CA     C N S 15  
ARG C      C N N 16  
ARG O      O N N 17  
ARG CB     C N N 18  
ARG CG     C N N 19  
ARG CD     C N N 20  
ARG NE     N N N 21  
ARG CZ     C N N 22  
ARG NH1    N N N 23  
ARG NH2    N N N 24  
ARG OXT    O N N 25  
ARG H      H N N 26  
ARG H2     H N N 27  
ARG HA     H N N 28  
ARG HB2    H N N 29  
ARG HB3    H N N 30  
ARG HG2    H N N 31  
ARG HG3    H N N 32  
ARG HD2    H N N 33  
ARG HD3    H N N 34  
ARG HE     H N N 35  
ARG HH11   H N N 36  
ARG HH12   H N N 37  
ARG HH21   H N N 38  
ARG HH22   H N N 39  
ARG HXT    H N N 40  
ASN N      N N N 41  
ASN CA     C N S 42  
ASN C      C N N 43  
ASN O      O N N 44  
ASN CB     C N N 45  
ASN CG     C N N 46  
ASN OD1    O N N 47  
ASN ND2    N N N 48  
ASN OXT    O N N 49  
ASN H      H N N 50  
ASN H2     H N N 51  
ASN HA     H N N 52  
ASN HB2    H N N 53  
ASN HB3    H N N 54  
ASN HD21   H N N 55  
ASN HD22   H N N 56  
ASN HXT    H N N 57  
ASP N      N N N 58  
ASP CA     C N S 59  
ASP C      C N N 60  
ASP O      O N N 61  
ASP CB     C N N 62  
ASP CG     C N N 63  
ASP OD1    O N N 64  
ASP OD2    O N N 65  
ASP OXT    O N N 66  
ASP H      H N N 67  
ASP H2     H N N 68  
ASP HA     H N N 69  
ASP HB2    H N N 70  
ASP HB3    H N N 71  
ASP HD2    H N N 72  
ASP HXT    H N N 73  
CO4 "N2'"  N N N 74  
CO4 C2D    C Y N 75  
CO4 "N3'"  N Y N 76  
CO4 C4D    C Y N 77  
CO4 "N4'"  N N N 78  
CO4 C4A    C Y N 79  
CO4 C5D    C Y N 80  
CO4 C6D    C Y N 81  
CO4 "C7'"  C Y N 82  
CO4 "N8'"  N Y N 83  
CO4 C8A    C Y N 84  
CO4 "N1'"  N Y N 85  
CO4 "C8'"  C N N 86  
CO4 "N9'"  N N R 87  
CO4 "C1'"  C Y N 88  
CO4 "C6'"  C Y N 89  
CO4 "C5'"  C Y N 90  
CO4 "O5'"  O N N 91  
CO4 C5B    C N N 92  
CO4 "C4'"  C Y N 93  
CO4 "O4'"  O N N 94  
CO4 C4B    C N N 95  
CO4 "C3'"  C Y N 96  
CO4 "O3'"  O N N 97  
CO4 C3B    C N N 98  
CO4 "C2'"  C Y N 99  
CO4 "C9'"  C N N 100 
CO4 C51    C N N 101 
CO4 "H2'1" H N N 102 
CO4 "H2'2" H N N 103 
CO4 "H4'1" H N N 104 
CO4 "H4'2" H N N 105 
CO4 "H7'"  H N N 106 
CO4 "H8'1" H N N 107 
CO4 "H8'2" H N N 108 
CO4 "H6'"  H N N 109 
CO4 H5B1   H N N 110 
CO4 H5B2   H N N 111 
CO4 H5B3   H N N 112 
CO4 H4B1   H N N 113 
CO4 H4B2   H N N 114 
CO4 H4B3   H N N 115 
CO4 H3B1   H N N 116 
CO4 H3B2   H N N 117 
CO4 H3B3   H N N 118 
CO4 "H2'"  H N N 119 
CO4 "H9'1" H N N 120 
CO4 "H9'2" H N N 121 
CO4 "H9'3" H N N 122 
CO4 H511   H N N 123 
CO4 H512   H N N 124 
CO4 H513   H N N 125 
CYS N      N N N 126 
CYS CA     C N R 127 
CYS C      C N N 128 
CYS O      O N N 129 
CYS CB     C N N 130 
CYS SG     S N N 131 
CYS OXT    O N N 132 
CYS H      H N N 133 
CYS H2     H N N 134 
CYS HA     H N N 135 
CYS HB2    H N N 136 
CYS HB3    H N N 137 
CYS HG     H N N 138 
CYS HXT    H N N 139 
GLN N      N N N 140 
GLN CA     C N S 141 
GLN C      C N N 142 
GLN O      O N N 143 
GLN CB     C N N 144 
GLN CG     C N N 145 
GLN CD     C N N 146 
GLN OE1    O N N 147 
GLN NE2    N N N 148 
GLN OXT    O N N 149 
GLN H      H N N 150 
GLN H2     H N N 151 
GLN HA     H N N 152 
GLN HB2    H N N 153 
GLN HB3    H N N 154 
GLN HG2    H N N 155 
GLN HG3    H N N 156 
GLN HE21   H N N 157 
GLN HE22   H N N 158 
GLN HXT    H N N 159 
GLU N      N N N 160 
GLU CA     C N S 161 
GLU C      C N N 162 
GLU O      O N N 163 
GLU CB     C N N 164 
GLU CG     C N N 165 
GLU CD     C N N 166 
GLU OE1    O N N 167 
GLU OE2    O N N 168 
GLU OXT    O N N 169 
GLU H      H N N 170 
GLU H2     H N N 171 
GLU HA     H N N 172 
GLU HB2    H N N 173 
GLU HB3    H N N 174 
GLU HG2    H N N 175 
GLU HG3    H N N 176 
GLU HE2    H N N 177 
GLU HXT    H N N 178 
GLY N      N N N 179 
GLY CA     C N N 180 
GLY C      C N N 181 
GLY O      O N N 182 
GLY OXT    O N N 183 
GLY H      H N N 184 
GLY H2     H N N 185 
GLY HA2    H N N 186 
GLY HA3    H N N 187 
GLY HXT    H N N 188 
HIS N      N N N 189 
HIS CA     C N S 190 
HIS C      C N N 191 
HIS O      O N N 192 
HIS CB     C N N 193 
HIS CG     C Y N 194 
HIS ND1    N Y N 195 
HIS CD2    C Y N 196 
HIS CE1    C Y N 197 
HIS NE2    N Y N 198 
HIS OXT    O N N 199 
HIS H      H N N 200 
HIS H2     H N N 201 
HIS HA     H N N 202 
HIS HB2    H N N 203 
HIS HB3    H N N 204 
HIS HD1    H N N 205 
HIS HD2    H N N 206 
HIS HE1    H N N 207 
HIS HE2    H N N 208 
HIS HXT    H N N 209 
HOH O      O N N 210 
HOH H1     H N N 211 
HOH H2     H N N 212 
ILE N      N N N 213 
ILE CA     C N S 214 
ILE C      C N N 215 
ILE O      O N N 216 
ILE CB     C N S 217 
ILE CG1    C N N 218 
ILE CG2    C N N 219 
ILE CD1    C N N 220 
ILE OXT    O N N 221 
ILE H      H N N 222 
ILE H2     H N N 223 
ILE HA     H N N 224 
ILE HB     H N N 225 
ILE HG12   H N N 226 
ILE HG13   H N N 227 
ILE HG21   H N N 228 
ILE HG22   H N N 229 
ILE HG23   H N N 230 
ILE HD11   H N N 231 
ILE HD12   H N N 232 
ILE HD13   H N N 233 
ILE HXT    H N N 234 
LEU N      N N N 235 
LEU CA     C N S 236 
LEU C      C N N 237 
LEU O      O N N 238 
LEU CB     C N N 239 
LEU CG     C N N 240 
LEU CD1    C N N 241 
LEU CD2    C N N 242 
LEU OXT    O N N 243 
LEU H      H N N 244 
LEU H2     H N N 245 
LEU HA     H N N 246 
LEU HB2    H N N 247 
LEU HB3    H N N 248 
LEU HG     H N N 249 
LEU HD11   H N N 250 
LEU HD12   H N N 251 
LEU HD13   H N N 252 
LEU HD21   H N N 253 
LEU HD22   H N N 254 
LEU HD23   H N N 255 
LEU HXT    H N N 256 
LYS N      N N N 257 
LYS CA     C N S 258 
LYS C      C N N 259 
LYS O      O N N 260 
LYS CB     C N N 261 
LYS CG     C N N 262 
LYS CD     C N N 263 
LYS CE     C N N 264 
LYS NZ     N N N 265 
LYS OXT    O N N 266 
LYS H      H N N 267 
LYS H2     H N N 268 
LYS HA     H N N 269 
LYS HB2    H N N 270 
LYS HB3    H N N 271 
LYS HG2    H N N 272 
LYS HG3    H N N 273 
LYS HD2    H N N 274 
LYS HD3    H N N 275 
LYS HE2    H N N 276 
LYS HE3    H N N 277 
LYS HZ1    H N N 278 
LYS HZ2    H N N 279 
LYS HZ3    H N N 280 
LYS HXT    H N N 281 
MET N      N N N 282 
MET CA     C N S 283 
MET C      C N N 284 
MET O      O N N 285 
MET CB     C N N 286 
MET CG     C N N 287 
MET SD     S N N 288 
MET CE     C N N 289 
MET OXT    O N N 290 
MET H      H N N 291 
MET H2     H N N 292 
MET HA     H N N 293 
MET HB2    H N N 294 
MET HB3    H N N 295 
MET HG2    H N N 296 
MET HG3    H N N 297 
MET HE1    H N N 298 
MET HE2    H N N 299 
MET HE3    H N N 300 
MET HXT    H N N 301 
NDP PA     P N S 302 
NDP O1A    O N N 303 
NDP O2A    O N N 304 
NDP O5B    O N N 305 
NDP C5B    C N N 306 
NDP C4B    C N R 307 
NDP O4B    O N N 308 
NDP C3B    C N R 309 
NDP O3B    O N N 310 
NDP C2B    C N R 311 
NDP O2B    O N N 312 
NDP C1B    C N R 313 
NDP N9A    N Y N 314 
NDP C8A    C Y N 315 
NDP N7A    N Y N 316 
NDP C5A    C Y N 317 
NDP C6A    C Y N 318 
NDP N6A    N N N 319 
NDP N1A    N Y N 320 
NDP C2A    C Y N 321 
NDP N3A    N Y N 322 
NDP C4A    C Y N 323 
NDP O3     O N N 324 
NDP PN     P N S 325 
NDP O1N    O N N 326 
NDP O2N    O N N 327 
NDP O5D    O N N 328 
NDP C5D    C N N 329 
NDP C4D    C N R 330 
NDP O4D    O N N 331 
NDP C3D    C N S 332 
NDP O3D    O N N 333 
NDP C2D    C N R 334 
NDP O2D    O N N 335 
NDP C1D    C N R 336 
NDP N1N    N N N 337 
NDP C2N    C N N 338 
NDP C3N    C N N 339 
NDP C7N    C N N 340 
NDP O7N    O N N 341 
NDP N7N    N N N 342 
NDP C4N    C N N 343 
NDP C5N    C N N 344 
NDP C6N    C N N 345 
NDP P2B    P N N 346 
NDP O1X    O N N 347 
NDP O2X    O N N 348 
NDP O3X    O N N 349 
NDP HOA2   H N N 350 
NDP H51A   H N N 351 
NDP H52A   H N N 352 
NDP H4B    H N N 353 
NDP H3B    H N N 354 
NDP HO3A   H N N 355 
NDP H2B    H N N 356 
NDP H1B    H N N 357 
NDP H8A    H N N 358 
NDP H61A   H N N 359 
NDP H62A   H N N 360 
NDP H2A    H N N 361 
NDP H21N   H N N 362 
NDP H51N   H N N 363 
NDP H52N   H N N 364 
NDP H4D    H N N 365 
NDP H3D    H N N 366 
NDP HO3N   H N N 367 
NDP H2D    H N N 368 
NDP HO2N   H N N 369 
NDP H1D    H N N 370 
NDP H2N    H N N 371 
NDP H71N   H N N 372 
NDP H72N   H N N 373 
NDP H41N   H N N 374 
NDP H42N   H N N 375 
NDP H5N    H N N 376 
NDP H6N    H N N 377 
NDP HOP2   H N N 378 
NDP HOP3   H N N 379 
PHE N      N N N 380 
PHE CA     C N S 381 
PHE C      C N N 382 
PHE O      O N N 383 
PHE CB     C N N 384 
PHE CG     C Y N 385 
PHE CD1    C Y N 386 
PHE CD2    C Y N 387 
PHE CE1    C Y N 388 
PHE CE2    C Y N 389 
PHE CZ     C Y N 390 
PHE OXT    O N N 391 
PHE H      H N N 392 
PHE H2     H N N 393 
PHE HA     H N N 394 
PHE HB2    H N N 395 
PHE HB3    H N N 396 
PHE HD1    H N N 397 
PHE HD2    H N N 398 
PHE HE1    H N N 399 
PHE HE2    H N N 400 
PHE HZ     H N N 401 
PHE HXT    H N N 402 
PRO N      N N N 403 
PRO CA     C N S 404 
PRO C      C N N 405 
PRO O      O N N 406 
PRO CB     C N N 407 
PRO CG     C N N 408 
PRO CD     C N N 409 
PRO OXT    O N N 410 
PRO H      H N N 411 
PRO HA     H N N 412 
PRO HB2    H N N 413 
PRO HB3    H N N 414 
PRO HG2    H N N 415 
PRO HG3    H N N 416 
PRO HD2    H N N 417 
PRO HD3    H N N 418 
PRO HXT    H N N 419 
SER N      N N N 420 
SER CA     C N S 421 
SER C      C N N 422 
SER O      O N N 423 
SER CB     C N N 424 
SER OG     O N N 425 
SER OXT    O N N 426 
SER H      H N N 427 
SER H2     H N N 428 
SER HA     H N N 429 
SER HB2    H N N 430 
SER HB3    H N N 431 
SER HG     H N N 432 
SER HXT    H N N 433 
THR N      N N N 434 
THR CA     C N S 435 
THR C      C N N 436 
THR O      O N N 437 
THR CB     C N R 438 
THR OG1    O N N 439 
THR CG2    C N N 440 
THR OXT    O N N 441 
THR H      H N N 442 
THR H2     H N N 443 
THR HA     H N N 444 
THR HB     H N N 445 
THR HG1    H N N 446 
THR HG21   H N N 447 
THR HG22   H N N 448 
THR HG23   H N N 449 
THR HXT    H N N 450 
TRP N      N N N 451 
TRP CA     C N S 452 
TRP C      C N N 453 
TRP O      O N N 454 
TRP CB     C N N 455 
TRP CG     C Y N 456 
TRP CD1    C Y N 457 
TRP CD2    C Y N 458 
TRP NE1    N Y N 459 
TRP CE2    C Y N 460 
TRP CE3    C Y N 461 
TRP CZ2    C Y N 462 
TRP CZ3    C Y N 463 
TRP CH2    C Y N 464 
TRP OXT    O N N 465 
TRP H      H N N 466 
TRP H2     H N N 467 
TRP HA     H N N 468 
TRP HB2    H N N 469 
TRP HB3    H N N 470 
TRP HD1    H N N 471 
TRP HE1    H N N 472 
TRP HE3    H N N 473 
TRP HZ2    H N N 474 
TRP HZ3    H N N 475 
TRP HH2    H N N 476 
TRP HXT    H N N 477 
TYR N      N N N 478 
TYR CA     C N S 479 
TYR C      C N N 480 
TYR O      O N N 481 
TYR CB     C N N 482 
TYR CG     C Y N 483 
TYR CD1    C Y N 484 
TYR CD2    C Y N 485 
TYR CE1    C Y N 486 
TYR CE2    C Y N 487 
TYR CZ     C Y N 488 
TYR OH     O N N 489 
TYR OXT    O N N 490 
TYR H      H N N 491 
TYR H2     H N N 492 
TYR HA     H N N 493 
TYR HB2    H N N 494 
TYR HB3    H N N 495 
TYR HD1    H N N 496 
TYR HD2    H N N 497 
TYR HE1    H N N 498 
TYR HE2    H N N 499 
TYR HH     H N N 500 
TYR HXT    H N N 501 
VAL N      N N N 502 
VAL CA     C N S 503 
VAL C      C N N 504 
VAL O      O N N 505 
VAL CB     C N N 506 
VAL CG1    C N N 507 
VAL CG2    C N N 508 
VAL OXT    O N N 509 
VAL H      H N N 510 
VAL H2     H N N 511 
VAL HA     H N N 512 
VAL HB     H N N 513 
VAL HG11   H N N 514 
VAL HG12   H N N 515 
VAL HG13   H N N 516 
VAL HG21   H N N 517 
VAL HG22   H N N 518 
VAL HG23   H N N 519 
VAL HXT    H N N 520 
# 
loop_
_chem_comp_bond.comp_id 
_chem_comp_bond.atom_id_1 
_chem_comp_bond.atom_id_2 
_chem_comp_bond.value_order 
_chem_comp_bond.pdbx_aromatic_flag 
_chem_comp_bond.pdbx_stereo_config 
_chem_comp_bond.pdbx_ordinal 
ALA N     CA     sing N N 1   
ALA N     H      sing N N 2   
ALA N     H2     sing N N 3   
ALA CA    C      sing N N 4   
ALA CA    CB     sing N N 5   
ALA CA    HA     sing N N 6   
ALA C     O      doub N N 7   
ALA C     OXT    sing N N 8   
ALA CB    HB1    sing N N 9   
ALA CB    HB2    sing N N 10  
ALA CB    HB3    sing N N 11  
ALA OXT   HXT    sing N N 12  
ARG N     CA     sing N N 13  
ARG N     H      sing N N 14  
ARG N     H2     sing N N 15  
ARG CA    C      sing N N 16  
ARG CA    CB     sing N N 17  
ARG CA    HA     sing N N 18  
ARG C     O      doub N N 19  
ARG C     OXT    sing N N 20  
ARG CB    CG     sing N N 21  
ARG CB    HB2    sing N N 22  
ARG CB    HB3    sing N N 23  
ARG CG    CD     sing N N 24  
ARG CG    HG2    sing N N 25  
ARG CG    HG3    sing N N 26  
ARG CD    NE     sing N N 27  
ARG CD    HD2    sing N N 28  
ARG CD    HD3    sing N N 29  
ARG NE    CZ     sing N N 30  
ARG NE    HE     sing N N 31  
ARG CZ    NH1    sing N N 32  
ARG CZ    NH2    doub N N 33  
ARG NH1   HH11   sing N N 34  
ARG NH1   HH12   sing N N 35  
ARG NH2   HH21   sing N N 36  
ARG NH2   HH22   sing N N 37  
ARG OXT   HXT    sing N N 38  
ASN N     CA     sing N N 39  
ASN N     H      sing N N 40  
ASN N     H2     sing N N 41  
ASN CA    C      sing N N 42  
ASN CA    CB     sing N N 43  
ASN CA    HA     sing N N 44  
ASN C     O      doub N N 45  
ASN C     OXT    sing N N 46  
ASN CB    CG     sing N N 47  
ASN CB    HB2    sing N N 48  
ASN CB    HB3    sing N N 49  
ASN CG    OD1    doub N N 50  
ASN CG    ND2    sing N N 51  
ASN ND2   HD21   sing N N 52  
ASN ND2   HD22   sing N N 53  
ASN OXT   HXT    sing N N 54  
ASP N     CA     sing N N 55  
ASP N     H      sing N N 56  
ASP N     H2     sing N N 57  
ASP CA    C      sing N N 58  
ASP CA    CB     sing N N 59  
ASP CA    HA     sing N N 60  
ASP C     O      doub N N 61  
ASP C     OXT    sing N N 62  
ASP CB    CG     sing N N 63  
ASP CB    HB2    sing N N 64  
ASP CB    HB3    sing N N 65  
ASP CG    OD1    doub N N 66  
ASP CG    OD2    sing N N 67  
ASP OD2   HD2    sing N N 68  
ASP OXT   HXT    sing N N 69  
CO4 "N2'" C2D    sing N N 70  
CO4 "N2'" "H2'1" sing N N 71  
CO4 "N2'" "H2'2" sing N N 72  
CO4 C2D   "N3'"  doub Y N 73  
CO4 C2D   "N1'"  sing Y N 74  
CO4 "N3'" C4D    sing Y N 75  
CO4 C4D   "N4'"  sing N N 76  
CO4 C4D   C4A    doub Y N 77  
CO4 "N4'" "H4'1" sing N N 78  
CO4 "N4'" "H4'2" sing N N 79  
CO4 C4A   C5D    sing Y N 80  
CO4 C4A   C8A    sing Y N 81  
CO4 C5D   C6D    doub Y N 82  
CO4 C5D   C51    sing N N 83  
CO4 C6D   "C7'"  sing Y N 84  
CO4 C6D   "C8'"  sing N N 85  
CO4 "C7'" "N8'"  doub Y N 86  
CO4 "C7'" "H7'"  sing N N 87  
CO4 "N8'" C8A    sing Y N 88  
CO4 C8A   "N1'"  doub Y N 89  
CO4 "C8'" "N9'"  sing N N 90  
CO4 "C8'" "H8'1" sing N N 91  
CO4 "C8'" "H8'2" sing N N 92  
CO4 "N9'" "C1'"  sing N N 93  
CO4 "N9'" "C9'"  sing N N 94  
CO4 "C1'" "C6'"  doub Y N 95  
CO4 "C1'" "C2'"  sing Y N 96  
CO4 "C6'" "C5'"  sing Y N 97  
CO4 "C6'" "H6'"  sing N N 98  
CO4 "C5'" "O5'"  sing N N 99  
CO4 "C5'" "C4'"  doub Y N 100 
CO4 "O5'" C5B    sing N N 101 
CO4 C5B   H5B1   sing N N 102 
CO4 C5B   H5B2   sing N N 103 
CO4 C5B   H5B3   sing N N 104 
CO4 "C4'" "O4'"  sing N N 105 
CO4 "C4'" "C3'"  sing Y N 106 
CO4 "O4'" C4B    sing N N 107 
CO4 C4B   H4B1   sing N N 108 
CO4 C4B   H4B2   sing N N 109 
CO4 C4B   H4B3   sing N N 110 
CO4 "C3'" "O3'"  sing N N 111 
CO4 "C3'" "C2'"  doub Y N 112 
CO4 "O3'" C3B    sing N N 113 
CO4 C3B   H3B1   sing N N 114 
CO4 C3B   H3B2   sing N N 115 
CO4 C3B   H3B3   sing N N 116 
CO4 "C2'" "H2'"  sing N N 117 
CO4 "C9'" "H9'1" sing N N 118 
CO4 "C9'" "H9'2" sing N N 119 
CO4 "C9'" "H9'3" sing N N 120 
CO4 C51   H511   sing N N 121 
CO4 C51   H512   sing N N 122 
CO4 C51   H513   sing N N 123 
CYS N     CA     sing N N 124 
CYS N     H      sing N N 125 
CYS N     H2     sing N N 126 
CYS CA    C      sing N N 127 
CYS CA    CB     sing N N 128 
CYS CA    HA     sing N N 129 
CYS C     O      doub N N 130 
CYS C     OXT    sing N N 131 
CYS CB    SG     sing N N 132 
CYS CB    HB2    sing N N 133 
CYS CB    HB3    sing N N 134 
CYS SG    HG     sing N N 135 
CYS OXT   HXT    sing N N 136 
GLN N     CA     sing N N 137 
GLN N     H      sing N N 138 
GLN N     H2     sing N N 139 
GLN CA    C      sing N N 140 
GLN CA    CB     sing N N 141 
GLN CA    HA     sing N N 142 
GLN C     O      doub N N 143 
GLN C     OXT    sing N N 144 
GLN CB    CG     sing N N 145 
GLN CB    HB2    sing N N 146 
GLN CB    HB3    sing N N 147 
GLN CG    CD     sing N N 148 
GLN CG    HG2    sing N N 149 
GLN CG    HG3    sing N N 150 
GLN CD    OE1    doub N N 151 
GLN CD    NE2    sing N N 152 
GLN NE2   HE21   sing N N 153 
GLN NE2   HE22   sing N N 154 
GLN OXT   HXT    sing N N 155 
GLU N     CA     sing N N 156 
GLU N     H      sing N N 157 
GLU N     H2     sing N N 158 
GLU CA    C      sing N N 159 
GLU CA    CB     sing N N 160 
GLU CA    HA     sing N N 161 
GLU C     O      doub N N 162 
GLU C     OXT    sing N N 163 
GLU CB    CG     sing N N 164 
GLU CB    HB2    sing N N 165 
GLU CB    HB3    sing N N 166 
GLU CG    CD     sing N N 167 
GLU CG    HG2    sing N N 168 
GLU CG    HG3    sing N N 169 
GLU CD    OE1    doub N N 170 
GLU CD    OE2    sing N N 171 
GLU OE2   HE2    sing N N 172 
GLU OXT   HXT    sing N N 173 
GLY N     CA     sing N N 174 
GLY N     H      sing N N 175 
GLY N     H2     sing N N 176 
GLY CA    C      sing N N 177 
GLY CA    HA2    sing N N 178 
GLY CA    HA3    sing N N 179 
GLY C     O      doub N N 180 
GLY C     OXT    sing N N 181 
GLY OXT   HXT    sing N N 182 
HIS N     CA     sing N N 183 
HIS N     H      sing N N 184 
HIS N     H2     sing N N 185 
HIS CA    C      sing N N 186 
HIS CA    CB     sing N N 187 
HIS CA    HA     sing N N 188 
HIS C     O      doub N N 189 
HIS C     OXT    sing N N 190 
HIS CB    CG     sing N N 191 
HIS CB    HB2    sing N N 192 
HIS CB    HB3    sing N N 193 
HIS CG    ND1    sing Y N 194 
HIS CG    CD2    doub Y N 195 
HIS ND1   CE1    doub Y N 196 
HIS ND1   HD1    sing N N 197 
HIS CD2   NE2    sing Y N 198 
HIS CD2   HD2    sing N N 199 
HIS CE1   NE2    sing Y N 200 
HIS CE1   HE1    sing N N 201 
HIS NE2   HE2    sing N N 202 
HIS OXT   HXT    sing N N 203 
HOH O     H1     sing N N 204 
HOH O     H2     sing N N 205 
ILE N     CA     sing N N 206 
ILE N     H      sing N N 207 
ILE N     H2     sing N N 208 
ILE CA    C      sing N N 209 
ILE CA    CB     sing N N 210 
ILE CA    HA     sing N N 211 
ILE C     O      doub N N 212 
ILE C     OXT    sing N N 213 
ILE CB    CG1    sing N N 214 
ILE CB    CG2    sing N N 215 
ILE CB    HB     sing N N 216 
ILE CG1   CD1    sing N N 217 
ILE CG1   HG12   sing N N 218 
ILE CG1   HG13   sing N N 219 
ILE CG2   HG21   sing N N 220 
ILE CG2   HG22   sing N N 221 
ILE CG2   HG23   sing N N 222 
ILE CD1   HD11   sing N N 223 
ILE CD1   HD12   sing N N 224 
ILE CD1   HD13   sing N N 225 
ILE OXT   HXT    sing N N 226 
LEU N     CA     sing N N 227 
LEU N     H      sing N N 228 
LEU N     H2     sing N N 229 
LEU CA    C      sing N N 230 
LEU CA    CB     sing N N 231 
LEU CA    HA     sing N N 232 
LEU C     O      doub N N 233 
LEU C     OXT    sing N N 234 
LEU CB    CG     sing N N 235 
LEU CB    HB2    sing N N 236 
LEU CB    HB3    sing N N 237 
LEU CG    CD1    sing N N 238 
LEU CG    CD2    sing N N 239 
LEU CG    HG     sing N N 240 
LEU CD1   HD11   sing N N 241 
LEU CD1   HD12   sing N N 242 
LEU CD1   HD13   sing N N 243 
LEU CD2   HD21   sing N N 244 
LEU CD2   HD22   sing N N 245 
LEU CD2   HD23   sing N N 246 
LEU OXT   HXT    sing N N 247 
LYS N     CA     sing N N 248 
LYS N     H      sing N N 249 
LYS N     H2     sing N N 250 
LYS CA    C      sing N N 251 
LYS CA    CB     sing N N 252 
LYS CA    HA     sing N N 253 
LYS C     O      doub N N 254 
LYS C     OXT    sing N N 255 
LYS CB    CG     sing N N 256 
LYS CB    HB2    sing N N 257 
LYS CB    HB3    sing N N 258 
LYS CG    CD     sing N N 259 
LYS CG    HG2    sing N N 260 
LYS CG    HG3    sing N N 261 
LYS CD    CE     sing N N 262 
LYS CD    HD2    sing N N 263 
LYS CD    HD3    sing N N 264 
LYS CE    NZ     sing N N 265 
LYS CE    HE2    sing N N 266 
LYS CE    HE3    sing N N 267 
LYS NZ    HZ1    sing N N 268 
LYS NZ    HZ2    sing N N 269 
LYS NZ    HZ3    sing N N 270 
LYS OXT   HXT    sing N N 271 
MET N     CA     sing N N 272 
MET N     H      sing N N 273 
MET N     H2     sing N N 274 
MET CA    C      sing N N 275 
MET CA    CB     sing N N 276 
MET CA    HA     sing N N 277 
MET C     O      doub N N 278 
MET C     OXT    sing N N 279 
MET CB    CG     sing N N 280 
MET CB    HB2    sing N N 281 
MET CB    HB3    sing N N 282 
MET CG    SD     sing N N 283 
MET CG    HG2    sing N N 284 
MET CG    HG3    sing N N 285 
MET SD    CE     sing N N 286 
MET CE    HE1    sing N N 287 
MET CE    HE2    sing N N 288 
MET CE    HE3    sing N N 289 
MET OXT   HXT    sing N N 290 
NDP PA    O1A    doub N N 291 
NDP PA    O2A    sing N N 292 
NDP PA    O5B    sing N N 293 
NDP PA    O3     sing N N 294 
NDP O2A   HOA2   sing N N 295 
NDP O5B   C5B    sing N N 296 
NDP C5B   C4B    sing N N 297 
NDP C5B   H51A   sing N N 298 
NDP C5B   H52A   sing N N 299 
NDP C4B   O4B    sing N N 300 
NDP C4B   C3B    sing N N 301 
NDP C4B   H4B    sing N N 302 
NDP O4B   C1B    sing N N 303 
NDP C3B   O3B    sing N N 304 
NDP C3B   C2B    sing N N 305 
NDP C3B   H3B    sing N N 306 
NDP O3B   HO3A   sing N N 307 
NDP C2B   O2B    sing N N 308 
NDP C2B   C1B    sing N N 309 
NDP C2B   H2B    sing N N 310 
NDP O2B   P2B    sing N N 311 
NDP C1B   N9A    sing N N 312 
NDP C1B   H1B    sing N N 313 
NDP N9A   C8A    sing Y N 314 
NDP N9A   C4A    sing Y N 315 
NDP C8A   N7A    doub Y N 316 
NDP C8A   H8A    sing N N 317 
NDP N7A   C5A    sing Y N 318 
NDP C5A   C6A    sing Y N 319 
NDP C5A   C4A    doub Y N 320 
NDP C6A   N6A    sing N N 321 
NDP C6A   N1A    doub Y N 322 
NDP N6A   H61A   sing N N 323 
NDP N6A   H62A   sing N N 324 
NDP N1A   C2A    sing Y N 325 
NDP C2A   N3A    doub Y N 326 
NDP C2A   H2A    sing N N 327 
NDP N3A   C4A    sing Y N 328 
NDP O3    PN     sing N N 329 
NDP PN    O1N    doub N N 330 
NDP PN    O2N    sing N N 331 
NDP PN    O5D    sing N N 332 
NDP O2N   H21N   sing N N 333 
NDP O5D   C5D    sing N N 334 
NDP C5D   C4D    sing N N 335 
NDP C5D   H51N   sing N N 336 
NDP C5D   H52N   sing N N 337 
NDP C4D   O4D    sing N N 338 
NDP C4D   C3D    sing N N 339 
NDP C4D   H4D    sing N N 340 
NDP O4D   C1D    sing N N 341 
NDP C3D   O3D    sing N N 342 
NDP C3D   C2D    sing N N 343 
NDP C3D   H3D    sing N N 344 
NDP O3D   HO3N   sing N N 345 
NDP C2D   O2D    sing N N 346 
NDP C2D   C1D    sing N N 347 
NDP C2D   H2D    sing N N 348 
NDP O2D   HO2N   sing N N 349 
NDP C1D   N1N    sing N N 350 
NDP C1D   H1D    sing N N 351 
NDP N1N   C2N    sing N N 352 
NDP N1N   C6N    sing N N 353 
NDP C2N   C3N    doub N N 354 
NDP C2N   H2N    sing N N 355 
NDP C3N   C7N    sing N N 356 
NDP C3N   C4N    sing N N 357 
NDP C7N   O7N    doub N N 358 
NDP C7N   N7N    sing N N 359 
NDP N7N   H71N   sing N N 360 
NDP N7N   H72N   sing N N 361 
NDP C4N   C5N    sing N N 362 
NDP C4N   H41N   sing N N 363 
NDP C4N   H42N   sing N N 364 
NDP C5N   C6N    doub N N 365 
NDP C5N   H5N    sing N N 366 
NDP C6N   H6N    sing N N 367 
NDP P2B   O1X    doub N N 368 
NDP P2B   O2X    sing N N 369 
NDP P2B   O3X    sing N N 370 
NDP O2X   HOP2   sing N N 371 
NDP O3X   HOP3   sing N N 372 
PHE N     CA     sing N N 373 
PHE N     H      sing N N 374 
PHE N     H2     sing N N 375 
PHE CA    C      sing N N 376 
PHE CA    CB     sing N N 377 
PHE CA    HA     sing N N 378 
PHE C     O      doub N N 379 
PHE C     OXT    sing N N 380 
PHE CB    CG     sing N N 381 
PHE CB    HB2    sing N N 382 
PHE CB    HB3    sing N N 383 
PHE CG    CD1    doub Y N 384 
PHE CG    CD2    sing Y N 385 
PHE CD1   CE1    sing Y N 386 
PHE CD1   HD1    sing N N 387 
PHE CD2   CE2    doub Y N 388 
PHE CD2   HD2    sing N N 389 
PHE CE1   CZ     doub Y N 390 
PHE CE1   HE1    sing N N 391 
PHE CE2   CZ     sing Y N 392 
PHE CE2   HE2    sing N N 393 
PHE CZ    HZ     sing N N 394 
PHE OXT   HXT    sing N N 395 
PRO N     CA     sing N N 396 
PRO N     CD     sing N N 397 
PRO N     H      sing N N 398 
PRO CA    C      sing N N 399 
PRO CA    CB     sing N N 400 
PRO CA    HA     sing N N 401 
PRO C     O      doub N N 402 
PRO C     OXT    sing N N 403 
PRO CB    CG     sing N N 404 
PRO CB    HB2    sing N N 405 
PRO CB    HB3    sing N N 406 
PRO CG    CD     sing N N 407 
PRO CG    HG2    sing N N 408 
PRO CG    HG3    sing N N 409 
PRO CD    HD2    sing N N 410 
PRO CD    HD3    sing N N 411 
PRO OXT   HXT    sing N N 412 
SER N     CA     sing N N 413 
SER N     H      sing N N 414 
SER N     H2     sing N N 415 
SER CA    C      sing N N 416 
SER CA    CB     sing N N 417 
SER CA    HA     sing N N 418 
SER C     O      doub N N 419 
SER C     OXT    sing N N 420 
SER CB    OG     sing N N 421 
SER CB    HB2    sing N N 422 
SER CB    HB3    sing N N 423 
SER OG    HG     sing N N 424 
SER OXT   HXT    sing N N 425 
THR N     CA     sing N N 426 
THR N     H      sing N N 427 
THR N     H2     sing N N 428 
THR CA    C      sing N N 429 
THR CA    CB     sing N N 430 
THR CA    HA     sing N N 431 
THR C     O      doub N N 432 
THR C     OXT    sing N N 433 
THR CB    OG1    sing N N 434 
THR CB    CG2    sing N N 435 
THR CB    HB     sing N N 436 
THR OG1   HG1    sing N N 437 
THR CG2   HG21   sing N N 438 
THR CG2   HG22   sing N N 439 
THR CG2   HG23   sing N N 440 
THR OXT   HXT    sing N N 441 
TRP N     CA     sing N N 442 
TRP N     H      sing N N 443 
TRP N     H2     sing N N 444 
TRP CA    C      sing N N 445 
TRP CA    CB     sing N N 446 
TRP CA    HA     sing N N 447 
TRP C     O      doub N N 448 
TRP C     OXT    sing N N 449 
TRP CB    CG     sing N N 450 
TRP CB    HB2    sing N N 451 
TRP CB    HB3    sing N N 452 
TRP CG    CD1    doub Y N 453 
TRP CG    CD2    sing Y N 454 
TRP CD1   NE1    sing Y N 455 
TRP CD1   HD1    sing N N 456 
TRP CD2   CE2    doub Y N 457 
TRP CD2   CE3    sing Y N 458 
TRP NE1   CE2    sing Y N 459 
TRP NE1   HE1    sing N N 460 
TRP CE2   CZ2    sing Y N 461 
TRP CE3   CZ3    doub Y N 462 
TRP CE3   HE3    sing N N 463 
TRP CZ2   CH2    doub Y N 464 
TRP CZ2   HZ2    sing N N 465 
TRP CZ3   CH2    sing Y N 466 
TRP CZ3   HZ3    sing N N 467 
TRP CH2   HH2    sing N N 468 
TRP OXT   HXT    sing N N 469 
TYR N     CA     sing N N 470 
TYR N     H      sing N N 471 
TYR N     H2     sing N N 472 
TYR CA    C      sing N N 473 
TYR CA    CB     sing N N 474 
TYR CA    HA     sing N N 475 
TYR C     O      doub N N 476 
TYR C     OXT    sing N N 477 
TYR CB    CG     sing N N 478 
TYR CB    HB2    sing N N 479 
TYR CB    HB3    sing N N 480 
TYR CG    CD1    doub Y N 481 
TYR CG    CD2    sing Y N 482 
TYR CD1   CE1    sing Y N 483 
TYR CD1   HD1    sing N N 484 
TYR CD2   CE2    doub Y N 485 
TYR CD2   HD2    sing N N 486 
TYR CE1   CZ     doub Y N 487 
TYR CE1   HE1    sing N N 488 
TYR CE2   CZ     sing Y N 489 
TYR CE2   HE2    sing N N 490 
TYR CZ    OH     sing N N 491 
TYR OH    HH     sing N N 492 
TYR OXT   HXT    sing N N 493 
VAL N     CA     sing N N 494 
VAL N     H      sing N N 495 
VAL N     H2     sing N N 496 
VAL CA    C      sing N N 497 
VAL CA    CB     sing N N 498 
VAL CA    HA     sing N N 499 
VAL C     O      doub N N 500 
VAL C     OXT    sing N N 501 
VAL CB    CG1    sing N N 502 
VAL CB    CG2    sing N N 503 
VAL CB    HB     sing N N 504 
VAL CG1   HG11   sing N N 505 
VAL CG1   HG12   sing N N 506 
VAL CG1   HG13   sing N N 507 
VAL CG2   HG21   sing N N 508 
VAL CG2   HG22   sing N N 509 
VAL CG2   HG23   sing N N 510 
VAL OXT   HXT    sing N N 511 
# 
loop_
_pdbx_entity_nonpoly.entity_id 
_pdbx_entity_nonpoly.name 
_pdbx_entity_nonpoly.comp_id 
2 'NADPH DIHYDRO-NICOTINAMIDE-ADENINE-DINUCLEOTIDE PHOSPHATE'                                NDP 
3 '2,4-DIAMINO-5-METHYL-6-[(3,4,5-TRIMETHOXY-N-METHYLANILINO)METHYL]PYRIDO[2,3-D]PYRIMIDINE' CO4 
4 water                                                                                      HOH 
# 
_pdbx_initial_refinement_model.id               1 
_pdbx_initial_refinement_model.entity_id_list   ? 
_pdbx_initial_refinement_model.type             'experimental model' 
_pdbx_initial_refinement_model.source_name      PDB 
_pdbx_initial_refinement_model.accession_code   1HFP 
_pdbx_initial_refinement_model.details          'PDB entry 1HFP' 
# 
